data_6GVB
#
_entry.id   6GVB
#
_cell.length_a   84.180
_cell.length_b   104.370
_cell.length_c   112.750
_cell.angle_alpha   90.00
_cell.angle_beta   90.27
_cell.angle_gamma   90.00
#
_symmetry.space_group_name_H-M   'P 1 21 1'
#
loop_
_entity.id
_entity.type
_entity.pdbx_description
1 polymer exo-beta-1,4-mannosidase
2 non-polymer '3[N-MORPHOLINO]PROPANE SULFONIC ACID'
3 water water
#
_entity_poly.entity_id   1
_entity_poly.type   'polypeptide(L)'
_entity_poly.pdbx_seq_one_letter_code
;MKIGANYTPSQGWFHSWLDLDIDATRRDFEGIAQLGLDHVRLFPLWPLLQPNRGLVRPRALDDVVSVVRAAGEFDLEVTV
DALNGHLSSYDFLPPWVITWHTSNLFTDPLVKAGQTDLISQLATRLREEPNATGMTVGNEFPQYAALAPGHHHPTRSECT
VDDAQTWLETMLGTMRDQWPDGRFWFGFDDDLWFVDDHPFTPRHAVTQGSATTVHSWVFAQVGPRFGEGHPALTWFPRYL
LELARAWSHDPERPLWLQEVGAPRTHVPDSSSAAFMTTTMASLTSTPGLEAITWWCSHDVSRDLLDFPELEYSLGLFTND
GKPKPEALALSDMLPDLHNAQPQHQLDEPLEFSANWDTGAGRSVCSPMGDLFAQWVDQAEQTGRAPRLALRPTPGLTDRE
ALASARAHSAHHHHHH
;
_entity_poly.pdbx_strand_id   A,B,C,D
#
loop_
_chem_comp.id
_chem_comp.type
_chem_comp.name
_chem_comp.formula
MPO non-polymer '3[N-MORPHOLINO]PROPANE SULFONIC ACID' 'C7 H15 N O4 S'
#
# COMPACT_ATOMS: atom_id res chain seq x y z
N MET A 1 -38.99 33.46 -13.73
CA MET A 1 -37.61 33.10 -13.44
C MET A 1 -37.04 34.01 -12.35
N LYS A 2 -35.91 33.62 -11.78
CA LYS A 2 -35.22 34.44 -10.78
C LYS A 2 -34.29 35.45 -11.45
N ILE A 3 -34.14 36.61 -10.82
CA ILE A 3 -33.32 37.70 -11.36
C ILE A 3 -32.39 38.18 -10.25
N GLY A 4 -31.10 38.24 -10.54
CA GLY A 4 -30.14 38.57 -9.50
C GLY A 4 -28.91 39.28 -10.02
N ALA A 5 -27.87 39.37 -9.19
CA ALA A 5 -26.66 40.08 -9.58
C ALA A 5 -25.43 39.34 -9.09
N ASN A 6 -24.38 39.42 -9.90
CA ASN A 6 -23.04 39.03 -9.47
C ASN A 6 -22.51 40.14 -8.55
N TYR A 7 -22.19 39.79 -7.32
CA TYR A 7 -21.91 40.79 -6.30
C TYR A 7 -20.45 41.23 -6.40
N THR A 8 -20.23 42.49 -6.73
CA THR A 8 -18.89 43.10 -6.77
C THR A 8 -18.88 44.18 -5.72
N PRO A 9 -18.26 43.95 -4.55
CA PRO A 9 -18.40 44.90 -3.43
C PRO A 9 -17.99 46.31 -3.83
N SER A 10 -18.82 47.29 -3.47
CA SER A 10 -18.51 48.67 -3.88
C SER A 10 -17.26 49.18 -3.16
N GLN A 11 -17.12 48.88 -1.87
CA GLN A 11 -15.99 49.38 -1.08
C GLN A 11 -14.87 48.35 -1.13
N GLY A 12 -13.93 48.53 -2.05
CA GLY A 12 -12.74 47.70 -2.12
C GLY A 12 -12.78 46.56 -3.12
N TRP A 13 -13.88 46.38 -3.84
CA TRP A 13 -14.02 45.29 -4.81
C TRP A 13 -13.79 43.99 -4.04
N PHE A 14 -13.23 42.97 -4.68
CA PHE A 14 -13.00 41.74 -3.95
C PHE A 14 -11.86 41.85 -2.94
N HIS A 15 -11.05 42.91 -2.99
CA HIS A 15 -10.05 43.12 -1.95
C HIS A 15 -10.69 43.44 -0.61
N SER A 16 -12.00 43.72 -0.60
CA SER A 16 -12.73 43.92 0.64
C SER A 16 -12.71 42.70 1.55
N TRP A 17 -12.47 41.49 1.01
CA TRP A 17 -12.37 40.33 1.88
C TRP A 17 -11.24 40.46 2.90
N LEU A 18 -10.21 41.25 2.60
CA LEU A 18 -9.10 41.44 3.54
C LEU A 18 -9.49 42.34 4.72
N ASP A 19 -10.40 43.28 4.50
CA ASP A 19 -10.85 44.24 5.50
C ASP A 19 -12.37 44.29 5.53
N LEU A 20 -12.99 43.14 5.83
CA LEU A 20 -14.43 42.99 5.64
C LEU A 20 -15.20 43.91 6.58
N ASP A 21 -16.00 44.80 6.01
CA ASP A 21 -16.84 45.73 6.76
C ASP A 21 -18.28 45.36 6.45
N ILE A 22 -18.89 44.59 7.36
CA ILE A 22 -20.23 44.04 7.11
C ILE A 22 -21.28 45.13 6.96
N ASP A 23 -21.08 46.29 7.60
CA ASP A 23 -22.00 47.40 7.37
C ASP A 23 -21.91 47.93 5.96
N ALA A 24 -20.73 47.89 5.34
CA ALA A 24 -20.65 48.23 3.92
C ALA A 24 -21.35 47.18 3.06
N THR A 25 -21.19 45.91 3.43
CA THR A 25 -21.87 44.83 2.72
C THR A 25 -23.39 45.00 2.79
N ARG A 26 -23.91 45.33 3.99
CA ARG A 26 -25.34 45.56 4.13
C ARG A 26 -25.81 46.67 3.20
N ARG A 27 -25.02 47.74 3.07
CA ARG A 27 -25.41 48.86 2.20
C ARG A 27 -25.54 48.41 0.75
N ASP A 28 -24.62 47.56 0.27
CA ASP A 28 -24.72 47.05 -1.09
C ASP A 28 -25.94 46.16 -1.28
N PHE A 29 -26.16 45.22 -0.34
CA PHE A 29 -27.26 44.27 -0.46
C PHE A 29 -28.61 44.96 -0.32
N GLU A 30 -28.69 46.03 0.47
CA GLU A 30 -29.92 46.79 0.57
C GLU A 30 -30.29 47.38 -0.78
N GLY A 31 -29.32 47.95 -1.48
CA GLY A 31 -29.58 48.48 -2.81
C GLY A 31 -30.04 47.40 -3.77
N ILE A 32 -29.40 46.22 -3.71
CA ILE A 32 -29.74 45.14 -4.61
C ILE A 32 -31.18 44.68 -4.37
N ALA A 33 -31.54 44.46 -3.10
CA ALA A 33 -32.89 44.00 -2.78
C ALA A 33 -33.94 45.10 -3.01
N GLN A 34 -33.58 46.36 -2.79
CA GLN A 34 -34.50 47.46 -3.08
C GLN A 34 -34.94 47.45 -4.54
N LEU A 35 -34.05 47.02 -5.43
CA LEU A 35 -34.35 46.98 -6.85
C LEU A 35 -35.38 45.90 -7.20
N GLY A 36 -35.56 44.91 -6.33
CA GLY A 36 -36.38 43.76 -6.62
C GLY A 36 -35.61 42.50 -6.92
N LEU A 37 -34.28 42.58 -6.98
CA LEU A 37 -33.47 41.40 -7.26
C LEU A 37 -33.57 40.42 -6.09
N ASP A 38 -33.48 39.13 -6.40
CA ASP A 38 -33.74 38.10 -5.41
C ASP A 38 -32.54 37.19 -5.11
N HIS A 39 -31.41 37.34 -5.78
CA HIS A 39 -30.26 36.52 -5.43
C HIS A 39 -28.96 37.24 -5.77
N VAL A 40 -27.87 36.75 -5.19
CA VAL A 40 -26.53 37.21 -5.52
C VAL A 40 -25.63 36.00 -5.70
N ARG A 41 -24.55 36.22 -6.46
CA ARG A 41 -23.48 35.28 -6.66
C ARG A 41 -22.24 35.85 -5.98
N LEU A 42 -21.57 35.06 -5.14
CA LEU A 42 -20.49 35.55 -4.30
C LEU A 42 -19.16 34.95 -4.75
N PHE A 43 -18.07 35.71 -4.58
CA PHE A 43 -16.75 35.27 -5.04
C PHE A 43 -15.69 35.39 -3.95
N PRO A 44 -15.51 34.35 -3.13
CA PRO A 44 -14.37 34.33 -2.20
C PRO A 44 -13.07 34.07 -2.94
N LEU A 45 -11.96 34.49 -2.32
CA LEU A 45 -10.66 34.50 -2.99
C LEU A 45 -9.83 33.30 -2.56
N TRP A 46 -9.33 32.54 -3.53
CA TRP A 46 -8.57 31.32 -3.24
C TRP A 46 -7.33 31.57 -2.39
N PRO A 47 -6.48 32.57 -2.66
CA PRO A 47 -5.30 32.80 -1.80
C PRO A 47 -5.65 33.14 -0.37
N LEU A 48 -6.84 33.70 -0.13
CA LEU A 48 -7.26 33.99 1.24
C LEU A 48 -7.81 32.74 1.93
N LEU A 49 -8.56 31.91 1.19
CA LEU A 49 -9.14 30.71 1.79
C LEU A 49 -8.08 29.66 2.08
N GLN A 50 -7.08 29.54 1.20
CA GLN A 50 -6.13 28.44 1.22
C GLN A 50 -4.75 28.97 0.84
N PRO A 51 -4.14 29.78 1.71
CA PRO A 51 -2.82 30.37 1.37
C PRO A 51 -1.73 29.33 1.26
N ASN A 52 -1.89 28.19 1.93
CA ASN A 52 -1.03 27.02 1.78
C ASN A 52 -1.98 25.83 1.62
N ARG A 53 -1.57 24.83 0.84
CA ARG A 53 -2.46 23.71 0.59
C ARG A 53 -2.95 23.09 1.89
N GLY A 54 -2.11 23.10 2.93
CA GLY A 54 -2.45 22.54 4.22
C GLY A 54 -3.18 23.47 5.16
N LEU A 55 -3.41 24.71 4.77
CA LEU A 55 -4.03 25.72 5.64
C LEU A 55 -5.28 26.27 4.98
N VAL A 56 -6.44 25.66 5.24
CA VAL A 56 -7.72 26.28 4.92
C VAL A 56 -8.11 27.12 6.14
N ARG A 57 -8.15 28.44 5.95
CA ARG A 57 -8.27 29.38 7.05
C ARG A 57 -9.71 29.43 7.56
N PRO A 58 -9.97 29.07 8.82
CA PRO A 58 -11.36 29.12 9.32
C PRO A 58 -11.89 30.54 9.42
N ARG A 59 -11.03 31.53 9.71
CA ARG A 59 -11.49 32.91 9.70
C ARG A 59 -11.93 33.35 8.30
N ALA A 60 -11.30 32.82 7.25
CA ALA A 60 -11.75 33.17 5.90
C ALA A 60 -13.11 32.55 5.61
N LEU A 61 -13.32 31.30 6.05
CA LEU A 61 -14.63 30.68 5.93
C LEU A 61 -15.68 31.45 6.72
N ASP A 62 -15.33 31.88 7.94
CA ASP A 62 -16.25 32.70 8.75
C ASP A 62 -16.66 33.97 8.01
N ASP A 63 -15.71 34.61 7.30
CA ASP A 63 -16.05 35.83 6.58
C ASP A 63 -17.03 35.55 5.43
N VAL A 64 -16.83 34.45 4.71
CA VAL A 64 -17.81 34.06 3.69
C VAL A 64 -19.19 33.89 4.30
N VAL A 65 -19.29 33.13 5.40
CA VAL A 65 -20.57 32.92 6.06
C VAL A 65 -21.20 34.24 6.50
N SER A 66 -20.36 35.19 6.95
CA SER A 66 -20.89 36.49 7.35
C SER A 66 -21.55 37.21 6.18
N VAL A 67 -20.99 37.08 4.99
CA VAL A 67 -21.60 37.75 3.84
C VAL A 67 -22.87 37.01 3.41
N VAL A 68 -22.86 35.68 3.49
CA VAL A 68 -24.07 34.91 3.22
C VAL A 68 -25.20 35.32 4.15
N ARG A 69 -24.91 35.46 5.44
CA ARG A 69 -25.94 35.86 6.38
C ARG A 69 -26.37 37.31 6.20
N ALA A 70 -25.45 38.19 5.80
CA ALA A 70 -25.84 39.55 5.49
C ALA A 70 -26.82 39.60 4.33
N ALA A 71 -26.69 38.69 3.36
CA ALA A 71 -27.66 38.63 2.27
C ALA A 71 -28.99 38.05 2.72
N GLY A 72 -28.96 37.14 3.71
CA GLY A 72 -30.19 36.63 4.28
C GLY A 72 -31.02 37.70 4.97
N GLU A 73 -30.38 38.73 5.51
CA GLU A 73 -31.09 39.84 6.14
C GLU A 73 -31.94 40.60 5.15
N PHE A 74 -31.64 40.49 3.85
CA PHE A 74 -32.45 41.09 2.80
C PHE A 74 -33.12 40.02 1.95
N ASP A 75 -33.28 38.81 2.49
CA ASP A 75 -33.98 37.71 1.83
C ASP A 75 -33.40 37.41 0.45
N LEU A 76 -32.07 37.51 0.34
CA LEU A 76 -31.39 37.21 -0.91
C LEU A 76 -30.87 35.78 -0.89
N GLU A 77 -31.26 35.01 -1.89
CA GLU A 77 -30.67 33.69 -2.12
C GLU A 77 -29.23 33.85 -2.55
N VAL A 78 -28.39 32.88 -2.17
CA VAL A 78 -26.96 32.98 -2.37
C VAL A 78 -26.44 31.70 -3.04
N THR A 79 -25.56 31.87 -4.04
CA THR A 79 -24.66 30.81 -4.46
C THR A 79 -23.24 31.34 -4.34
N VAL A 80 -22.30 30.42 -4.17
CA VAL A 80 -20.91 30.77 -3.93
C VAL A 80 -20.06 30.04 -4.95
N ASP A 81 -19.22 30.78 -5.66
CA ASP A 81 -18.19 30.20 -6.51
C ASP A 81 -16.98 29.82 -5.66
N ALA A 82 -16.54 28.56 -5.74
CA ALA A 82 -15.59 28.05 -4.75
C ALA A 82 -14.14 28.45 -5.06
N LEU A 83 -13.70 28.33 -6.31
CA LEU A 83 -12.30 28.52 -6.66
C LEU A 83 -12.14 29.77 -7.53
N ASN A 84 -11.79 30.88 -6.90
CA ASN A 84 -11.51 32.14 -7.62
C ASN A 84 -10.11 32.58 -7.18
N GLY A 85 -9.11 32.36 -8.03
CA GLY A 85 -9.35 31.98 -9.41
C GLY A 85 -9.45 33.24 -10.27
N HIS A 86 -10.26 33.21 -11.32
CA HIS A 86 -10.25 34.29 -12.31
C HIS A 86 -11.39 35.27 -12.07
N LEU A 87 -11.05 36.56 -12.01
CA LEU A 87 -12.09 37.59 -11.82
C LEU A 87 -11.69 38.84 -12.60
N SER A 88 -12.45 39.16 -13.65
CA SER A 88 -12.34 40.44 -14.36
C SER A 88 -10.90 40.78 -14.76
N SER A 89 -10.24 39.81 -15.40
CA SER A 89 -8.88 39.85 -15.97
C SER A 89 -7.80 39.47 -14.97
N TYR A 90 -8.10 39.42 -13.67
CA TYR A 90 -7.11 39.09 -12.65
C TYR A 90 -7.20 37.62 -12.26
N ASP A 91 -6.05 37.00 -12.03
CA ASP A 91 -5.98 35.65 -11.49
C ASP A 91 -5.56 35.73 -10.04
N PHE A 92 -6.35 35.12 -9.16
CA PHE A 92 -6.07 35.05 -7.73
C PHE A 92 -5.64 33.62 -7.46
N LEU A 93 -4.32 33.38 -7.44
CA LEU A 93 -3.76 32.05 -7.29
C LEU A 93 -2.89 32.00 -6.05
N PRO A 94 -3.07 31.01 -5.18
CA PRO A 94 -2.16 30.84 -4.04
C PRO A 94 -0.75 30.59 -4.51
N PRO A 95 0.25 30.92 -3.68
CA PRO A 95 1.64 30.73 -4.12
C PRO A 95 1.98 29.28 -4.44
N TRP A 96 1.29 28.30 -3.83
CA TRP A 96 1.62 26.89 -4.03
C TRP A 96 1.12 26.34 -5.38
N VAL A 97 0.59 27.18 -6.27
CA VAL A 97 0.25 26.71 -7.61
C VAL A 97 0.92 27.52 -8.71
N ILE A 98 1.84 28.44 -8.37
CA ILE A 98 2.44 29.31 -9.39
C ILE A 98 3.95 29.22 -9.33
N THR A 99 4.58 29.78 -10.37
CA THR A 99 6.02 29.87 -10.59
C THR A 99 6.73 28.58 -10.19
N TRP A 100 7.62 28.62 -9.19
CA TRP A 100 8.37 27.42 -8.84
C TRP A 100 7.45 26.26 -8.47
N HIS A 101 6.23 26.55 -8.02
CA HIS A 101 5.28 25.53 -7.62
C HIS A 101 4.23 25.25 -8.71
N THR A 102 4.52 25.62 -9.96
CA THR A 102 3.57 25.38 -11.04
C THR A 102 3.33 23.89 -11.19
N SER A 103 2.07 23.48 -11.37
N SER A 103 2.06 23.55 -11.03
CA SER A 103 1.84 22.07 -11.70
CA SER A 103 1.50 22.25 -11.30
C SER A 103 0.84 21.90 -12.85
C SER A 103 0.20 22.48 -12.05
N ASN A 104 -0.36 21.40 -12.52
CA ASN A 104 -1.51 21.43 -13.41
C ASN A 104 -2.75 21.61 -12.57
N LEU A 105 -3.51 22.69 -12.81
CA LEU A 105 -4.69 22.98 -12.02
C LEU A 105 -5.83 21.98 -12.25
N PHE A 106 -5.74 21.12 -13.26
CA PHE A 106 -6.78 20.16 -13.57
C PHE A 106 -6.39 18.71 -13.32
N THR A 107 -5.10 18.38 -13.39
CA THR A 107 -4.67 17.00 -13.34
C THR A 107 -3.68 16.66 -12.23
N ASP A 108 -3.02 17.64 -11.62
CA ASP A 108 -2.03 17.33 -10.59
C ASP A 108 -2.72 16.74 -9.35
N PRO A 109 -2.30 15.55 -8.90
CA PRO A 109 -3.04 14.88 -7.81
C PRO A 109 -3.05 15.67 -6.51
N LEU A 110 -1.97 16.40 -6.19
CA LEU A 110 -1.95 17.15 -4.95
C LEU A 110 -2.80 18.42 -5.06
N VAL A 111 -2.79 19.07 -6.22
CA VAL A 111 -3.65 20.23 -6.44
C VAL A 111 -5.11 19.84 -6.29
N LYS A 112 -5.51 18.73 -6.96
CA LYS A 112 -6.88 18.27 -6.84
C LYS A 112 -7.23 17.97 -5.38
N ALA A 113 -6.32 17.32 -4.65
CA ALA A 113 -6.57 17.05 -3.24
C ALA A 113 -6.77 18.35 -2.46
N GLY A 114 -5.96 19.38 -2.78
CA GLY A 114 -6.15 20.67 -2.15
C GLY A 114 -7.49 21.29 -2.53
N GLN A 115 -7.85 21.23 -3.81
CA GLN A 115 -9.13 21.78 -4.26
C GLN A 115 -10.30 21.11 -3.56
N THR A 116 -10.30 19.77 -3.51
CA THR A 116 -11.44 19.09 -2.90
C THR A 116 -11.54 19.38 -1.41
N ASP A 117 -10.39 19.49 -0.73
CA ASP A 117 -10.38 19.87 0.67
C ASP A 117 -11.08 21.21 0.89
N LEU A 118 -10.67 22.24 0.15
CA LEU A 118 -11.29 23.55 0.28
C LEU A 118 -12.78 23.48 -0.04
N ILE A 119 -13.12 22.82 -1.14
CA ILE A 119 -14.53 22.73 -1.55
C ILE A 119 -15.36 22.03 -0.48
N SER A 120 -14.80 20.97 0.12
N SER A 120 -14.80 20.99 0.13
CA SER A 120 -15.50 20.25 1.19
CA SER A 120 -15.53 20.26 1.17
C SER A 120 -15.79 21.17 2.37
C SER A 120 -15.79 21.14 2.39
N GLN A 121 -14.77 21.89 2.84
CA GLN A 121 -14.93 22.74 4.01
C GLN A 121 -15.89 23.88 3.74
N LEU A 122 -15.89 24.39 2.51
CA LEU A 122 -16.85 25.42 2.12
C LEU A 122 -18.27 24.86 2.10
N ALA A 123 -18.44 23.69 1.48
CA ALA A 123 -19.77 23.07 1.41
C ALA A 123 -20.31 22.79 2.81
N THR A 124 -19.46 22.31 3.70
CA THR A 124 -19.87 22.00 5.06
C THR A 124 -20.36 23.23 5.79
N ARG A 125 -19.72 24.39 5.56
CA ARG A 125 -20.21 25.63 6.16
C ARG A 125 -21.49 26.11 5.50
N LEU A 126 -21.55 26.07 4.17
CA LEU A 126 -22.68 26.68 3.46
C LEU A 126 -23.98 25.90 3.65
N ARG A 127 -23.89 24.58 3.81
CA ARG A 127 -25.12 23.79 3.92
C ARG A 127 -25.95 24.13 5.14
N GLU A 128 -25.40 24.88 6.10
CA GLU A 128 -26.12 25.28 7.30
C GLU A 128 -26.75 26.66 7.19
N GLU A 129 -26.58 27.36 6.05
CA GLU A 129 -27.27 28.63 5.91
C GLU A 129 -28.53 28.45 5.10
N PRO A 130 -29.68 28.91 5.59
CA PRO A 130 -30.93 28.60 4.88
C PRO A 130 -31.08 29.26 3.52
N ASN A 131 -30.36 30.36 3.26
CA ASN A 131 -30.50 31.05 1.98
C ASN A 131 -29.44 30.67 0.97
N ALA A 132 -28.51 29.79 1.35
CA ALA A 132 -27.48 29.29 0.44
C ALA A 132 -28.02 28.09 -0.33
N THR A 133 -28.04 28.20 -1.66
CA THR A 133 -28.66 27.22 -2.54
C THR A 133 -27.67 26.25 -3.16
N GLY A 134 -26.41 26.67 -3.34
CA GLY A 134 -25.42 25.78 -3.89
C GLY A 134 -24.16 26.53 -4.25
N MET A 135 -23.31 25.87 -5.04
CA MET A 135 -21.98 26.37 -5.34
C MET A 135 -21.68 26.15 -6.82
N THR A 136 -20.94 27.09 -7.41
CA THR A 136 -20.24 26.87 -8.66
C THR A 136 -18.79 26.54 -8.35
N VAL A 137 -18.15 25.76 -9.24
N VAL A 137 -18.17 25.74 -9.23
CA VAL A 137 -16.81 25.27 -8.95
CA VAL A 137 -16.82 25.28 -8.96
C VAL A 137 -15.80 26.42 -8.93
C VAL A 137 -15.87 26.46 -8.85
N GLY A 138 -16.02 27.45 -9.73
CA GLY A 138 -15.14 28.59 -9.70
C GLY A 138 -15.50 29.47 -10.87
N ASN A 139 -15.18 30.75 -10.81
CA ASN A 139 -15.62 31.65 -11.88
C ASN A 139 -14.79 31.43 -13.13
N GLU A 140 -15.41 30.86 -14.18
CA GLU A 140 -14.75 30.67 -15.47
C GLU A 140 -13.43 29.90 -15.31
N PHE A 141 -13.38 28.98 -14.34
CA PHE A 141 -12.15 28.23 -14.11
C PHE A 141 -11.57 27.55 -15.36
N PRO A 142 -12.39 26.98 -16.29
CA PRO A 142 -11.82 26.49 -17.55
C PRO A 142 -10.90 27.46 -18.31
N GLN A 143 -10.90 28.77 -18.01
CA GLN A 143 -9.97 29.65 -18.72
C GLN A 143 -8.51 29.34 -18.41
N TYR A 144 -8.22 28.64 -17.30
CA TYR A 144 -6.85 28.19 -17.07
C TYR A 144 -6.39 27.15 -18.09
N ALA A 145 -7.32 26.57 -18.87
CA ALA A 145 -6.97 25.71 -19.99
C ALA A 145 -7.05 26.40 -21.35
N ALA A 146 -7.35 27.70 -21.40
CA ALA A 146 -7.58 28.38 -22.68
C ALA A 146 -6.37 28.31 -23.60
N LEU A 147 -6.64 28.03 -24.89
CA LEU A 147 -5.59 27.79 -25.88
C LEU A 147 -5.88 28.42 -27.24
N ALA A 148 -6.86 29.32 -27.35
CA ALA A 148 -7.25 29.87 -28.63
C ALA A 148 -6.29 30.98 -29.05
N PRO A 149 -6.16 31.24 -30.36
CA PRO A 149 -5.21 32.28 -30.81
C PRO A 149 -5.45 33.65 -30.19
N GLY A 150 -6.72 34.07 -30.07
CA GLY A 150 -7.04 35.33 -29.45
C GLY A 150 -7.26 35.27 -27.95
N HIS A 151 -7.10 34.08 -27.36
CA HIS A 151 -7.38 33.89 -25.94
C HIS A 151 -6.70 32.62 -25.46
N HIS A 152 -5.41 32.70 -25.14
CA HIS A 152 -4.65 31.57 -24.62
C HIS A 152 -4.03 31.99 -23.30
N HIS A 153 -4.24 31.20 -22.25
CA HIS A 153 -3.80 31.60 -20.92
C HIS A 153 -2.28 31.58 -20.86
N PRO A 154 -1.65 32.65 -20.38
CA PRO A 154 -0.17 32.72 -20.43
C PRO A 154 0.54 31.66 -19.60
N THR A 155 -0.11 31.08 -18.60
CA THR A 155 0.43 29.94 -17.85
C THR A 155 -0.56 28.77 -17.85
N ARG A 156 -1.02 28.36 -19.04
CA ARG A 156 -2.17 27.47 -19.10
C ARG A 156 -1.80 26.06 -18.65
N SER A 157 -2.81 25.33 -18.17
CA SER A 157 -2.66 23.94 -17.74
C SER A 157 -3.14 23.03 -18.86
N GLU A 158 -2.24 22.20 -19.37
CA GLU A 158 -2.54 21.20 -20.39
C GLU A 158 -3.62 20.25 -19.89
N CYS A 159 -4.58 19.92 -20.75
CA CYS A 159 -5.77 19.25 -20.28
C CYS A 159 -6.49 18.63 -21.47
N THR A 160 -6.78 17.33 -21.37
CA THR A 160 -7.59 16.68 -22.40
C THR A 160 -9.08 16.78 -22.07
N VAL A 161 -9.91 16.45 -23.08
CA VAL A 161 -11.35 16.41 -22.87
C VAL A 161 -11.71 15.52 -21.69
N ASP A 162 -11.06 14.34 -21.59
CA ASP A 162 -11.36 13.43 -20.49
C ASP A 162 -10.82 13.93 -19.16
N ASP A 163 -9.63 14.56 -19.18
CA ASP A 163 -9.12 15.25 -17.99
C ASP A 163 -10.15 16.25 -17.47
N ALA A 164 -10.71 17.06 -18.38
CA ALA A 164 -11.71 18.04 -18.00
C ALA A 164 -12.92 17.38 -17.35
N GLN A 165 -13.43 16.30 -17.94
CA GLN A 165 -14.58 15.62 -17.35
C GLN A 165 -14.24 15.08 -15.96
N THR A 166 -13.10 14.41 -15.83
CA THR A 166 -12.70 13.84 -14.54
C THR A 166 -12.59 14.91 -13.46
N TRP A 167 -12.00 16.06 -13.80
CA TRP A 167 -11.88 17.16 -12.85
C TRP A 167 -13.24 17.64 -12.38
N LEU A 168 -14.16 17.91 -13.33
CA LEU A 168 -15.51 18.31 -12.96
C LEU A 168 -16.18 17.27 -12.08
N GLU A 169 -16.04 15.99 -12.42
CA GLU A 169 -16.71 14.97 -11.63
C GLU A 169 -16.15 14.91 -10.22
N THR A 170 -14.84 15.12 -10.08
CA THR A 170 -14.22 15.15 -8.75
C THR A 170 -14.74 16.33 -7.93
N MET A 171 -14.70 17.54 -8.52
CA MET A 171 -15.12 18.71 -7.78
C MET A 171 -16.62 18.69 -7.49
N LEU A 172 -17.43 18.38 -8.51
CA LEU A 172 -18.88 18.34 -8.29
C LEU A 172 -19.27 17.19 -7.38
N GLY A 173 -18.60 16.04 -7.52
CA GLY A 173 -18.86 14.93 -6.61
C GLY A 173 -18.60 15.29 -5.16
N THR A 174 -17.49 15.99 -4.89
CA THR A 174 -17.19 16.41 -3.53
C THR A 174 -18.32 17.27 -2.95
N MET A 175 -18.80 18.25 -3.73
CA MET A 175 -19.90 19.09 -3.26
C MET A 175 -21.14 18.26 -2.90
N ARG A 176 -21.50 17.31 -3.76
CA ARG A 176 -22.71 16.51 -3.52
C ARG A 176 -22.53 15.60 -2.31
N ASP A 177 -21.32 15.07 -2.10
CA ASP A 177 -21.05 14.22 -0.94
C ASP A 177 -21.24 14.98 0.36
N GLN A 178 -20.82 16.24 0.40
CA GLN A 178 -20.88 17.04 1.63
C GLN A 178 -22.15 17.84 1.76
N TRP A 179 -22.94 17.94 0.70
CA TRP A 179 -24.09 18.84 0.67
C TRP A 179 -25.14 18.25 -0.27
N PRO A 180 -25.76 17.14 0.13
CA PRO A 180 -26.66 16.43 -0.80
C PRO A 180 -27.84 17.26 -1.26
N ASP A 181 -28.34 18.19 -0.44
CA ASP A 181 -29.48 19.01 -0.83
C ASP A 181 -29.09 20.15 -1.77
N GLY A 182 -27.81 20.33 -2.04
CA GLY A 182 -27.37 21.47 -2.81
C GLY A 182 -27.53 21.24 -4.30
N ARG A 183 -27.44 22.34 -5.03
CA ARG A 183 -27.39 22.33 -6.49
C ARG A 183 -26.05 22.91 -6.89
N PHE A 184 -25.41 22.32 -7.89
CA PHE A 184 -24.03 22.65 -8.20
C PHE A 184 -23.83 22.81 -9.71
N TRP A 185 -22.90 23.69 -10.08
CA TRP A 185 -22.73 24.09 -11.48
C TRP A 185 -21.27 24.37 -11.75
N PHE A 186 -20.89 24.37 -13.03
CA PHE A 186 -19.69 25.09 -13.43
C PHE A 186 -20.03 26.10 -14.52
N GLY A 187 -19.24 27.18 -14.56
CA GLY A 187 -19.45 28.24 -15.53
C GLY A 187 -18.17 28.52 -16.29
N PHE A 188 -18.32 29.29 -17.38
CA PHE A 188 -17.22 29.35 -18.33
C PHE A 188 -17.45 30.48 -19.31
N ASP A 189 -16.36 30.98 -19.87
CA ASP A 189 -16.47 31.90 -21.00
C ASP A 189 -16.84 31.12 -22.26
N ASP A 190 -17.11 31.83 -23.36
CA ASP A 190 -17.71 31.13 -24.49
C ASP A 190 -16.68 30.40 -25.37
N ASP A 191 -15.43 30.26 -24.94
CA ASP A 191 -14.52 29.32 -25.60
C ASP A 191 -15.13 27.93 -25.62
N LEU A 192 -15.85 27.57 -24.57
CA LEU A 192 -16.46 26.25 -24.51
C LEU A 192 -17.46 26.05 -25.65
N TRP A 193 -18.17 27.10 -26.04
CA TRP A 193 -19.12 26.97 -27.13
C TRP A 193 -18.44 27.04 -28.50
N PHE A 194 -17.33 27.77 -28.61
CA PHE A 194 -16.87 28.23 -29.91
C PHE A 194 -15.47 27.80 -30.33
N VAL A 195 -14.64 27.25 -29.44
CA VAL A 195 -13.25 26.94 -29.79
C VAL A 195 -13.10 25.42 -29.87
N ASP A 196 -12.75 24.94 -31.08
CA ASP A 196 -12.88 23.52 -31.43
C ASP A 196 -12.07 22.61 -30.49
N ASP A 197 -10.86 23.02 -30.11
CA ASP A 197 -10.03 22.16 -29.29
C ASP A 197 -9.97 22.59 -27.82
N HIS A 198 -10.86 23.46 -27.38
CA HIS A 198 -10.97 23.73 -25.96
C HIS A 198 -11.38 22.46 -25.23
N PRO A 199 -10.63 22.04 -24.21
CA PRO A 199 -10.90 20.72 -23.60
C PRO A 199 -12.20 20.66 -22.82
N PHE A 200 -12.77 21.76 -22.40
CA PHE A 200 -14.11 21.77 -21.84
C PHE A 200 -15.11 21.94 -22.98
N THR A 201 -16.04 21.00 -23.12
CA THR A 201 -16.89 20.91 -24.31
C THR A 201 -18.36 21.23 -24.02
N PRO A 202 -19.14 21.54 -25.06
CA PRO A 202 -20.59 21.67 -24.87
C PRO A 202 -21.23 20.44 -24.23
N ARG A 203 -20.74 19.25 -24.56
CA ARG A 203 -21.22 18.04 -23.90
C ARG A 203 -21.06 18.14 -22.38
N HIS A 204 -19.88 18.56 -21.91
CA HIS A 204 -19.68 18.77 -20.48
C HIS A 204 -20.71 19.74 -19.92
N ALA A 205 -20.91 20.87 -20.62
CA ALA A 205 -21.78 21.93 -20.11
C ALA A 205 -23.21 21.45 -19.92
N VAL A 206 -23.70 20.59 -20.82
CA VAL A 206 -25.11 20.20 -20.76
C VAL A 206 -25.33 18.92 -19.96
N THR A 207 -24.27 18.33 -19.41
CA THR A 207 -24.41 17.12 -18.63
C THR A 207 -23.87 17.22 -17.21
N GLN A 208 -22.91 18.10 -16.93
CA GLN A 208 -22.34 18.21 -15.59
C GLN A 208 -23.06 19.29 -14.78
N GLY A 209 -23.38 18.96 -13.53
CA GLY A 209 -24.04 19.90 -12.63
C GLY A 209 -25.54 19.96 -12.87
N SER A 210 -26.19 20.86 -12.12
CA SER A 210 -27.66 20.89 -12.06
C SER A 210 -28.32 21.62 -13.22
N ALA A 211 -27.60 22.52 -13.89
CA ALA A 211 -28.17 23.24 -15.04
C ALA A 211 -27.04 23.69 -15.94
N THR A 212 -27.35 23.89 -17.22
CA THR A 212 -26.40 24.48 -18.14
C THR A 212 -26.27 25.97 -17.86
N THR A 213 -25.04 26.42 -17.66
CA THR A 213 -24.81 27.85 -17.47
C THR A 213 -24.33 28.51 -18.76
N VAL A 214 -24.57 29.82 -18.82
CA VAL A 214 -24.14 30.63 -19.94
C VAL A 214 -23.56 31.92 -19.38
N HIS A 215 -22.37 32.31 -19.87
CA HIS A 215 -21.87 33.68 -19.70
C HIS A 215 -21.90 34.33 -21.06
N SER A 216 -22.54 35.50 -21.15
CA SER A 216 -22.79 36.19 -22.42
C SER A 216 -22.10 37.56 -22.44
N TRP A 217 -21.02 37.69 -23.20
CA TRP A 217 -20.24 38.92 -23.26
C TRP A 217 -20.02 39.32 -24.72
N VAL A 218 -20.49 40.52 -25.08
CA VAL A 218 -20.44 40.90 -26.49
C VAL A 218 -19.18 41.69 -26.85
N PHE A 219 -18.32 42.01 -25.89
CA PHE A 219 -17.26 42.95 -26.24
C PHE A 219 -16.14 42.31 -27.07
N ALA A 220 -15.90 41.00 -26.94
CA ALA A 220 -14.72 40.42 -27.58
C ALA A 220 -14.94 40.13 -29.06
N GLN A 221 -16.14 39.69 -29.45
CA GLN A 221 -16.36 39.33 -30.84
C GLN A 221 -17.63 39.91 -31.44
N VAL A 222 -18.75 39.87 -30.72
CA VAL A 222 -20.02 40.31 -31.30
C VAL A 222 -19.95 41.80 -31.63
N GLY A 223 -19.56 42.61 -30.64
CA GLY A 223 -19.41 44.03 -30.83
C GLY A 223 -18.47 44.42 -31.96
N PRO A 224 -17.25 43.88 -31.96
CA PRO A 224 -16.30 44.22 -33.04
C PRO A 224 -16.82 43.88 -34.43
N ARG A 225 -17.50 42.73 -34.60
CA ARG A 225 -18.00 42.38 -35.92
C ARG A 225 -19.22 43.22 -36.31
N PHE A 226 -20.18 43.37 -35.40
CA PHE A 226 -21.46 43.95 -35.78
C PHE A 226 -21.60 45.42 -35.46
N GLY A 227 -20.88 45.91 -34.46
CA GLY A 227 -20.84 47.33 -34.16
C GLY A 227 -21.93 47.77 -33.19
N GLU A 228 -21.71 48.95 -32.62
CA GLU A 228 -22.66 49.55 -31.70
C GLU A 228 -24.04 49.67 -32.32
N GLY A 229 -25.07 49.39 -31.51
CA GLY A 229 -26.45 49.50 -31.92
C GLY A 229 -27.01 48.36 -32.74
N HIS A 230 -26.18 47.41 -33.18
CA HIS A 230 -26.68 46.31 -33.99
C HIS A 230 -27.52 45.36 -33.12
N PRO A 231 -28.59 44.77 -33.68
CA PRO A 231 -29.40 43.84 -32.88
C PRO A 231 -28.65 42.62 -32.36
N ALA A 232 -27.58 42.21 -33.03
CA ALA A 232 -26.79 41.08 -32.54
C ALA A 232 -26.36 41.26 -31.09
N LEU A 233 -26.14 42.51 -30.66
CA LEU A 233 -25.68 42.78 -29.30
C LEU A 233 -26.71 42.36 -28.26
N THR A 234 -28.01 42.55 -28.58
CA THR A 234 -29.05 42.22 -27.62
C THR A 234 -29.60 40.81 -27.80
N TRP A 235 -29.38 40.19 -28.97
CA TRP A 235 -29.79 38.82 -29.21
C TRP A 235 -28.78 37.79 -28.72
N PHE A 236 -27.54 38.19 -28.47
CA PHE A 236 -26.48 37.22 -28.18
C PHE A 236 -26.80 36.25 -27.04
N PRO A 237 -27.27 36.69 -25.86
CA PRO A 237 -27.53 35.69 -24.80
C PRO A 237 -28.62 34.70 -25.15
N ARG A 238 -29.66 35.13 -25.87
CA ARG A 238 -30.70 34.18 -26.29
C ARG A 238 -30.11 33.17 -27.26
N TYR A 239 -29.22 33.62 -28.15
CA TYR A 239 -28.53 32.72 -29.06
C TYR A 239 -27.75 31.66 -28.30
N LEU A 240 -26.92 32.09 -27.34
CA LEU A 240 -26.16 31.15 -26.51
C LEU A 240 -27.08 30.16 -25.81
N LEU A 241 -28.22 30.63 -25.29
CA LEU A 241 -29.12 29.72 -24.59
C LEU A 241 -29.78 28.74 -25.55
N GLU A 242 -30.13 29.20 -26.76
CA GLU A 242 -30.65 28.26 -27.77
C GLU A 242 -29.56 27.28 -28.21
N LEU A 243 -28.30 27.72 -28.20
CA LEU A 243 -27.20 26.80 -28.50
C LEU A 243 -27.07 25.75 -27.40
N ALA A 244 -27.18 26.18 -26.13
CA ALA A 244 -27.17 25.26 -25.01
C ALA A 244 -28.32 24.25 -25.09
N ARG A 245 -29.50 24.72 -25.49
CA ARG A 245 -30.63 23.81 -25.64
C ARG A 245 -30.38 22.82 -26.76
N ALA A 246 -29.78 23.28 -27.86
CA ALA A 246 -29.50 22.40 -29.00
C ALA A 246 -28.54 21.28 -28.62
N TRP A 247 -27.48 21.59 -27.85
CA TRP A 247 -26.51 20.55 -27.50
C TRP A 247 -27.11 19.50 -26.58
N SER A 248 -28.13 19.87 -25.80
CA SER A 248 -28.70 18.98 -24.82
C SER A 248 -29.66 17.99 -25.48
N HIS A 249 -29.50 16.71 -25.14
CA HIS A 249 -30.44 15.65 -25.54
C HIS A 249 -31.61 15.53 -24.57
N ASP A 250 -31.65 16.34 -23.52
CA ASP A 250 -32.67 16.26 -22.47
C ASP A 250 -33.55 17.50 -22.51
N PRO A 251 -34.84 17.37 -22.83
CA PRO A 251 -35.70 18.57 -22.86
C PRO A 251 -35.96 19.17 -21.48
N GLU A 252 -35.72 18.44 -20.41
CA GLU A 252 -35.93 18.91 -19.05
C GLU A 252 -34.68 19.56 -18.44
N ARG A 253 -33.62 19.72 -19.21
CA ARG A 253 -32.38 20.26 -18.66
C ARG A 253 -32.53 21.76 -18.43
N PRO A 254 -32.37 22.24 -17.20
CA PRO A 254 -32.53 23.68 -16.95
C PRO A 254 -31.31 24.48 -17.40
N LEU A 255 -31.52 25.80 -17.50
CA LEU A 255 -30.53 26.77 -17.95
C LEU A 255 -30.41 27.89 -16.93
N TRP A 256 -29.20 28.43 -16.78
CA TRP A 256 -28.97 29.59 -15.94
C TRP A 256 -28.08 30.56 -16.69
N LEU A 257 -28.60 31.76 -17.00
CA LEU A 257 -27.80 32.84 -17.60
C LEU A 257 -27.04 33.49 -16.45
N GLN A 258 -25.88 32.93 -16.17
CA GLN A 258 -25.12 33.22 -14.96
C GLN A 258 -24.36 34.55 -15.04
N GLU A 259 -24.02 35.00 -16.25
CA GLU A 259 -23.47 36.33 -16.45
C GLU A 259 -24.01 36.94 -17.72
N VAL A 260 -24.42 38.19 -17.63
CA VAL A 260 -24.76 39.01 -18.79
C VAL A 260 -24.54 40.46 -18.41
N GLY A 261 -24.04 41.26 -19.34
CA GLY A 261 -23.89 42.67 -19.01
C GLY A 261 -23.75 43.54 -20.24
N ALA A 262 -23.51 44.83 -19.99
CA ALA A 262 -23.54 45.88 -21.02
C ALA A 262 -22.20 46.60 -21.06
N PRO A 263 -21.22 46.08 -21.81
CA PRO A 263 -19.88 46.71 -21.81
C PRO A 263 -19.87 48.00 -22.61
N ARG A 264 -19.26 49.04 -22.05
CA ARG A 264 -19.25 50.37 -22.66
C ARG A 264 -18.36 50.45 -23.90
N THR A 265 -17.65 49.38 -24.25
CA THR A 265 -16.98 49.31 -25.54
C THR A 265 -17.98 49.42 -26.67
N HIS A 266 -19.19 48.93 -26.47
CA HIS A 266 -20.17 48.83 -27.54
C HIS A 266 -21.56 49.23 -27.12
N VAL A 267 -21.82 49.48 -25.84
CA VAL A 267 -23.09 49.94 -25.33
C VAL A 267 -22.84 51.17 -24.47
N PRO A 268 -23.00 52.37 -25.01
CA PRO A 268 -22.74 53.59 -24.23
C PRO A 268 -23.66 53.70 -23.03
N ASP A 269 -23.25 54.51 -22.05
CA ASP A 269 -24.10 54.75 -20.87
C ASP A 269 -25.52 55.10 -21.29
N SER A 270 -25.65 55.98 -22.29
CA SER A 270 -26.96 56.43 -22.72
C SER A 270 -27.73 55.37 -23.51
N SER A 271 -27.10 54.25 -23.86
CA SER A 271 -27.80 53.13 -24.49
C SER A 271 -28.13 52.01 -23.52
N SER A 272 -27.70 52.10 -22.27
CA SER A 272 -27.73 50.94 -21.38
C SER A 272 -29.15 50.55 -20.99
N ALA A 273 -30.02 51.52 -20.73
CA ALA A 273 -31.41 51.22 -20.40
C ALA A 273 -32.08 50.46 -21.54
N ALA A 274 -31.89 50.96 -22.77
CA ALA A 274 -32.49 50.32 -23.94
C ALA A 274 -31.89 48.93 -24.16
N PHE A 275 -30.59 48.79 -23.91
CA PHE A 275 -29.94 47.48 -24.02
C PHE A 275 -30.56 46.52 -23.01
N MET A 276 -30.73 46.97 -21.77
CA MET A 276 -31.29 46.12 -20.72
C MET A 276 -32.69 45.65 -21.08
N THR A 277 -33.55 46.56 -21.52
CA THR A 277 -34.94 46.18 -21.77
C THR A 277 -35.04 45.29 -23.02
N THR A 278 -34.32 45.61 -24.09
CA THR A 278 -34.36 44.76 -25.28
C THR A 278 -33.80 43.37 -24.99
N THR A 279 -32.64 43.30 -24.33
CA THR A 279 -32.05 42.00 -23.99
C THR A 279 -33.01 41.16 -23.16
N MET A 280 -33.54 41.74 -22.07
CA MET A 280 -34.41 40.97 -21.18
C MET A 280 -35.70 40.53 -21.89
N ALA A 281 -36.24 41.35 -22.79
CA ALA A 281 -37.46 40.96 -23.49
C ALA A 281 -37.23 39.75 -24.38
N SER A 282 -36.06 39.69 -25.02
CA SER A 282 -35.73 38.54 -25.84
C SER A 282 -35.44 37.27 -25.03
N LEU A 283 -35.46 37.35 -23.70
CA LEU A 283 -35.14 36.21 -22.85
C LEU A 283 -36.34 35.61 -22.13
N THR A 284 -37.43 36.37 -21.98
CA THR A 284 -38.53 35.94 -21.13
C THR A 284 -39.10 34.59 -21.55
N SER A 285 -39.09 34.27 -22.85
CA SER A 285 -39.74 33.07 -23.37
C SER A 285 -38.82 31.85 -23.44
N THR A 286 -37.57 31.97 -23.03
CA THR A 286 -36.58 30.89 -23.15
C THR A 286 -37.03 29.65 -22.40
N PRO A 287 -37.25 28.52 -23.08
CA PRO A 287 -37.65 27.30 -22.37
C PRO A 287 -36.53 26.81 -21.45
N GLY A 288 -36.89 26.56 -20.20
CA GLY A 288 -35.96 26.03 -19.22
C GLY A 288 -35.13 27.05 -18.47
N LEU A 289 -35.25 28.34 -18.79
CA LEU A 289 -34.40 29.37 -18.20
C LEU A 289 -34.88 29.68 -16.78
N GLU A 290 -34.08 29.30 -15.79
CA GLU A 290 -34.46 29.40 -14.39
C GLU A 290 -34.04 30.71 -13.74
N ALA A 291 -33.00 31.36 -14.24
CA ALA A 291 -32.46 32.55 -13.60
C ALA A 291 -31.60 33.32 -14.58
N ILE A 292 -31.58 34.63 -14.41
CA ILE A 292 -30.62 35.53 -15.07
C ILE A 292 -29.89 36.30 -13.98
N THR A 293 -28.57 36.35 -14.08
CA THR A 293 -27.74 37.04 -13.10
C THR A 293 -26.88 38.07 -13.79
N TRP A 294 -27.12 39.35 -13.47
CA TRP A 294 -26.44 40.46 -14.12
C TRP A 294 -25.02 40.62 -13.59
N TRP A 295 -24.07 40.84 -14.50
CA TRP A 295 -22.73 41.31 -14.13
C TRP A 295 -22.65 42.81 -14.42
N CYS A 296 -22.58 43.64 -13.38
CA CYS A 296 -22.41 43.24 -11.98
C CYS A 296 -23.24 44.17 -11.11
N SER A 297 -23.19 43.98 -9.80
CA SER A 297 -24.02 44.78 -8.91
C SER A 297 -23.55 46.24 -8.83
N HIS A 298 -22.23 46.46 -8.70
CA HIS A 298 -21.68 47.77 -8.39
C HIS A 298 -20.44 48.07 -9.21
N ASP A 299 -20.39 49.29 -9.76
CA ASP A 299 -19.21 49.79 -10.47
C ASP A 299 -17.93 49.58 -9.66
N VAL A 300 -16.86 49.21 -10.35
CA VAL A 300 -15.55 49.11 -9.69
C VAL A 300 -15.01 50.52 -9.45
N SER A 301 -14.53 50.75 -8.22
CA SER A 301 -13.92 52.03 -7.87
C SER A 301 -12.72 52.34 -8.77
N ARG A 302 -12.71 53.56 -9.31
CA ARG A 302 -11.58 54.03 -10.10
C ARG A 302 -10.33 54.24 -9.27
N ASP A 303 -10.42 54.19 -7.95
CA ASP A 303 -9.23 54.15 -7.11
C ASP A 303 -8.43 52.87 -7.32
N LEU A 304 -9.07 51.84 -7.86
CA LEU A 304 -8.38 50.59 -8.19
C LEU A 304 -7.91 50.65 -9.63
N LEU A 305 -6.65 50.26 -9.87
CA LEU A 305 -5.95 50.50 -11.10
C LEU A 305 -5.79 49.23 -11.94
N ASP A 306 -5.42 49.43 -13.19
CA ASP A 306 -4.99 48.41 -14.16
C ASP A 306 -6.08 47.47 -14.64
N PHE A 307 -7.34 47.70 -14.28
CA PHE A 307 -8.43 46.96 -14.92
C PHE A 307 -8.51 47.34 -16.39
N PRO A 308 -8.85 46.40 -17.29
CA PRO A 308 -9.39 46.79 -18.60
C PRO A 308 -10.54 47.76 -18.39
N GLU A 309 -10.57 48.84 -19.16
CA GLU A 309 -11.40 49.96 -18.74
C GLU A 309 -12.88 49.60 -18.74
N LEU A 310 -13.31 48.69 -19.61
CA LEU A 310 -14.72 48.31 -19.63
C LEU A 310 -15.18 47.71 -18.29
N GLU A 311 -14.26 47.18 -17.48
CA GLU A 311 -14.68 46.52 -16.25
C GLU A 311 -15.24 47.51 -15.24
N TYR A 312 -14.82 48.77 -15.31
CA TYR A 312 -15.21 49.72 -14.26
C TYR A 312 -16.70 50.03 -14.26
N SER A 313 -17.35 50.06 -15.44
CA SER A 313 -18.69 50.62 -15.58
C SER A 313 -19.78 49.56 -15.82
N LEU A 314 -19.54 48.29 -15.42
CA LEU A 314 -20.51 47.22 -15.62
C LEU A 314 -21.59 47.14 -14.54
N GLY A 315 -21.56 48.02 -13.54
CA GLY A 315 -22.49 47.88 -12.43
C GLY A 315 -23.91 48.32 -12.75
N LEU A 316 -24.85 47.74 -12.01
CA LEU A 316 -26.22 48.26 -11.95
C LEU A 316 -26.27 49.55 -11.15
N PHE A 317 -25.40 49.67 -10.14
CA PHE A 317 -25.24 50.86 -9.33
C PHE A 317 -23.90 51.51 -9.60
N THR A 318 -23.83 52.82 -9.38
CA THR A 318 -22.53 53.49 -9.35
C THR A 318 -21.76 53.04 -8.12
N ASN A 319 -20.48 53.39 -8.08
CA ASN A 319 -19.68 52.93 -6.95
C ASN A 319 -20.17 53.52 -5.63
N ASP A 320 -20.77 54.70 -5.65
CA ASP A 320 -21.33 55.27 -4.43
C ASP A 320 -22.81 54.92 -4.23
N GLY A 321 -23.36 54.01 -5.02
CA GLY A 321 -24.65 53.40 -4.71
C GLY A 321 -25.85 53.99 -5.43
N LYS A 322 -25.67 54.95 -6.32
CA LYS A 322 -26.80 55.48 -7.09
C LYS A 322 -27.24 54.46 -8.13
N PRO A 323 -28.53 54.16 -8.23
CA PRO A 323 -28.97 53.27 -9.32
C PRO A 323 -28.79 53.94 -10.67
N LYS A 324 -28.28 53.17 -11.63
CA LYS A 324 -28.13 53.66 -13.00
C LYS A 324 -29.42 53.45 -13.79
N PRO A 325 -29.55 54.13 -14.95
CA PRO A 325 -30.77 53.99 -15.77
C PRO A 325 -31.14 52.54 -16.10
N GLU A 326 -30.16 51.69 -16.38
CA GLU A 326 -30.48 50.29 -16.64
C GLU A 326 -30.98 49.57 -15.40
N ALA A 327 -30.59 50.03 -14.20
CA ALA A 327 -31.13 49.41 -12.99
C ALA A 327 -32.63 49.62 -12.87
N LEU A 328 -33.10 50.85 -13.16
CA LEU A 328 -34.53 51.11 -13.09
C LEU A 328 -35.26 50.41 -14.24
N ALA A 329 -34.63 50.34 -15.40
CA ALA A 329 -35.23 49.60 -16.51
C ALA A 329 -35.39 48.12 -16.16
N LEU A 330 -34.39 47.53 -15.51
CA LEU A 330 -34.51 46.13 -15.09
C LEU A 330 -35.60 45.97 -14.05
N SER A 331 -35.72 46.93 -13.12
CA SER A 331 -36.73 46.84 -12.08
C SER A 331 -38.14 46.81 -12.67
N ASP A 332 -38.36 47.54 -13.77
CA ASP A 332 -39.66 47.52 -14.46
C ASP A 332 -39.91 46.19 -15.15
N MET A 333 -38.87 45.58 -15.72
CA MET A 333 -39.00 44.29 -16.40
C MET A 333 -39.32 43.15 -15.46
N LEU A 334 -39.28 43.36 -14.13
CA LEU A 334 -39.25 42.23 -13.20
C LEU A 334 -40.57 41.46 -13.18
N PRO A 335 -41.73 42.13 -13.19
CA PRO A 335 -42.98 41.37 -13.36
C PRO A 335 -42.96 40.47 -14.59
N ASP A 336 -42.61 41.01 -15.77
CA ASP A 336 -42.52 40.16 -16.96
C ASP A 336 -41.54 39.00 -16.78
N LEU A 337 -40.43 39.22 -16.06
CA LEU A 337 -39.45 38.15 -15.94
C LEU A 337 -39.87 37.09 -14.93
N HIS A 338 -40.48 37.50 -13.81
CA HIS A 338 -40.95 36.51 -12.84
C HIS A 338 -42.03 35.62 -13.44
N ASN A 339 -42.85 36.17 -14.33
CA ASN A 339 -43.96 35.39 -14.88
C ASN A 339 -43.50 34.48 -16.01
N ALA A 340 -42.58 34.95 -16.85
CA ALA A 340 -41.90 34.12 -17.85
C ALA A 340 -42.89 33.33 -18.70
N GLN A 341 -43.69 34.07 -19.45
CA GLN A 341 -44.64 33.48 -20.37
C GLN A 341 -43.91 32.61 -21.39
N PRO A 342 -44.06 31.28 -21.34
CA PRO A 342 -43.37 30.43 -22.31
C PRO A 342 -43.87 30.68 -23.72
N GLN A 343 -43.15 30.11 -24.68
CA GLN A 343 -43.59 30.13 -26.07
C GLN A 343 -43.15 28.85 -26.74
N HIS A 344 -44.13 28.11 -27.27
CA HIS A 344 -43.83 26.93 -28.06
C HIS A 344 -43.25 27.36 -29.41
N GLN A 345 -42.00 26.98 -29.68
CA GLN A 345 -41.35 27.34 -30.94
C GLN A 345 -41.67 26.27 -31.97
N LEU A 346 -42.37 26.66 -33.04
CA LEU A 346 -42.79 25.74 -34.10
C LEU A 346 -42.01 26.00 -35.38
N ASP A 347 -40.74 26.36 -35.26
CA ASP A 347 -39.92 26.72 -36.40
C ASP A 347 -39.13 25.52 -36.92
N GLU A 348 -38.48 25.71 -38.05
CA GLU A 348 -37.46 24.81 -38.57
C GLU A 348 -36.13 25.20 -37.92
N PRO A 349 -35.61 24.41 -36.97
CA PRO A 349 -34.36 24.80 -36.30
C PRO A 349 -33.20 24.92 -37.28
N LEU A 350 -32.38 25.96 -37.07
CA LEU A 350 -31.14 26.12 -37.83
C LEU A 350 -30.14 25.05 -37.41
N GLU A 351 -29.57 24.35 -38.39
CA GLU A 351 -28.78 23.16 -38.11
C GLU A 351 -27.29 23.47 -38.18
N PHE A 352 -26.52 22.76 -37.35
CA PHE A 352 -25.08 22.82 -37.40
C PHE A 352 -24.52 21.46 -37.04
N SER A 353 -23.31 21.18 -37.56
CA SER A 353 -22.64 19.91 -37.35
C SER A 353 -21.47 20.12 -36.40
N ALA A 354 -21.37 19.26 -35.39
CA ALA A 354 -20.27 19.30 -34.44
C ALA A 354 -20.19 17.94 -33.76
N ASN A 355 -19.07 17.69 -33.09
CA ASN A 355 -18.81 16.37 -32.53
C ASN A 355 -19.15 16.32 -31.05
N TRP A 356 -19.94 15.33 -30.67
CA TRP A 356 -20.42 15.23 -29.30
C TRP A 356 -19.30 14.85 -28.33
N ASP A 357 -18.42 13.93 -28.75
CA ASP A 357 -17.39 13.42 -27.84
C ASP A 357 -16.31 14.47 -27.62
N THR A 358 -15.81 15.07 -28.69
CA THR A 358 -14.63 15.94 -28.66
C THR A 358 -14.95 17.42 -28.76
N GLY A 359 -16.14 17.79 -29.19
CA GLY A 359 -16.44 19.18 -29.46
C GLY A 359 -15.88 19.69 -30.77
N ALA A 360 -15.29 18.83 -31.60
CA ALA A 360 -14.72 19.30 -32.86
C ALA A 360 -15.81 19.86 -33.76
N GLY A 361 -15.48 20.94 -34.47
CA GLY A 361 -16.41 21.59 -35.37
C GLY A 361 -17.36 22.60 -34.72
N ARG A 362 -17.30 22.75 -33.40
CA ARG A 362 -18.17 23.69 -32.71
C ARG A 362 -17.94 25.14 -33.12
N SER A 363 -16.82 25.47 -33.76
CA SER A 363 -16.55 26.85 -34.17
C SER A 363 -17.50 27.34 -35.27
N VAL A 364 -18.26 26.44 -35.90
CA VAL A 364 -19.27 26.87 -36.86
C VAL A 364 -20.33 27.76 -36.20
N CYS A 365 -20.44 27.70 -34.88
CA CYS A 365 -21.39 28.50 -34.13
C CYS A 365 -20.85 29.86 -33.71
N SER A 366 -19.59 30.15 -33.99
CA SER A 366 -18.93 31.36 -33.50
C SER A 366 -19.64 32.61 -33.98
N PRO A 367 -19.59 33.70 -33.19
CA PRO A 367 -20.18 34.96 -33.64
C PRO A 367 -19.54 35.53 -34.89
N MET A 368 -18.38 35.03 -35.31
CA MET A 368 -17.74 35.44 -36.57
C MET A 368 -18.25 34.66 -37.77
N GLY A 369 -19.08 33.63 -37.57
CA GLY A 369 -19.50 32.74 -38.62
C GLY A 369 -20.86 33.10 -39.22
N ASP A 370 -21.24 32.32 -40.24
CA ASP A 370 -22.48 32.60 -40.97
C ASP A 370 -23.70 32.20 -40.16
N LEU A 371 -23.60 31.12 -39.38
CA LEU A 371 -24.75 30.64 -38.62
C LEU A 371 -25.27 31.70 -37.65
N PHE A 372 -24.38 32.33 -36.89
CA PHE A 372 -24.83 33.36 -35.96
C PHE A 372 -25.44 34.55 -36.70
N ALA A 373 -24.84 34.93 -37.83
CA ALA A 373 -25.38 36.03 -38.61
C ALA A 373 -26.79 35.73 -39.13
N GLN A 374 -27.02 34.50 -39.61
CA GLN A 374 -28.36 34.13 -40.09
C GLN A 374 -29.33 34.02 -38.95
N TRP A 375 -28.89 33.50 -37.80
CA TRP A 375 -29.74 33.42 -36.62
C TRP A 375 -30.28 34.80 -36.25
N VAL A 376 -29.37 35.79 -36.15
CA VAL A 376 -29.77 37.15 -35.82
C VAL A 376 -30.70 37.71 -36.90
N ASP A 377 -30.36 37.50 -38.17
CA ASP A 377 -31.21 37.98 -39.27
C ASP A 377 -32.63 37.43 -39.14
N GLN A 378 -32.75 36.13 -38.89
CA GLN A 378 -34.08 35.54 -38.78
C GLN A 378 -34.80 36.02 -37.53
N ALA A 379 -34.07 36.15 -36.42
CA ALA A 379 -34.67 36.67 -35.19
C ALA A 379 -35.23 38.07 -35.39
N GLU A 380 -34.49 38.93 -36.09
CA GLU A 380 -34.97 40.29 -36.32
C GLU A 380 -36.15 40.31 -37.27
N GLN A 381 -36.08 39.50 -38.33
CA GLN A 381 -37.14 39.44 -39.35
C GLN A 381 -38.46 38.96 -38.75
N THR A 382 -38.41 37.91 -37.94
CA THR A 382 -39.62 37.30 -37.41
C THR A 382 -40.02 37.84 -36.05
N GLY A 383 -39.06 38.39 -35.30
CA GLY A 383 -39.29 38.72 -33.91
C GLY A 383 -39.27 37.53 -32.99
N ARG A 384 -38.99 36.34 -33.51
CA ARG A 384 -38.98 35.11 -32.73
C ARG A 384 -37.56 34.55 -32.69
N ALA A 385 -37.11 34.16 -31.51
CA ALA A 385 -35.80 33.52 -31.40
C ALA A 385 -35.80 32.19 -32.14
N PRO A 386 -34.96 32.01 -33.15
CA PRO A 386 -34.87 30.70 -33.81
C PRO A 386 -34.28 29.64 -32.90
N ARG A 387 -34.79 28.43 -33.03
CA ARG A 387 -34.14 27.30 -32.40
C ARG A 387 -32.89 26.88 -33.19
N LEU A 388 -31.99 26.15 -32.52
CA LEU A 388 -30.83 25.54 -33.14
C LEU A 388 -30.96 24.03 -33.01
N ALA A 389 -30.30 23.31 -33.93
CA ALA A 389 -30.32 21.85 -33.87
C ALA A 389 -28.95 21.30 -34.21
N LEU A 390 -28.45 20.39 -33.38
CA LEU A 390 -27.17 19.74 -33.59
C LEU A 390 -27.34 18.49 -34.45
N ARG A 391 -26.50 18.36 -35.48
CA ARG A 391 -26.34 17.13 -36.25
C ARG A 391 -25.02 16.49 -35.83
N PRO A 392 -25.02 15.46 -34.98
CA PRO A 392 -23.74 14.94 -34.46
C PRO A 392 -22.89 14.34 -35.58
N THR A 393 -21.63 14.78 -35.66
CA THR A 393 -20.69 14.26 -36.65
C THR A 393 -20.13 12.91 -36.21
N PRO A 394 -19.69 12.07 -37.16
CA PRO A 394 -19.31 10.68 -36.81
C PRO A 394 -18.10 10.56 -35.89
N GLY A 395 -17.00 11.23 -36.22
CA GLY A 395 -15.78 11.11 -35.44
C GLY A 395 -14.52 10.95 -36.26
N MET B 1 30.29 42.71 16.70
CA MET B 1 29.44 42.27 15.61
C MET B 1 28.05 41.96 16.13
N LYS B 2 27.01 42.34 15.37
CA LYS B 2 25.63 42.04 15.74
C LYS B 2 25.23 40.66 15.26
N ILE B 3 24.41 39.96 16.05
CA ILE B 3 23.99 38.59 15.75
C ILE B 3 22.48 38.50 15.91
N GLY B 4 21.82 38.01 14.86
CA GLY B 4 20.37 38.02 14.87
C GLY B 4 19.75 36.89 14.07
N ALA B 5 18.46 37.02 13.76
CA ALA B 5 17.75 35.93 13.09
C ALA B 5 16.75 36.47 12.09
N ASN B 6 16.63 35.76 10.98
CA ASN B 6 15.53 35.97 10.06
C ASN B 6 14.24 35.41 10.68
N TYR B 7 13.23 36.27 10.87
CA TYR B 7 12.08 35.84 11.67
C TYR B 7 11.08 35.08 10.81
N THR B 8 10.88 33.80 11.11
CA THR B 8 9.86 32.96 10.47
C THR B 8 8.83 32.59 11.54
N PRO B 9 7.66 33.24 11.57
CA PRO B 9 6.72 33.02 12.67
C PRO B 9 6.44 31.55 12.91
N SER B 10 6.52 31.12 14.19
CA SER B 10 6.28 29.70 14.47
C SER B 10 4.83 29.32 14.18
N GLN B 11 3.87 30.14 14.62
CA GLN B 11 2.44 29.91 14.39
C GLN B 11 2.06 30.58 13.06
N GLY B 12 1.89 29.77 12.02
CA GLY B 12 1.38 30.25 10.73
C GLY B 12 2.44 30.54 9.67
N TRP B 13 3.71 30.60 10.05
CA TRP B 13 4.77 30.99 9.11
C TRP B 13 4.37 32.39 8.63
N PHE B 14 4.65 32.74 7.37
CA PHE B 14 4.29 34.09 6.94
C PHE B 14 2.81 34.23 6.66
N HIS B 15 2.05 33.13 6.64
CA HIS B 15 0.61 33.23 6.56
C HIS B 15 0.01 33.77 7.84
N SER B 16 0.83 33.89 8.89
CA SER B 16 0.39 34.52 10.14
C SER B 16 -0.02 35.95 9.93
N TRP B 17 0.53 36.62 8.89
CA TRP B 17 0.14 38.00 8.65
C TRP B 17 -1.37 38.15 8.40
N LEU B 18 -2.05 37.09 7.95
CA LEU B 18 -3.49 37.16 7.69
C LEU B 18 -4.32 37.08 8.97
N ASP B 19 -3.80 36.42 10.01
CA ASP B 19 -4.47 36.23 11.28
C ASP B 19 -3.50 36.57 12.41
N LEU B 20 -3.01 37.81 12.43
CA LEU B 20 -1.87 38.17 13.28
C LEU B 20 -2.22 38.09 14.76
N ASP B 21 -1.42 37.34 15.52
CA ASP B 21 -1.64 37.05 16.93
C ASP B 21 -0.41 37.60 17.64
N ILE B 22 -0.50 38.82 18.19
CA ILE B 22 0.70 39.50 18.68
C ILE B 22 1.27 38.78 19.91
N ASP B 23 0.44 38.08 20.67
CA ASP B 23 0.96 37.37 21.82
C ASP B 23 1.80 36.17 21.39
N ALA B 24 1.41 35.49 20.30
CA ALA B 24 2.27 34.46 19.72
C ALA B 24 3.58 35.05 19.20
N THR B 25 3.49 36.21 18.56
CA THR B 25 4.69 36.93 18.14
C THR B 25 5.61 37.19 19.32
N ARG B 26 5.04 37.71 20.41
CA ARG B 26 5.86 38.02 21.59
C ARG B 26 6.57 36.77 22.11
N ARG B 27 5.90 35.62 22.10
CA ARG B 27 6.55 34.40 22.58
C ARG B 27 7.71 34.01 21.67
N ASP B 28 7.58 34.23 20.36
CA ASP B 28 8.72 33.98 19.45
C ASP B 28 9.89 34.90 19.77
N PHE B 29 9.61 36.20 19.91
CA PHE B 29 10.68 37.17 20.14
C PHE B 29 11.32 36.98 21.52
N GLU B 30 10.52 36.65 22.52
CA GLU B 30 11.10 36.32 23.83
C GLU B 30 12.16 35.24 23.71
N GLY B 31 11.87 34.20 22.92
CA GLY B 31 12.82 33.12 22.74
C GLY B 31 14.09 33.59 22.05
N ILE B 32 13.92 34.40 21.00
CA ILE B 32 15.06 34.93 20.27
C ILE B 32 15.91 35.80 21.19
N ALA B 33 15.26 36.68 21.94
CA ALA B 33 16.00 37.54 22.86
C ALA B 33 16.64 36.73 23.98
N GLN B 34 15.98 35.67 24.44
CA GLN B 34 16.53 34.82 25.49
C GLN B 34 17.86 34.19 25.08
N LEU B 35 18.03 33.86 23.80
CA LEU B 35 19.29 33.33 23.31
C LEU B 35 20.43 34.34 23.38
N GLY B 36 20.11 35.62 23.48
CA GLY B 36 21.12 36.65 23.37
C GLY B 36 21.16 37.33 22.03
N LEU B 37 20.31 36.94 21.08
CA LEU B 37 20.30 37.62 19.79
C LEU B 37 19.75 39.04 19.97
N ASP B 38 20.18 39.94 19.08
CA ASP B 38 19.89 41.35 19.25
C ASP B 38 19.11 41.96 18.10
N HIS B 39 18.81 41.21 17.04
CA HIS B 39 18.03 41.78 15.94
C HIS B 39 17.26 40.69 15.20
N VAL B 40 16.23 41.14 14.49
CA VAL B 40 15.47 40.30 13.56
C VAL B 40 15.30 41.04 12.23
N ARG B 41 15.07 40.24 11.19
CA ARG B 41 14.75 40.69 9.85
C ARG B 41 13.33 40.23 9.55
N LEU B 42 12.45 41.17 9.16
CA LEU B 42 11.02 40.92 9.02
C LEU B 42 10.62 40.87 7.55
N PHE B 43 9.59 40.05 7.24
CA PHE B 43 9.15 39.85 5.86
C PHE B 43 7.65 40.03 5.66
N PRO B 44 7.19 41.26 5.42
CA PRO B 44 5.78 41.45 5.06
C PRO B 44 5.52 40.98 3.63
N LEU B 45 4.26 40.65 3.34
CA LEU B 45 3.88 40.03 2.08
C LEU B 45 3.30 41.04 1.11
N TRP B 46 3.85 41.08 -0.10
CA TRP B 46 3.43 42.05 -1.11
C TRP B 46 1.93 41.96 -1.45
N PRO B 47 1.33 40.78 -1.66
CA PRO B 47 -0.10 40.75 -1.96
C PRO B 47 -0.99 41.27 -0.83
N LEU B 48 -0.51 41.24 0.42
CA LEU B 48 -1.29 41.79 1.52
C LEU B 48 -1.10 43.29 1.66
N LEU B 49 0.13 43.77 1.46
CA LEU B 49 0.38 45.22 1.49
C LEU B 49 -0.31 45.96 0.34
N GLN B 50 -0.28 45.37 -0.85
CA GLN B 50 -0.66 46.06 -2.08
C GLN B 50 -1.42 45.11 -2.99
N PRO B 51 -2.67 44.75 -2.63
CA PRO B 51 -3.43 43.76 -3.42
C PRO B 51 -3.84 44.27 -4.79
N ASN B 52 -3.96 45.59 -4.92
CA ASN B 52 -4.11 46.28 -6.20
C ASN B 52 -3.10 47.43 -6.17
N ARG B 53 -2.58 47.81 -7.35
CA ARG B 53 -1.53 48.82 -7.35
C ARG B 53 -1.97 50.10 -6.66
N GLY B 54 -3.23 50.46 -6.76
CA GLY B 54 -3.73 51.66 -6.12
C GLY B 54 -4.25 51.48 -4.72
N LEU B 55 -4.09 50.30 -4.12
CA LEU B 55 -4.56 50.04 -2.76
C LEU B 55 -3.40 49.53 -1.91
N VAL B 56 -2.69 50.45 -1.24
CA VAL B 56 -1.75 50.07 -0.19
C VAL B 56 -2.54 50.05 1.12
N ARG B 57 -2.68 48.88 1.72
CA ARG B 57 -3.63 48.73 2.82
C ARG B 57 -3.07 49.31 4.12
N PRO B 58 -3.74 50.31 4.73
CA PRO B 58 -3.23 50.84 6.01
C PRO B 58 -3.20 49.81 7.12
N ARG B 59 -4.19 48.91 7.17
CA ARG B 59 -4.18 47.88 8.20
C ARG B 59 -3.03 46.90 8.03
N ALA B 60 -2.60 46.64 6.79
CA ALA B 60 -1.41 45.83 6.59
C ALA B 60 -0.17 46.52 7.14
N LEU B 61 -0.03 47.82 6.87
CA LEU B 61 1.10 48.56 7.44
C LEU B 61 1.01 48.60 8.97
N ASP B 62 -0.21 48.79 9.51
CA ASP B 62 -0.39 48.73 10.95
C ASP B 62 0.13 47.42 11.52
N ASP B 63 -0.13 46.31 10.81
CA ASP B 63 0.31 44.99 11.28
C ASP B 63 1.83 44.90 11.30
N VAL B 64 2.50 45.40 10.26
CA VAL B 64 3.97 45.46 10.27
C VAL B 64 4.45 46.22 11.51
N VAL B 65 3.86 47.37 11.79
CA VAL B 65 4.33 48.18 12.91
C VAL B 65 4.10 47.47 14.24
N SER B 66 2.97 46.76 14.38
CA SER B 66 2.74 45.98 15.60
C SER B 66 3.86 44.98 15.83
N VAL B 67 4.31 44.29 14.78
CA VAL B 67 5.38 43.33 14.96
C VAL B 67 6.69 44.04 15.29
N VAL B 68 6.95 45.19 14.65
CA VAL B 68 8.13 45.98 15.00
C VAL B 68 8.12 46.34 16.48
N ARG B 69 6.96 46.79 17.00
CA ARG B 69 6.88 47.19 18.40
C ARG B 69 6.97 45.99 19.33
N ALA B 70 6.45 44.83 18.92
CA ALA B 70 6.65 43.62 19.71
C ALA B 70 8.14 43.30 19.86
N ALA B 71 8.90 43.41 18.76
CA ALA B 71 10.34 43.16 18.84
C ALA B 71 11.01 44.16 19.77
N GLY B 72 10.55 45.41 19.75
CA GLY B 72 11.12 46.42 20.63
C GLY B 72 10.95 46.12 22.10
N GLU B 73 9.86 45.44 22.47
CA GLU B 73 9.66 45.02 23.86
C GLU B 73 10.82 44.16 24.35
N PHE B 74 11.37 43.33 23.48
CA PHE B 74 12.46 42.45 23.85
C PHE B 74 13.82 42.98 23.40
N ASP B 75 13.90 44.29 23.15
CA ASP B 75 15.13 45.01 22.80
C ASP B 75 15.75 44.45 21.52
N LEU B 76 14.92 44.09 20.56
CA LEU B 76 15.39 43.57 19.29
C LEU B 76 15.33 44.69 18.27
N GLU B 77 16.47 45.01 17.68
CA GLU B 77 16.54 45.91 16.53
C GLU B 77 15.93 45.23 15.31
N VAL B 78 15.32 46.02 14.41
CA VAL B 78 14.51 45.49 13.32
C VAL B 78 14.95 46.08 11.98
N THR B 79 15.05 45.23 10.94
CA THR B 79 14.99 45.71 9.56
C THR B 79 13.87 44.98 8.86
N VAL B 80 13.33 45.60 7.81
CA VAL B 80 12.17 45.08 7.10
C VAL B 80 12.51 44.98 5.62
N ASP B 81 12.27 43.81 5.04
CA ASP B 81 12.35 43.62 3.60
C ASP B 81 11.04 44.09 2.95
N ALA B 82 11.12 44.99 1.96
CA ALA B 82 9.92 45.68 1.49
C ALA B 82 9.08 44.86 0.50
N LEU B 83 9.72 44.16 -0.45
CA LEU B 83 9.01 43.49 -1.53
C LEU B 83 9.23 41.98 -1.46
N ASN B 84 8.30 41.29 -0.80
CA ASN B 84 8.31 39.83 -0.72
C ASN B 84 6.95 39.37 -1.26
N GLY B 85 6.92 38.88 -2.49
CA GLY B 85 8.13 38.55 -3.22
C GLY B 85 8.51 37.10 -2.98
N HIS B 86 9.81 36.81 -2.89
CA HIS B 86 10.26 35.43 -2.86
C HIS B 86 10.64 34.99 -1.45
N LEU B 87 10.05 33.90 -0.97
CA LEU B 87 10.36 33.37 0.36
C LEU B 87 10.33 31.85 0.31
N SER B 88 11.50 31.22 0.47
CA SER B 88 11.58 29.78 0.74
C SER B 88 10.87 28.93 -0.32
N SER B 89 11.12 29.26 -1.60
CA SER B 89 10.65 28.63 -2.83
C SER B 89 9.30 29.15 -3.29
N TYR B 90 8.61 29.96 -2.49
CA TYR B 90 7.31 30.50 -2.86
C TYR B 90 7.45 31.94 -3.36
N ASP B 91 6.67 32.29 -4.37
CA ASP B 91 6.55 33.67 -4.83
C ASP B 91 5.20 34.21 -4.37
N PHE B 92 5.25 35.33 -3.65
CA PHE B 92 4.07 36.08 -3.18
C PHE B 92 3.94 37.30 -4.08
N LEU B 93 3.12 37.19 -5.13
CA LEU B 93 2.98 38.23 -6.13
C LEU B 93 1.53 38.69 -6.19
N PRO B 94 1.27 39.98 -6.12
CA PRO B 94 -0.11 40.46 -6.29
C PRO B 94 -0.64 40.11 -7.66
N PRO B 95 -1.96 40.01 -7.82
CA PRO B 95 -2.51 39.63 -9.13
C PRO B 95 -2.15 40.61 -10.24
N TRP B 96 -1.91 41.87 -9.92
CA TRP B 96 -1.67 42.87 -10.95
C TRP B 96 -0.26 42.79 -11.54
N VAL B 97 0.55 41.78 -11.19
CA VAL B 97 1.81 41.57 -11.88
C VAL B 97 1.94 40.17 -12.47
N ILE B 98 0.88 39.37 -12.45
CA ILE B 98 0.99 38.00 -12.95
C ILE B 98 -0.01 37.74 -14.09
N THR B 99 0.19 36.60 -14.75
CA THR B 99 -0.61 36.04 -15.85
C THR B 99 -1.05 37.13 -16.82
N TRP B 100 -2.36 37.39 -16.91
CA TRP B 100 -2.80 38.39 -17.89
C TRP B 100 -2.22 39.78 -17.63
N HIS B 101 -1.80 40.06 -16.40
CA HIS B 101 -1.21 41.33 -16.04
C HIS B 101 0.31 41.26 -15.93
N THR B 102 0.94 40.29 -16.60
CA THR B 102 2.40 40.20 -16.58
C THR B 102 3.01 41.45 -17.18
N SER B 103 3.83 42.08 -16.35
N SER B 103 4.08 41.99 -16.57
CA SER B 103 4.67 43.20 -16.69
CA SER B 103 4.80 43.06 -17.26
C SER B 103 6.02 42.93 -16.03
C SER B 103 6.29 42.83 -17.25
N ASN B 104 7.00 43.67 -16.49
CA ASN B 104 8.38 43.44 -16.12
C ASN B 104 8.57 44.00 -14.72
N LEU B 105 9.04 43.18 -13.78
CA LEU B 105 9.13 43.63 -12.39
C LEU B 105 10.28 44.61 -12.16
N PHE B 106 11.17 44.82 -13.16
CA PHE B 106 12.28 45.74 -13.02
C PHE B 106 12.19 46.97 -13.92
N THR B 107 11.46 46.90 -15.03
CA THR B 107 11.45 48.01 -15.96
C THR B 107 10.08 48.56 -16.31
N ASP B 108 8.99 47.87 -16.00
CA ASP B 108 7.67 48.42 -16.35
C ASP B 108 7.43 49.70 -15.57
N PRO B 109 7.11 50.81 -16.23
CA PRO B 109 6.97 52.08 -15.51
C PRO B 109 5.88 52.08 -14.45
N LEU B 110 4.77 51.38 -14.71
CA LEU B 110 3.69 51.37 -13.74
C LEU B 110 3.99 50.43 -12.57
N VAL B 111 4.64 49.30 -12.85
CA VAL B 111 5.11 48.42 -11.76
C VAL B 111 6.07 49.17 -10.86
N LYS B 112 7.05 49.87 -11.47
CA LYS B 112 7.99 50.64 -10.67
C LYS B 112 7.27 51.72 -9.87
N ALA B 113 6.27 52.38 -10.47
CA ALA B 113 5.51 53.37 -9.70
C ALA B 113 4.80 52.74 -8.50
N GLY B 114 4.23 51.55 -8.69
CA GLY B 114 3.60 50.86 -7.56
C GLY B 114 4.61 50.47 -6.49
N GLN B 115 5.76 49.93 -6.91
CA GLN B 115 6.79 49.53 -5.94
C GLN B 115 7.26 50.74 -5.12
N THR B 116 7.53 51.88 -5.78
CA THR B 116 8.01 53.03 -5.02
C THR B 116 6.94 53.59 -4.09
N ASP B 117 5.65 53.48 -4.47
CA ASP B 117 4.56 53.90 -3.59
C ASP B 117 4.55 53.07 -2.31
N LEU B 118 4.55 51.74 -2.46
CA LEU B 118 4.58 50.86 -1.30
C LEU B 118 5.82 51.13 -0.43
N ILE B 119 6.98 51.24 -1.06
CA ILE B 119 8.22 51.44 -0.30
C ILE B 119 8.17 52.76 0.45
N SER B 120 7.63 53.80 -0.20
N SER B 120 7.59 53.79 -0.17
CA SER B 120 7.47 55.10 0.45
CA SER B 120 7.52 55.08 0.48
C SER B 120 6.64 54.98 1.71
C SER B 120 6.60 55.05 1.69
N GLN B 121 5.46 54.35 1.59
CA GLN B 121 4.53 54.30 2.71
C GLN B 121 5.09 53.46 3.85
N LEU B 122 5.76 52.36 3.52
CA LEU B 122 6.46 51.56 4.52
C LEU B 122 7.51 52.38 5.25
N ALA B 123 8.35 53.08 4.49
CA ALA B 123 9.43 53.86 5.09
C ALA B 123 8.89 54.95 6.01
N THR B 124 7.78 55.58 5.62
CA THR B 124 7.17 56.62 6.44
C THR B 124 6.68 56.08 7.77
N ARG B 125 6.15 54.84 7.78
CA ARG B 125 5.78 54.24 9.06
C ARG B 125 7.03 53.87 9.86
N LEU B 126 8.01 53.25 9.21
CA LEU B 126 9.10 52.63 9.96
C LEU B 126 10.05 53.67 10.53
N ARG B 127 10.21 54.82 9.89
CA ARG B 127 11.10 55.84 10.42
C ARG B 127 10.68 56.31 11.79
N GLU B 128 9.42 56.12 12.17
CA GLU B 128 8.95 56.56 13.48
C GLU B 128 9.23 55.56 14.60
N GLU B 129 9.71 54.36 14.28
CA GLU B 129 9.90 53.37 15.33
C GLU B 129 11.36 53.33 15.77
N PRO B 130 11.63 53.46 17.08
CA PRO B 130 13.03 53.65 17.51
C PRO B 130 13.93 52.45 17.27
N ASN B 131 13.40 51.24 17.21
CA ASN B 131 14.23 50.05 17.05
C ASN B 131 14.37 49.61 15.60
N ALA B 132 13.72 50.32 14.68
CA ALA B 132 13.81 50.03 13.24
C ALA B 132 15.01 50.77 12.67
N THR B 133 15.92 50.04 12.03
CA THR B 133 17.17 50.57 11.53
C THR B 133 17.17 50.84 10.03
N GLY B 134 16.39 50.09 9.27
CA GLY B 134 16.34 50.29 7.84
C GLY B 134 15.56 49.20 7.15
N MET B 135 15.69 49.17 5.82
CA MET B 135 14.93 48.27 4.97
C MET B 135 15.84 47.68 3.90
N THR B 136 15.56 46.43 3.54
CA THR B 136 16.09 45.79 2.36
C THR B 136 15.01 45.85 1.29
N VAL B 137 15.42 46.00 0.02
CA VAL B 137 14.41 46.21 -1.01
CA VAL B 137 14.44 46.18 -1.04
C VAL B 137 13.44 45.03 -1.08
N GLY B 138 13.92 43.81 -0.85
CA GLY B 138 13.06 42.65 -0.86
C GLY B 138 13.89 41.38 -0.77
N ASN B 139 13.30 40.27 -0.32
CA ASN B 139 14.11 39.07 -0.12
C ASN B 139 14.50 38.46 -1.46
N GLU B 140 15.80 38.52 -1.77
CA GLU B 140 16.35 37.92 -2.99
C GLU B 140 15.54 38.29 -4.23
N PHE B 141 15.01 39.52 -4.25
CA PHE B 141 14.21 39.99 -5.39
C PHE B 141 14.91 39.82 -6.74
N PRO B 142 16.24 39.93 -6.83
CA PRO B 142 16.89 39.64 -8.12
C PRO B 142 16.61 38.24 -8.69
N GLN B 143 16.12 37.28 -7.89
CA GLN B 143 15.80 35.99 -8.49
C GLN B 143 14.67 36.08 -9.52
N TYR B 144 13.90 37.18 -9.55
CA TYR B 144 12.91 37.34 -10.63
C TYR B 144 13.57 37.58 -11.98
N ALA B 145 14.89 37.81 -12.01
CA ALA B 145 15.67 37.88 -13.24
C ALA B 145 16.53 36.63 -13.48
N ALA B 146 16.40 35.60 -12.64
CA ALA B 146 17.28 34.42 -12.74
C ALA B 146 17.17 33.75 -14.11
N LEU B 147 18.33 33.46 -14.70
CA LEU B 147 18.43 32.94 -16.06
C LEU B 147 19.48 31.83 -16.19
N ALA B 148 20.01 31.29 -15.08
CA ALA B 148 21.06 30.26 -15.11
C ALA B 148 20.47 28.90 -15.49
N PRO B 149 21.25 28.06 -16.16
CA PRO B 149 20.72 26.74 -16.58
C PRO B 149 20.13 25.92 -15.43
N GLY B 150 20.74 25.98 -14.25
CA GLY B 150 20.19 25.26 -13.11
C GLY B 150 19.26 26.05 -12.22
N HIS B 151 18.99 27.31 -12.56
CA HIS B 151 18.18 28.19 -11.74
C HIS B 151 17.70 29.37 -12.58
N HIS B 152 16.61 29.16 -13.33
CA HIS B 152 16.07 30.21 -14.19
C HIS B 152 14.59 30.36 -13.88
N HIS B 153 14.15 31.61 -13.68
CA HIS B 153 12.83 31.82 -13.13
C HIS B 153 11.77 31.48 -14.17
N PRO B 154 10.75 30.69 -13.81
CA PRO B 154 9.76 30.26 -14.81
C PRO B 154 8.98 31.41 -15.46
N THR B 155 8.77 32.53 -14.76
CA THR B 155 8.22 33.71 -15.41
C THR B 155 9.21 34.88 -15.31
N ARG B 156 10.44 34.64 -15.76
CA ARG B 156 11.54 35.59 -15.61
C ARG B 156 11.22 36.97 -16.18
N SER B 157 11.73 38.02 -15.54
CA SER B 157 11.66 39.39 -16.07
C SER B 157 12.98 39.73 -16.76
N GLU B 158 12.94 39.95 -18.07
CA GLU B 158 14.13 40.35 -18.81
C GLU B 158 14.69 41.65 -18.25
N CYS B 159 16.02 41.73 -18.17
CA CYS B 159 16.65 42.81 -17.45
C CYS B 159 18.10 42.90 -17.87
N THR B 160 18.53 44.07 -18.29
CA THR B 160 19.95 44.29 -18.56
C THR B 160 20.66 44.74 -17.29
N VAL B 161 21.99 44.79 -17.37
CA VAL B 161 22.80 45.25 -16.24
C VAL B 161 22.41 46.67 -15.85
N ASP B 162 22.29 47.57 -16.82
CA ASP B 162 21.93 48.95 -16.52
C ASP B 162 20.49 49.07 -16.02
N ASP B 163 19.57 48.26 -16.55
CA ASP B 163 18.22 48.20 -15.98
C ASP B 163 18.26 47.84 -14.49
N ALA B 164 19.08 46.84 -14.15
CA ALA B 164 19.19 46.42 -12.75
C ALA B 164 19.66 47.57 -11.86
N GLN B 165 20.68 48.32 -12.31
CA GLN B 165 21.17 49.45 -11.53
C GLN B 165 20.13 50.55 -11.40
N THR B 166 19.39 50.83 -12.48
CA THR B 166 18.37 51.88 -12.43
C THR B 166 17.25 51.52 -11.46
N TRP B 167 16.86 50.24 -11.44
CA TRP B 167 15.84 49.79 -10.49
C TRP B 167 16.31 49.94 -9.05
N LEU B 168 17.55 49.50 -8.77
CA LEU B 168 18.07 49.66 -7.41
C LEU B 168 18.14 51.11 -7.00
N GLU B 169 18.61 51.99 -7.89
CA GLU B 169 18.72 53.38 -7.51
C GLU B 169 17.35 54.00 -7.27
N THR B 170 16.33 53.55 -7.99
CA THR B 170 14.97 54.06 -7.77
C THR B 170 14.43 53.61 -6.42
N MET B 171 14.57 52.33 -6.10
CA MET B 171 14.01 51.81 -4.86
C MET B 171 14.78 52.32 -3.64
N LEU B 172 16.10 52.25 -3.68
CA LEU B 172 16.92 52.71 -2.57
C LEU B 172 16.80 54.23 -2.41
N GLY B 173 16.72 54.97 -3.52
CA GLY B 173 16.53 56.40 -3.45
C GLY B 173 15.23 56.81 -2.80
N THR B 174 14.14 56.08 -3.10
CA THR B 174 12.87 56.34 -2.43
C THR B 174 12.99 56.17 -0.93
N MET B 175 13.64 55.10 -0.49
CA MET B 175 13.81 54.91 0.95
C MET B 175 14.57 56.09 1.57
N ARG B 176 15.66 56.50 0.92
CA ARG B 176 16.49 57.58 1.45
C ARG B 176 15.72 58.88 1.49
N ASP B 177 14.89 59.13 0.47
CA ASP B 177 14.09 60.35 0.43
C ASP B 177 13.12 60.42 1.59
N GLN B 178 12.50 59.29 1.95
CA GLN B 178 11.49 59.27 2.98
C GLN B 178 12.05 59.03 4.37
N TRP B 179 13.27 58.51 4.49
CA TRP B 179 13.83 58.08 5.77
C TRP B 179 15.32 58.35 5.76
N PRO B 180 15.73 59.62 5.88
CA PRO B 180 17.15 59.96 5.71
C PRO B 180 18.08 59.33 6.74
N ASP B 181 17.61 59.06 7.95
CA ASP B 181 18.47 58.42 8.95
C ASP B 181 18.56 56.92 8.78
N GLY B 182 17.79 56.34 7.88
CA GLY B 182 17.80 54.90 7.71
C GLY B 182 19.05 54.40 7.01
N ARG B 183 19.25 53.09 7.08
CA ARG B 183 20.24 52.39 6.28
C ARG B 183 19.51 51.39 5.39
N PHE B 184 19.98 51.21 4.15
CA PHE B 184 19.21 50.48 3.16
C PHE B 184 20.13 49.53 2.38
N TRP B 185 19.57 48.39 1.95
CA TRP B 185 20.36 47.30 1.37
C TRP B 185 19.55 46.61 0.27
N PHE B 186 20.24 45.81 -0.54
CA PHE B 186 19.55 44.76 -1.28
C PHE B 186 20.31 43.44 -1.10
N GLY B 187 19.54 42.35 -1.17
CA GLY B 187 20.07 41.02 -0.94
C GLY B 187 19.69 40.09 -2.08
N PHE B 188 20.37 38.94 -2.13
CA PHE B 188 20.31 38.15 -3.36
C PHE B 188 20.91 36.78 -3.11
N ASP B 189 20.44 35.80 -3.89
CA ASP B 189 21.11 34.50 -3.90
C ASP B 189 22.44 34.62 -4.66
N ASP B 190 23.23 33.53 -4.68
CA ASP B 190 24.60 33.69 -5.14
C ASP B 190 24.74 33.60 -6.66
N ASP B 191 23.64 33.60 -7.41
CA ASP B 191 23.75 33.86 -8.85
C ASP B 191 24.46 35.18 -9.13
N LEU B 192 24.27 36.18 -8.25
CA LEU B 192 24.95 37.46 -8.46
C LEU B 192 26.47 37.30 -8.41
N TRP B 193 26.97 36.36 -7.60
CA TRP B 193 28.41 36.15 -7.50
C TRP B 193 28.94 35.23 -8.60
N PHE B 194 28.11 34.31 -9.09
CA PHE B 194 28.60 33.13 -9.80
C PHE B 194 28.08 32.94 -11.22
N VAL B 195 27.07 33.69 -11.65
CA VAL B 195 26.43 33.47 -12.95
C VAL B 195 26.79 34.63 -13.87
N ASP B 196 27.54 34.35 -14.93
CA ASP B 196 28.17 35.42 -15.72
C ASP B 196 27.15 36.39 -16.30
N ASP B 197 26.01 35.89 -16.77
CA ASP B 197 25.07 36.74 -17.47
C ASP B 197 23.95 37.27 -16.57
N HIS B 198 23.97 36.92 -15.28
CA HIS B 198 22.98 37.44 -14.34
C HIS B 198 23.05 38.97 -14.31
N PRO B 199 21.93 39.68 -14.51
CA PRO B 199 22.00 41.14 -14.71
C PRO B 199 22.31 41.93 -13.45
N PHE B 200 22.11 41.37 -12.27
CA PHE B 200 22.62 42.00 -11.06
C PHE B 200 24.04 41.51 -10.82
N THR B 201 24.96 42.45 -10.66
CA THR B 201 26.40 42.14 -10.71
C THR B 201 27.08 42.36 -9.37
N PRO B 202 28.28 41.80 -9.19
CA PRO B 202 29.04 42.11 -7.98
C PRO B 202 29.31 43.59 -7.82
N ARG B 203 29.53 44.30 -8.92
CA ARG B 203 29.64 45.75 -8.85
C ARG B 203 28.44 46.38 -8.16
N HIS B 204 27.22 45.96 -8.55
CA HIS B 204 26.02 46.44 -7.89
C HIS B 204 26.06 46.12 -6.39
N ALA B 205 26.46 44.90 -6.05
CA ALA B 205 26.43 44.43 -4.66
C ALA B 205 27.32 45.28 -3.76
N VAL B 206 28.48 45.71 -4.27
CA VAL B 206 29.44 46.43 -3.43
C VAL B 206 29.31 47.94 -3.56
N THR B 207 28.41 48.44 -4.40
CA THR B 207 28.22 49.87 -4.54
C THR B 207 26.83 50.36 -4.16
N GLN B 208 25.80 49.52 -4.23
CA GLN B 208 24.45 49.98 -3.89
C GLN B 208 24.12 49.70 -2.44
N GLY B 209 23.45 50.65 -1.78
CA GLY B 209 23.04 50.48 -0.40
C GLY B 209 24.18 50.69 0.58
N SER B 210 23.91 50.41 1.86
CA SER B 210 24.80 50.79 2.95
C SER B 210 25.90 49.77 3.23
N ALA B 211 25.72 48.52 2.81
CA ALA B 211 26.69 47.47 3.04
C ALA B 211 26.46 46.39 2.01
N THR B 212 27.54 45.68 1.68
CA THR B 212 27.42 44.48 0.86
C THR B 212 26.78 43.37 1.67
N THR B 213 25.74 42.75 1.12
CA THR B 213 25.12 41.60 1.75
C THR B 213 25.58 40.31 1.11
N VAL B 214 25.46 39.24 1.87
CA VAL B 214 25.73 37.88 1.40
C VAL B 214 24.64 36.98 1.95
N HIS B 215 24.13 36.09 1.09
CA HIS B 215 23.34 34.94 1.51
C HIS B 215 24.17 33.70 1.22
N SER B 216 24.36 32.85 2.23
CA SER B 216 25.27 31.70 2.13
C SER B 216 24.50 30.40 2.31
N TRP B 217 24.30 29.68 1.21
CA TRP B 217 23.52 28.44 1.22
C TRP B 217 24.33 27.35 0.54
N VAL B 218 24.59 26.27 1.27
CA VAL B 218 25.48 25.22 0.76
C VAL B 218 24.74 24.07 0.10
N PHE B 219 23.41 24.05 0.12
CA PHE B 219 22.70 22.85 -0.32
C PHE B 219 22.64 22.71 -1.84
N ALA B 220 22.79 23.80 -2.60
CA ALA B 220 22.63 23.70 -4.05
C ALA B 220 23.89 23.20 -4.74
N GLN B 221 25.07 23.65 -4.32
CA GLN B 221 26.28 23.29 -5.07
C GLN B 221 27.38 22.76 -4.16
N VAL B 222 27.68 23.50 -3.08
CA VAL B 222 28.81 23.13 -2.23
C VAL B 222 28.63 21.73 -1.66
N GLY B 223 27.46 21.47 -1.09
CA GLY B 223 27.16 20.18 -0.51
C GLY B 223 27.19 19.03 -1.50
N PRO B 224 26.51 19.19 -2.66
CA PRO B 224 26.59 18.13 -3.67
C PRO B 224 28.00 17.82 -4.12
N ARG B 225 28.84 18.83 -4.32
CA ARG B 225 30.19 18.57 -4.81
C ARG B 225 31.09 18.00 -3.72
N PHE B 226 31.05 18.58 -2.52
CA PHE B 226 32.02 18.24 -1.48
C PHE B 226 31.50 17.26 -0.44
N GLY B 227 30.20 17.24 -0.17
CA GLY B 227 29.59 16.20 0.62
C GLY B 227 29.52 16.51 2.11
N GLU B 228 28.69 15.73 2.79
CA GLU B 228 28.51 15.86 4.23
C GLU B 228 29.86 15.81 4.96
N GLY B 229 30.00 16.67 5.98
CA GLY B 229 31.20 16.69 6.81
C GLY B 229 32.42 17.38 6.22
N HIS B 230 32.41 17.74 4.94
CA HIS B 230 33.58 18.38 4.34
C HIS B 230 33.73 19.81 4.86
N PRO B 231 34.98 20.30 5.01
CA PRO B 231 35.20 21.67 5.49
C PRO B 231 34.59 22.76 4.61
N ALA B 232 34.43 22.53 3.31
CA ALA B 232 33.84 23.57 2.47
C ALA B 232 32.46 23.97 2.97
N LEU B 233 31.75 23.06 3.66
CA LEU B 233 30.42 23.38 4.18
C LEU B 233 30.46 24.53 5.17
N THR B 234 31.51 24.59 6.01
CA THR B 234 31.61 25.60 7.06
C THR B 234 32.45 26.81 6.64
N TRP B 235 33.25 26.69 5.59
CA TRP B 235 34.04 27.80 5.07
C TRP B 235 33.29 28.64 4.04
N PHE B 236 32.14 28.16 3.56
CA PHE B 236 31.48 28.86 2.46
C PHE B 236 31.13 30.31 2.77
N PRO B 237 30.50 30.65 3.89
CA PRO B 237 30.16 32.09 4.09
C PRO B 237 31.41 32.97 4.17
N ARG B 238 32.48 32.50 4.80
CA ARG B 238 33.70 33.30 4.84
C ARG B 238 34.24 33.52 3.43
N TYR B 239 34.16 32.49 2.59
CA TYR B 239 34.59 32.63 1.20
C TYR B 239 33.79 33.71 0.48
N LEU B 240 32.46 33.66 0.61
CA LEU B 240 31.61 34.65 -0.03
C LEU B 240 31.96 36.06 0.45
N LEU B 241 32.21 36.23 1.74
CA LEU B 241 32.54 37.56 2.26
C LEU B 241 33.90 38.03 1.75
N GLU B 242 34.88 37.12 1.65
CA GLU B 242 36.16 37.52 1.06
C GLU B 242 36.01 37.85 -0.41
N LEU B 243 35.08 37.18 -1.10
CA LEU B 243 34.77 37.53 -2.48
C LEU B 243 34.15 38.93 -2.55
N ALA B 244 33.19 39.21 -1.66
CA ALA B 244 32.62 40.55 -1.58
C ALA B 244 33.70 41.60 -1.33
N ARG B 245 34.65 41.30 -0.43
CA ARG B 245 35.71 42.25 -0.14
C ARG B 245 36.63 42.44 -1.34
N ALA B 246 36.91 41.35 -2.07
CA ALA B 246 37.75 41.46 -3.26
C ALA B 246 37.12 42.37 -4.32
N TRP B 247 35.80 42.31 -4.47
CA TRP B 247 35.14 43.09 -5.50
C TRP B 247 35.09 44.58 -5.17
N SER B 248 35.15 44.93 -3.90
CA SER B 248 35.01 46.33 -3.50
C SER B 248 36.32 47.09 -3.71
N HIS B 249 36.19 48.32 -4.20
CA HIS B 249 37.30 49.28 -4.28
C HIS B 249 37.45 50.10 -3.01
N ASP B 250 36.55 49.93 -2.04
CA ASP B 250 36.52 50.74 -0.83
C ASP B 250 36.87 49.88 0.38
N PRO B 251 38.01 50.13 1.03
CA PRO B 251 38.36 49.33 2.21
C PRO B 251 37.41 49.54 3.38
N GLU B 252 36.63 50.61 3.37
CA GLU B 252 35.68 50.90 4.44
C GLU B 252 34.28 50.36 4.16
N ARG B 253 34.08 49.66 3.06
CA ARG B 253 32.74 49.13 2.72
C ARG B 253 32.34 48.04 3.71
N PRO B 254 31.27 48.23 4.48
CA PRO B 254 30.85 47.21 5.45
C PRO B 254 30.15 46.04 4.76
N LEU B 255 30.01 44.95 5.52
CA LEU B 255 29.43 43.70 5.04
C LEU B 255 28.39 43.24 6.03
N TRP B 256 27.33 42.61 5.50
CA TRP B 256 26.30 42.00 6.33
C TRP B 256 26.04 40.59 5.80
N LEU B 257 26.33 39.58 6.63
CA LEU B 257 25.96 38.20 6.31
C LEU B 257 24.49 38.07 6.69
N GLN B 258 23.63 38.39 5.72
CA GLN B 258 22.21 38.55 5.96
C GLN B 258 21.47 37.20 6.04
N GLU B 259 22.01 36.14 5.45
CA GLU B 259 21.45 34.79 5.57
C GLU B 259 22.57 33.76 5.62
N VAL B 260 22.48 32.88 6.62
CA VAL B 260 23.32 31.69 6.69
C VAL B 260 22.53 30.64 7.45
N GLY B 261 22.71 29.37 7.08
CA GLY B 261 21.96 28.33 7.76
C GLY B 261 22.57 26.96 7.52
N ALA B 262 21.94 25.95 8.11
CA ALA B 262 22.47 24.60 8.15
C ALA B 262 21.46 23.64 7.52
N PRO B 263 21.45 23.50 6.19
CA PRO B 263 20.45 22.65 5.55
C PRO B 263 20.70 21.17 5.84
N ARG B 264 19.63 20.47 6.26
CA ARG B 264 19.70 19.07 6.65
C ARG B 264 19.94 18.15 5.47
N THR B 265 20.02 18.69 4.26
CA THR B 265 20.49 17.90 3.13
C THR B 265 21.93 17.47 3.34
N HIS B 266 22.72 18.29 4.03
CA HIS B 266 24.14 18.01 4.19
C HIS B 266 24.65 18.26 5.59
N VAL B 267 23.80 18.73 6.50
CA VAL B 267 24.15 18.94 7.90
C VAL B 267 23.07 18.30 8.75
N PRO B 268 23.27 17.06 9.20
CA PRO B 268 22.24 16.40 10.02
C PRO B 268 22.01 17.14 11.33
N ASP B 269 20.85 16.86 11.95
CA ASP B 269 20.54 17.45 13.24
C ASP B 269 21.69 17.27 14.23
N SER B 270 22.36 16.12 14.18
CA SER B 270 23.41 15.81 15.15
C SER B 270 24.75 16.43 14.77
N SER B 271 24.89 17.03 13.59
CA SER B 271 26.07 17.81 13.25
C SER B 271 25.83 19.32 13.34
N SER B 272 24.62 19.73 13.71
CA SER B 272 24.23 21.14 13.57
C SER B 272 24.99 22.02 14.55
N ALA B 273 25.09 21.59 15.81
CA ALA B 273 25.82 22.37 16.81
C ALA B 273 27.27 22.59 16.39
N ALA B 274 27.94 21.52 15.95
CA ALA B 274 29.33 21.66 15.52
C ALA B 274 29.45 22.53 14.27
N PHE B 275 28.48 22.43 13.35
CA PHE B 275 28.46 23.29 12.18
C PHE B 275 28.35 24.75 12.59
N MET B 276 27.47 25.03 13.55
CA MET B 276 27.27 26.40 14.02
C MET B 276 28.56 26.95 14.62
N THR B 277 29.23 26.14 15.44
CA THR B 277 30.46 26.57 16.10
C THR B 277 31.59 26.80 15.08
N THR B 278 31.82 25.83 14.20
CA THR B 278 32.91 25.96 13.22
C THR B 278 32.65 27.12 12.26
N THR B 279 31.41 27.23 11.76
CA THR B 279 31.10 28.33 10.85
C THR B 279 31.31 29.67 11.54
N MET B 280 30.77 29.84 12.74
CA MET B 280 30.87 31.12 13.45
C MET B 280 32.31 31.46 13.78
N ALA B 281 33.09 30.46 14.19
CA ALA B 281 34.50 30.72 14.52
C ALA B 281 35.26 31.23 13.32
N SER B 282 34.92 30.76 12.12
CA SER B 282 35.63 31.18 10.92
C SER B 282 35.16 32.55 10.41
N LEU B 283 34.19 33.19 11.08
CA LEU B 283 33.70 34.49 10.66
C LEU B 283 34.14 35.64 11.55
N THR B 284 34.50 35.36 12.81
CA THR B 284 34.75 36.42 13.78
C THR B 284 35.78 37.43 13.30
N SER B 285 36.77 36.98 12.53
CA SER B 285 37.88 37.86 12.14
C SER B 285 37.65 38.59 10.82
N THR B 286 36.46 38.48 10.23
CA THR B 286 36.21 39.04 8.90
C THR B 286 36.26 40.56 8.96
N PRO B 287 37.16 41.21 8.22
CA PRO B 287 37.22 42.68 8.24
C PRO B 287 35.94 43.28 7.67
N GLY B 288 35.37 44.24 8.39
CA GLY B 288 34.20 44.98 7.95
C GLY B 288 32.86 44.32 8.20
N LEU B 289 32.83 43.13 8.81
CA LEU B 289 31.57 42.39 9.00
C LEU B 289 30.83 42.96 10.19
N GLU B 290 29.67 43.57 9.94
CA GLU B 290 28.90 44.27 10.97
C GLU B 290 27.85 43.39 11.63
N ALA B 291 27.36 42.36 10.95
CA ALA B 291 26.25 41.58 11.49
C ALA B 291 26.20 40.23 10.80
N ILE B 292 25.73 39.24 11.55
CA ILE B 292 25.36 37.92 11.01
C ILE B 292 23.91 37.66 11.37
N THR B 293 23.10 37.25 10.39
CA THR B 293 21.68 36.97 10.62
C THR B 293 21.41 35.52 10.20
N TRP B 294 21.04 34.68 11.18
CA TRP B 294 20.77 33.27 10.94
C TRP B 294 19.41 33.07 10.27
N TRP B 295 19.37 32.19 9.26
CA TRP B 295 18.10 31.68 8.73
C TRP B 295 17.89 30.28 9.30
N CYS B 296 16.92 30.12 10.20
CA CYS B 296 15.91 31.09 10.58
C CYS B 296 15.59 30.93 12.06
N SER B 297 14.65 31.71 12.56
CA SER B 297 14.38 31.69 14.00
C SER B 297 13.67 30.40 14.42
N HIS B 298 12.65 29.98 13.66
CA HIS B 298 11.76 28.90 14.07
C HIS B 298 11.48 27.94 12.93
N ASP B 299 11.50 26.64 13.24
CA ASP B 299 11.13 25.61 12.26
C ASP B 299 9.77 25.91 11.66
N VAL B 300 9.63 25.65 10.35
CA VAL B 300 8.33 25.75 9.68
C VAL B 300 7.45 24.59 10.09
N SER B 301 6.20 24.89 10.44
CA SER B 301 5.24 23.85 10.82
C SER B 301 5.02 22.84 9.71
N ARG B 302 5.12 21.55 10.05
CA ARG B 302 4.87 20.50 9.08
C ARG B 302 3.40 20.41 8.67
N ASP B 303 2.51 21.13 9.35
CA ASP B 303 1.16 21.27 8.85
C ASP B 303 1.10 22.07 7.55
N LEU B 304 2.14 22.84 7.24
CA LEU B 304 2.24 23.53 5.96
C LEU B 304 2.93 22.63 4.95
N LEU B 305 2.33 22.48 3.79
CA LEU B 305 2.71 21.49 2.79
C LEU B 305 3.51 22.09 1.65
N ASP B 306 4.07 21.21 0.83
CA ASP B 306 4.72 21.50 -0.45
C ASP B 306 6.04 22.30 -0.37
N PHE B 307 6.56 22.62 0.81
CA PHE B 307 7.92 23.16 0.88
C PHE B 307 8.93 22.11 0.42
N PRO B 308 10.03 22.52 -0.21
CA PRO B 308 11.23 21.67 -0.26
C PRO B 308 11.58 21.25 1.15
N GLU B 309 11.87 19.95 1.33
CA GLU B 309 11.86 19.41 2.68
C GLU B 309 12.91 20.07 3.56
N LEU B 310 14.01 20.53 2.99
CA LEU B 310 15.03 21.17 3.80
C LEU B 310 14.54 22.44 4.49
N GLU B 311 13.51 23.11 3.93
CA GLU B 311 13.08 24.39 4.51
C GLU B 311 12.50 24.21 5.90
N TYR B 312 12.00 23.02 6.24
CA TYR B 312 11.25 22.85 7.48
C TYR B 312 12.14 22.91 8.72
N SER B 313 13.40 22.49 8.62
CA SER B 313 14.22 22.26 9.80
C SER B 313 15.37 23.26 9.94
N LEU B 314 15.25 24.46 9.34
CA LEU B 314 16.29 25.49 9.41
C LEU B 314 16.24 26.35 10.67
N GLY B 315 15.28 26.12 11.56
CA GLY B 315 15.14 26.98 12.73
C GLY B 315 16.23 26.77 13.77
N LEU B 316 16.44 27.83 14.58
CA LEU B 316 17.17 27.72 15.83
C LEU B 316 16.27 27.15 16.94
N PHE B 317 14.96 27.32 16.80
CA PHE B 317 13.97 26.72 17.67
C PHE B 317 13.12 25.73 16.88
N THR B 318 12.66 24.68 17.56
CA THR B 318 11.63 23.85 16.97
C THR B 318 10.35 24.65 16.82
N ASN B 319 9.40 24.12 16.06
CA ASN B 319 8.16 24.85 15.86
C ASN B 319 7.44 25.06 17.19
N ASP B 320 7.56 24.11 18.12
CA ASP B 320 6.98 24.22 19.46
C ASP B 320 7.74 25.17 20.36
N GLY B 321 8.90 25.67 19.94
CA GLY B 321 9.62 26.70 20.69
C GLY B 321 10.77 26.20 21.54
N LYS B 322 11.21 24.95 21.34
CA LYS B 322 12.32 24.38 22.11
C LYS B 322 13.64 24.73 21.45
N PRO B 323 14.60 25.27 22.19
CA PRO B 323 15.91 25.58 21.58
C PRO B 323 16.62 24.31 21.11
N LYS B 324 17.14 24.37 19.90
CA LYS B 324 17.84 23.24 19.31
C LYS B 324 19.31 23.28 19.69
N PRO B 325 20.04 22.17 19.53
CA PRO B 325 21.47 22.17 19.92
C PRO B 325 22.28 23.31 19.32
N GLU B 326 22.03 23.70 18.07
CA GLU B 326 22.82 24.78 17.50
C GLU B 326 22.46 26.14 18.08
N ALA B 327 21.25 26.28 18.63
CA ALA B 327 20.88 27.51 19.32
C ALA B 327 21.78 27.74 20.53
N LEU B 328 22.02 26.70 21.33
CA LEU B 328 22.89 26.83 22.47
C LEU B 328 24.34 27.01 22.05
N ALA B 329 24.75 26.38 20.96
CA ALA B 329 26.09 26.60 20.45
C ALA B 329 26.27 28.06 20.02
N LEU B 330 25.23 28.66 19.44
CA LEU B 330 25.31 30.06 19.05
C LEU B 330 25.40 30.98 20.28
N SER B 331 24.57 30.75 21.29
CA SER B 331 24.67 31.54 22.52
C SER B 331 26.09 31.54 23.08
N ASP B 332 26.76 30.38 23.03
CA ASP B 332 28.12 30.27 23.55
C ASP B 332 29.13 31.08 22.74
N MET B 333 28.88 31.24 21.44
CA MET B 333 29.76 32.01 20.56
C MET B 333 29.56 33.52 20.67
N LEU B 334 28.50 33.99 21.34
CA LEU B 334 28.17 35.42 21.29
C LEU B 334 29.27 36.32 21.84
N PRO B 335 29.96 35.98 22.94
CA PRO B 335 31.11 36.80 23.35
C PRO B 335 32.18 36.93 22.28
N ASP B 336 32.59 35.82 21.66
CA ASP B 336 33.60 35.92 20.60
C ASP B 336 33.08 36.72 19.41
N LEU B 337 31.79 36.57 19.09
CA LEU B 337 31.23 37.32 17.96
C LEU B 337 31.11 38.80 18.28
N HIS B 338 30.64 39.15 19.48
CA HIS B 338 30.48 40.56 19.79
C HIS B 338 31.84 41.28 19.78
N ASN B 339 32.88 40.60 20.24
CA ASN B 339 34.19 41.25 20.33
C ASN B 339 34.91 41.29 18.98
N ALA B 340 34.81 40.22 18.19
CA ALA B 340 35.26 40.24 16.79
C ALA B 340 36.72 40.68 16.69
N GLN B 341 37.59 39.88 17.28
CA GLN B 341 39.03 40.07 17.26
C GLN B 341 39.51 40.19 15.82
N PRO B 342 39.96 41.37 15.38
CA PRO B 342 40.49 41.49 14.03
C PRO B 342 41.74 40.63 13.86
N GLN B 343 41.89 40.11 12.65
CA GLN B 343 43.15 39.49 12.25
C GLN B 343 43.53 40.10 10.92
N HIS B 344 44.72 40.69 10.88
CA HIS B 344 45.21 41.38 9.69
C HIS B 344 45.88 40.35 8.78
N GLN B 345 45.34 40.19 7.58
CA GLN B 345 45.75 39.11 6.68
C GLN B 345 46.97 39.54 5.87
N LEU B 346 48.08 38.83 6.05
CA LEU B 346 49.31 39.09 5.31
C LEU B 346 49.59 38.00 4.30
N ASP B 347 48.54 37.41 3.74
CA ASP B 347 48.66 36.30 2.82
C ASP B 347 48.89 36.84 1.40
N GLU B 348 49.08 35.92 0.46
CA GLU B 348 49.12 36.25 -0.96
C GLU B 348 47.72 36.00 -1.53
N PRO B 349 46.96 37.05 -1.86
CA PRO B 349 45.56 36.83 -2.22
C PRO B 349 45.42 35.99 -3.48
N LEU B 350 44.47 35.05 -3.45
CA LEU B 350 44.16 34.25 -4.63
C LEU B 350 43.48 35.13 -5.67
N GLU B 351 44.05 35.18 -6.86
CA GLU B 351 43.59 36.11 -7.88
C GLU B 351 42.55 35.45 -8.77
N PHE B 352 41.70 36.29 -9.34
CA PHE B 352 40.76 35.91 -10.39
C PHE B 352 40.49 37.15 -11.22
N SER B 353 40.10 36.94 -12.47
CA SER B 353 39.74 38.03 -13.38
C SER B 353 38.26 37.93 -13.73
N ALA B 354 37.61 39.08 -13.77
CA ALA B 354 36.19 39.17 -14.06
C ALA B 354 35.89 40.63 -14.32
N ASN B 355 34.83 40.88 -15.10
CA ASN B 355 34.56 42.20 -15.64
C ASN B 355 33.75 43.05 -14.67
N TRP B 356 34.26 44.25 -14.38
CA TRP B 356 33.61 45.15 -13.43
C TRP B 356 32.26 45.65 -13.97
N ASP B 357 32.22 46.15 -15.20
CA ASP B 357 31.00 46.76 -15.73
C ASP B 357 29.90 45.71 -15.95
N THR B 358 30.26 44.51 -16.41
CA THR B 358 29.27 43.54 -16.86
C THR B 358 29.14 42.31 -15.97
N GLY B 359 30.13 42.04 -15.10
CA GLY B 359 30.13 40.81 -14.32
C GLY B 359 30.55 39.59 -15.10
N ALA B 360 30.96 39.73 -16.35
CA ALA B 360 31.39 38.59 -17.15
C ALA B 360 32.61 37.94 -16.53
N GLY B 361 32.68 36.61 -16.61
CA GLY B 361 33.79 35.86 -16.05
C GLY B 361 33.69 35.58 -14.57
N ARG B 362 32.64 36.06 -13.90
CA ARG B 362 32.49 35.82 -12.47
C ARG B 362 32.29 34.35 -12.15
N SER B 363 31.94 33.52 -13.13
CA SER B 363 31.72 32.11 -12.85
C SER B 363 33.00 31.38 -12.46
N VAL B 364 34.17 32.01 -12.64
CA VAL B 364 35.43 31.42 -12.18
C VAL B 364 35.42 31.21 -10.67
N CYS B 365 34.58 31.95 -9.94
CA CYS B 365 34.50 31.85 -8.48
C CYS B 365 33.51 30.80 -8.01
N SER B 366 32.78 30.16 -8.92
CA SER B 366 31.74 29.21 -8.56
C SER B 366 32.26 28.11 -7.64
N PRO B 367 31.42 27.63 -6.71
CA PRO B 367 31.81 26.47 -5.89
C PRO B 367 32.15 25.23 -6.71
N MET B 368 31.85 25.21 -8.00
CA MET B 368 32.15 24.06 -8.85
C MET B 368 33.54 24.12 -9.47
N GLY B 369 34.23 25.26 -9.35
CA GLY B 369 35.51 25.48 -10.00
C GLY B 369 36.73 25.28 -9.10
N ASP B 370 37.90 25.51 -9.71
CA ASP B 370 39.18 25.27 -9.04
C ASP B 370 39.43 26.27 -7.92
N LEU B 371 39.05 27.54 -8.16
CA LEU B 371 39.38 28.61 -7.24
C LEU B 371 38.79 28.36 -5.85
N PHE B 372 37.52 27.97 -5.79
CA PHE B 372 36.92 27.71 -4.49
C PHE B 372 37.54 26.49 -3.82
N ALA B 373 37.76 25.40 -4.57
CA ALA B 373 38.40 24.22 -3.98
C ALA B 373 39.79 24.57 -3.44
N GLN B 374 40.53 25.40 -4.16
CA GLN B 374 41.86 25.83 -3.73
C GLN B 374 41.78 26.74 -2.51
N TRP B 375 40.79 27.64 -2.48
CA TRP B 375 40.56 28.50 -1.31
C TRP B 375 40.31 27.67 -0.06
N VAL B 376 39.40 26.69 -0.16
CA VAL B 376 39.06 25.85 0.98
C VAL B 376 40.28 25.04 1.42
N ASP B 377 41.04 24.55 0.45
CA ASP B 377 42.21 23.74 0.78
C ASP B 377 43.22 24.54 1.58
N GLN B 378 43.45 25.80 1.19
CA GLN B 378 44.40 26.64 1.88
C GLN B 378 43.86 27.07 3.25
N ALA B 379 42.57 27.40 3.33
CA ALA B 379 41.98 27.78 4.61
C ALA B 379 42.09 26.64 5.61
N GLU B 380 41.90 25.40 5.15
CA GLU B 380 42.00 24.26 6.07
C GLU B 380 43.44 24.03 6.50
N GLN B 381 44.38 24.11 5.56
CA GLN B 381 45.77 23.78 5.88
C GLN B 381 46.41 24.85 6.77
N THR B 382 46.08 26.12 6.53
CA THR B 382 46.62 27.20 7.34
C THR B 382 45.77 27.53 8.55
N GLY B 383 44.46 27.22 8.51
CA GLY B 383 43.56 27.70 9.54
C GLY B 383 43.20 29.15 9.42
N ARG B 384 43.63 29.83 8.36
CA ARG B 384 43.38 31.25 8.15
C ARG B 384 42.63 31.44 6.84
N ALA B 385 41.57 32.22 6.89
CA ALA B 385 40.82 32.52 5.68
C ALA B 385 41.70 33.24 4.66
N PRO B 386 41.89 32.70 3.46
CA PRO B 386 42.60 33.46 2.42
C PRO B 386 41.81 34.66 1.91
N ARG B 387 42.55 35.71 1.57
CA ARG B 387 41.94 36.79 0.83
C ARG B 387 41.81 36.39 -0.64
N LEU B 388 40.91 37.10 -1.34
CA LEU B 388 40.77 37.02 -2.78
C LEU B 388 41.09 38.38 -3.37
N ALA B 389 41.47 38.40 -4.65
CA ALA B 389 41.86 39.64 -5.31
C ALA B 389 41.35 39.65 -6.74
N LEU B 390 40.75 40.77 -7.13
CA LEU B 390 40.24 40.95 -8.48
C LEU B 390 41.30 41.66 -9.30
N ARG B 391 41.84 40.98 -10.33
CA ARG B 391 42.86 41.58 -11.18
C ARG B 391 42.35 42.88 -11.80
N PRO B 392 43.16 43.96 -11.80
CA PRO B 392 42.73 45.29 -12.27
C PRO B 392 42.94 45.51 -13.76
N MET C 1 17.51 -2.84 -8.61
CA MET C 1 16.64 -3.71 -7.81
C MET C 1 16.21 -4.91 -8.64
N LYS C 2 16.25 -6.12 -8.05
CA LYS C 2 15.82 -7.31 -8.77
C LYS C 2 14.31 -7.49 -8.64
N ILE C 3 13.67 -7.99 -9.69
CA ILE C 3 12.24 -8.23 -9.71
C ILE C 3 12.01 -9.68 -10.14
N GLY C 4 11.22 -10.42 -9.37
CA GLY C 4 10.93 -11.79 -9.74
C GLY C 4 9.60 -12.29 -9.21
N ALA C 5 9.43 -13.61 -9.17
CA ALA C 5 8.14 -14.20 -8.81
C ALA C 5 8.33 -15.43 -7.92
N ASN C 6 7.40 -15.59 -7.00
CA ASN C 6 7.23 -16.86 -6.31
C ASN C 6 6.61 -17.87 -7.26
N TYR C 7 7.32 -18.99 -7.47
CA TYR C 7 6.92 -19.93 -8.52
C TYR C 7 5.87 -20.90 -8.00
N THR C 8 4.64 -20.77 -8.52
CA THR C 8 3.55 -21.70 -8.26
C THR C 8 3.28 -22.47 -9.55
N PRO C 9 3.74 -23.71 -9.69
CA PRO C 9 3.60 -24.42 -10.97
C PRO C 9 2.16 -24.39 -11.48
N SER C 10 1.99 -24.05 -12.75
CA SER C 10 0.63 -23.98 -13.29
C SER C 10 0.00 -25.36 -13.41
N GLN C 11 0.78 -26.38 -13.82
CA GLN C 11 0.26 -27.73 -13.97
C GLN C 11 0.48 -28.49 -12.66
N GLY C 12 -0.57 -28.62 -11.85
CA GLY C 12 -0.50 -29.38 -10.62
C GLY C 12 -0.16 -28.61 -9.37
N TRP C 13 0.16 -27.32 -9.48
CA TRP C 13 0.57 -26.51 -8.30
C TRP C 13 1.76 -27.21 -7.65
N PHE C 14 1.88 -27.22 -6.31
CA PHE C 14 3.03 -27.87 -5.73
C PHE C 14 2.91 -29.39 -5.76
N HIS C 15 1.73 -29.92 -6.07
CA HIS C 15 1.61 -31.36 -6.24
C HIS C 15 2.32 -31.83 -7.51
N SER C 16 2.68 -30.89 -8.39
CA SER C 16 3.49 -31.24 -9.56
C SER C 16 4.78 -31.97 -9.19
N TRP C 17 5.33 -31.71 -7.99
CA TRP C 17 6.55 -32.40 -7.58
C TRP C 17 6.41 -33.92 -7.63
N LEU C 18 5.18 -34.43 -7.48
CA LEU C 18 4.95 -35.87 -7.48
C LEU C 18 5.00 -36.46 -8.90
N ASP C 19 4.73 -35.62 -9.91
CA ASP C 19 4.64 -36.05 -11.29
C ASP C 19 5.37 -35.02 -12.15
N LEU C 20 6.65 -34.80 -11.86
CA LEU C 20 7.34 -33.63 -12.39
C LEU C 20 7.50 -33.74 -13.90
N ASP C 21 6.97 -32.75 -14.62
CA ASP C 21 7.05 -32.65 -16.07
C ASP C 21 7.91 -31.42 -16.36
N ILE C 22 9.21 -31.64 -16.59
CA ILE C 22 10.14 -30.53 -16.77
C ILE C 22 9.79 -29.68 -17.99
N ASP C 23 9.06 -30.25 -18.95
CA ASP C 23 8.61 -29.46 -20.10
C ASP C 23 7.57 -28.44 -19.68
N ALA C 24 6.62 -28.83 -18.81
CA ALA C 24 5.70 -27.85 -18.26
C ALA C 24 6.44 -26.81 -17.43
N THR C 25 7.43 -27.25 -16.65
CA THR C 25 8.26 -26.31 -15.89
C THR C 25 8.87 -25.27 -16.82
N ARG C 26 9.39 -25.72 -17.96
CA ARG C 26 10.03 -24.81 -18.91
C ARG C 26 9.05 -23.79 -19.47
N ARG C 27 7.82 -24.20 -19.78
CA ARG C 27 6.84 -23.26 -20.30
C ARG C 27 6.50 -22.19 -19.27
N ASP C 28 6.46 -22.56 -17.99
CA ASP C 28 6.21 -21.57 -16.94
C ASP C 28 7.36 -20.57 -16.85
N PHE C 29 8.60 -21.06 -16.83
CA PHE C 29 9.75 -20.19 -16.66
C PHE C 29 9.97 -19.32 -17.89
N GLU C 30 9.61 -19.83 -19.07
CA GLU C 30 9.68 -19.02 -20.28
C GLU C 30 8.74 -17.82 -20.20
N GLY C 31 7.52 -18.02 -19.71
CA GLY C 31 6.63 -16.89 -19.50
C GLY C 31 7.22 -15.87 -18.53
N ILE C 32 7.72 -16.34 -17.39
CA ILE C 32 8.27 -15.45 -16.38
C ILE C 32 9.43 -14.65 -16.95
N ALA C 33 10.35 -15.32 -17.64
CA ALA C 33 11.52 -14.63 -18.20
C ALA C 33 11.10 -13.68 -19.32
N GLN C 34 10.15 -14.09 -20.15
CA GLN C 34 9.69 -13.21 -21.23
C GLN C 34 9.08 -11.91 -20.70
N LEU C 35 8.60 -11.89 -19.46
CA LEU C 35 8.13 -10.65 -18.85
C LEU C 35 9.26 -9.71 -18.47
N GLY C 36 10.50 -10.19 -18.43
CA GLY C 36 11.60 -9.41 -17.91
C GLY C 36 11.93 -9.68 -16.47
N LEU C 37 11.19 -10.55 -15.79
CA LEU C 37 11.55 -10.95 -14.44
C LEU C 37 12.86 -11.73 -14.45
N ASP C 38 13.65 -11.56 -13.38
CA ASP C 38 14.99 -12.11 -13.34
C ASP C 38 15.22 -13.20 -12.29
N HIS C 39 14.25 -13.47 -11.41
CA HIS C 39 14.46 -14.52 -10.42
C HIS C 39 13.14 -15.19 -10.04
N VAL C 40 13.25 -16.40 -9.47
CA VAL C 40 12.13 -17.12 -8.90
C VAL C 40 12.52 -17.64 -7.52
N ARG C 41 11.48 -17.90 -6.72
CA ARG C 41 11.60 -18.51 -5.40
C ARG C 41 10.86 -19.83 -5.46
N LEU C 42 11.50 -20.92 -5.00
CA LEU C 42 11.02 -22.29 -5.21
C LEU C 42 10.63 -22.94 -3.89
N PHE C 43 9.63 -23.82 -3.93
CA PHE C 43 9.05 -24.45 -2.73
C PHE C 43 8.97 -25.97 -2.83
N PRO C 44 10.04 -26.66 -2.50
CA PRO C 44 9.96 -28.13 -2.39
C PRO C 44 9.22 -28.53 -1.12
N LEU C 45 8.65 -29.73 -1.15
CA LEU C 45 7.70 -30.16 -0.11
C LEU C 45 8.39 -31.05 0.90
N TRP C 46 8.24 -30.71 2.19
CA TRP C 46 8.93 -31.45 3.24
C TRP C 46 8.58 -32.93 3.28
N PRO C 47 7.31 -33.36 3.14
CA PRO C 47 7.01 -34.79 3.16
C PRO C 47 7.58 -35.57 1.97
N LEU C 48 7.84 -34.91 0.85
CA LEU C 48 8.48 -35.57 -0.28
C LEU C 48 9.99 -35.66 -0.09
N LEU C 49 10.59 -34.60 0.44
CA LEU C 49 12.03 -34.60 0.69
C LEU C 49 12.43 -35.57 1.80
N GLN C 50 11.62 -35.66 2.86
CA GLN C 50 12.00 -36.35 4.10
C GLN C 50 10.77 -37.05 4.67
N PRO C 51 10.33 -38.13 4.02
CA PRO C 51 9.08 -38.79 4.45
C PRO C 51 9.22 -39.51 5.78
N ASN C 52 10.45 -39.88 6.13
CA ASN C 52 10.84 -40.37 7.43
C ASN C 52 12.10 -39.61 7.82
N ARG C 53 12.31 -39.40 9.12
CA ARG C 53 13.45 -38.58 9.52
C ARG C 53 14.77 -39.14 8.99
N GLY C 54 14.90 -40.46 8.93
CA GLY C 54 16.10 -41.09 8.41
C GLY C 54 16.19 -41.23 6.90
N LEU C 55 15.20 -40.77 6.16
CA LEU C 55 15.13 -40.94 4.72
C LEU C 55 14.99 -39.58 4.04
N VAL C 56 16.10 -38.95 3.70
CA VAL C 56 16.12 -37.81 2.79
C VAL C 56 16.25 -38.37 1.38
N ARG C 57 15.20 -38.24 0.59
CA ARG C 57 15.13 -38.96 -0.68
C ARG C 57 16.06 -38.32 -1.71
N PRO C 58 17.06 -39.05 -2.22
CA PRO C 58 17.94 -38.46 -3.24
C PRO C 58 17.20 -38.11 -4.52
N ARG C 59 16.16 -38.86 -4.90
CA ARG C 59 15.41 -38.51 -6.10
C ARG C 59 14.61 -37.22 -5.90
N ALA C 60 14.14 -36.94 -4.68
CA ALA C 60 13.49 -35.66 -4.42
C ALA C 60 14.49 -34.52 -4.55
N LEU C 61 15.71 -34.72 -4.05
CA LEU C 61 16.77 -33.73 -4.24
C LEU C 61 17.10 -33.55 -5.72
N ASP C 62 17.18 -34.65 -6.47
CA ASP C 62 17.38 -34.54 -7.93
C ASP C 62 16.28 -33.72 -8.58
N ASP C 63 15.02 -33.94 -8.18
CA ASP C 63 13.92 -33.20 -8.79
C ASP C 63 14.03 -31.70 -8.53
N VAL C 64 14.43 -31.31 -7.31
CA VAL C 64 14.65 -29.90 -7.01
C VAL C 64 15.73 -29.32 -7.91
N VAL C 65 16.84 -30.05 -8.07
CA VAL C 65 17.94 -29.56 -8.89
C VAL C 65 17.50 -29.42 -10.34
N SER C 66 16.65 -30.33 -10.82
CA SER C 66 16.17 -30.25 -12.20
C SER C 66 15.39 -28.96 -12.45
N VAL C 67 14.60 -28.50 -11.47
CA VAL C 67 13.85 -27.26 -11.63
C VAL C 67 14.80 -26.06 -11.58
N VAL C 68 15.78 -26.09 -10.67
CA VAL C 68 16.80 -25.05 -10.62
C VAL C 68 17.47 -24.91 -11.98
N ARG C 69 17.80 -26.04 -12.61
CA ARG C 69 18.51 -25.98 -13.89
C ARG C 69 17.59 -25.52 -15.01
N ALA C 70 16.32 -25.92 -14.97
CA ALA C 70 15.37 -25.37 -15.94
C ALA C 70 15.28 -23.85 -15.83
N ALA C 71 15.27 -23.32 -14.62
CA ALA C 71 15.24 -21.86 -14.47
C ALA C 71 16.51 -21.23 -15.04
N GLY C 72 17.65 -21.91 -14.92
CA GLY C 72 18.88 -21.42 -15.50
C GLY C 72 18.84 -21.33 -17.00
N GLU C 73 18.11 -22.24 -17.66
CA GLU C 73 17.92 -22.16 -19.11
C GLU C 73 17.36 -20.82 -19.54
N PHE C 74 16.68 -20.11 -18.65
CA PHE C 74 16.09 -18.82 -18.96
C PHE C 74 16.75 -17.69 -18.20
N ASP C 75 17.98 -17.92 -17.71
CA ASP C 75 18.77 -16.93 -16.99
C ASP C 75 18.03 -16.42 -15.76
N LEU C 76 17.36 -17.32 -15.04
CA LEU C 76 16.63 -16.96 -13.83
C LEU C 76 17.44 -17.36 -12.61
N GLU C 77 17.75 -16.38 -11.77
CA GLU C 77 18.31 -16.61 -10.46
C GLU C 77 17.29 -17.33 -9.58
N VAL C 78 17.79 -18.15 -8.65
CA VAL C 78 16.92 -19.05 -7.88
C VAL C 78 17.27 -18.97 -6.40
N THR C 79 16.26 -18.91 -5.55
CA THR C 79 16.39 -19.27 -4.13
C THR C 79 15.39 -20.38 -3.82
N VAL C 80 15.69 -21.13 -2.77
CA VAL C 80 14.90 -22.30 -2.39
C VAL C 80 14.51 -22.16 -0.93
N ASP C 81 13.21 -22.26 -0.63
CA ASP C 81 12.76 -22.38 0.74
C ASP C 81 12.86 -23.85 1.17
N ALA C 82 13.51 -24.10 2.31
CA ALA C 82 13.91 -25.47 2.66
C ALA C 82 12.79 -26.29 3.29
N LEU C 83 12.04 -25.70 4.22
CA LEU C 83 11.06 -26.45 5.02
C LEU C 83 9.67 -25.91 4.70
N ASN C 84 9.01 -26.56 3.73
CA ASN C 84 7.60 -26.29 3.42
C ASN C 84 6.86 -27.61 3.61
N GLY C 85 6.13 -27.75 4.72
CA GLY C 85 5.81 -26.64 5.59
C GLY C 85 4.53 -25.96 5.15
N HIS C 86 4.45 -24.65 5.28
CA HIS C 86 3.18 -23.95 5.10
C HIS C 86 3.12 -23.28 3.73
N LEU C 87 2.05 -23.59 2.98
CA LEU C 87 1.86 -23.01 1.65
C LEU C 87 0.37 -22.73 1.44
N SER C 88 0.00 -21.43 1.36
CA SER C 88 -1.34 -21.02 0.91
C SER C 88 -2.46 -21.75 1.64
N SER C 89 -2.36 -21.79 2.98
CA SER C 89 -3.30 -22.31 3.96
C SER C 89 -3.07 -23.78 4.26
N TYR C 90 -2.27 -24.48 3.46
CA TYR C 90 -2.02 -25.91 3.66
C TYR C 90 -0.71 -26.12 4.42
N ASP C 91 -0.69 -27.11 5.30
CA ASP C 91 0.55 -27.53 5.95
C ASP C 91 0.96 -28.86 5.36
N PHE C 92 2.19 -28.92 4.86
CA PHE C 92 2.79 -30.12 4.28
C PHE C 92 3.78 -30.65 5.33
N LEU C 93 3.33 -31.57 6.16
CA LEU C 93 4.10 -32.03 7.30
C LEU C 93 4.31 -33.52 7.22
N PRO C 94 5.54 -34.02 7.37
CA PRO C 94 5.78 -35.47 7.32
C PRO C 94 5.08 -36.16 8.48
N PRO C 95 4.80 -37.47 8.36
CA PRO C 95 4.05 -38.15 9.43
C PRO C 95 4.80 -38.16 10.74
N TRP C 96 6.13 -38.09 10.70
CA TRP C 96 6.91 -38.16 11.92
C TRP C 96 6.90 -36.84 12.71
N VAL C 97 6.09 -35.84 12.35
CA VAL C 97 5.95 -34.66 13.20
C VAL C 97 4.51 -34.39 13.61
N ILE C 98 3.56 -35.26 13.24
CA ILE C 98 2.14 -34.99 13.50
C ILE C 98 1.53 -36.11 14.36
N THR C 99 0.32 -35.83 14.86
CA THR C 99 -0.54 -36.71 15.66
C THR C 99 0.23 -37.50 16.70
N TRP C 100 0.31 -38.83 16.56
CA TRP C 100 1.01 -39.61 17.58
C TRP C 100 2.48 -39.22 17.69
N HIS C 101 3.08 -38.70 16.62
CA HIS C 101 4.47 -38.27 16.60
C HIS C 101 4.63 -36.75 16.76
N THR C 102 3.67 -36.07 17.37
CA THR C 102 3.80 -34.64 17.58
C THR C 102 4.94 -34.35 18.56
N SER C 103 5.74 -33.32 18.29
N SER C 103 5.83 -33.50 18.07
CA SER C 103 6.68 -32.90 19.34
CA SER C 103 6.95 -32.97 18.81
C SER C 103 6.71 -31.39 19.48
C SER C 103 7.05 -31.51 18.40
N ASN C 104 7.84 -30.78 19.14
CA ASN C 104 7.93 -29.34 18.97
C ASN C 104 8.77 -29.04 17.74
N LEU C 105 8.22 -28.26 16.79
CA LEU C 105 8.94 -28.00 15.54
C LEU C 105 10.10 -27.01 15.70
N PHE C 106 10.23 -26.37 16.87
CA PHE C 106 11.32 -25.43 17.13
C PHE C 106 12.30 -25.90 18.21
N THR C 107 11.87 -26.77 19.12
CA THR C 107 12.69 -27.11 20.27
C THR C 107 12.99 -28.60 20.44
N ASP C 108 12.25 -29.50 19.79
CA ASP C 108 12.52 -30.94 19.97
C ASP C 108 13.88 -31.31 19.38
N PRO C 109 14.80 -31.90 20.15
CA PRO C 109 16.14 -32.17 19.61
C PRO C 109 16.14 -33.09 18.40
N LEU C 110 15.24 -34.07 18.34
CA LEU C 110 15.24 -34.99 17.21
C LEU C 110 14.64 -34.34 15.97
N VAL C 111 13.62 -33.50 16.13
CA VAL C 111 13.08 -32.77 14.97
C VAL C 111 14.13 -31.82 14.43
N LYS C 112 14.83 -31.11 15.33
CA LYS C 112 15.88 -30.20 14.87
C LYS C 112 16.99 -30.95 14.15
N ALA C 113 17.38 -32.14 14.66
CA ALA C 113 18.41 -32.91 13.95
C ALA C 113 17.92 -33.32 12.57
N GLY C 114 16.64 -33.63 12.43
CA GLY C 114 16.10 -33.95 11.11
C GLY C 114 16.11 -32.74 10.20
N GLN C 115 15.69 -31.59 10.72
CA GLN C 115 15.68 -30.37 9.91
C GLN C 115 17.08 -30.02 9.42
N THR C 116 18.07 -30.05 10.32
CA THR C 116 19.43 -29.69 9.89
C THR C 116 19.97 -30.70 8.88
N ASP C 117 19.62 -31.98 9.04
CA ASP C 117 20.05 -32.98 8.06
C ASP C 117 19.50 -32.66 6.67
N LEU C 118 18.20 -32.38 6.57
CA LEU C 118 17.61 -32.04 5.28
C LEU C 118 18.18 -30.74 4.73
N ILE C 119 18.30 -29.73 5.57
CA ILE C 119 18.84 -28.44 5.13
C ILE C 119 20.28 -28.61 4.64
N SER C 120 21.05 -29.47 5.32
CA SER C 120 22.43 -29.69 4.93
C SER C 120 22.53 -30.38 3.57
N GLN C 121 21.73 -31.43 3.34
CA GLN C 121 21.76 -32.10 2.05
C GLN C 121 21.28 -31.19 0.93
N LEU C 122 20.28 -30.35 1.21
CA LEU C 122 19.80 -29.39 0.22
C LEU C 122 20.89 -28.39 -0.14
N ALA C 123 21.50 -27.77 0.86
CA ALA C 123 22.55 -26.79 0.62
C ALA C 123 23.71 -27.40 -0.16
N THR C 124 24.05 -28.66 0.14
CA THR C 124 25.15 -29.32 -0.54
C THR C 124 24.84 -29.51 -2.03
N ARG C 125 23.59 -29.76 -2.39
CA ARG C 125 23.25 -29.88 -3.81
C ARG C 125 23.18 -28.53 -4.48
N LEU C 126 22.66 -27.51 -3.78
CA LEU C 126 22.40 -26.22 -4.41
C LEU C 126 23.67 -25.41 -4.63
N ARG C 127 24.69 -25.62 -3.78
CA ARG C 127 25.94 -24.88 -3.92
C ARG C 127 26.62 -25.13 -5.26
N GLU C 128 26.25 -26.20 -5.96
CA GLU C 128 26.84 -26.53 -7.25
C GLU C 128 26.09 -25.94 -8.43
N GLU C 129 24.97 -25.25 -8.20
CA GLU C 129 24.27 -24.67 -9.33
C GLU C 129 24.61 -23.19 -9.43
N PRO C 130 24.99 -22.71 -10.62
CA PRO C 130 25.48 -21.32 -10.70
C PRO C 130 24.40 -20.28 -10.48
N ASN C 131 23.16 -20.55 -10.88
CA ASN C 131 22.06 -19.60 -10.76
C ASN C 131 21.35 -19.67 -9.42
N ALA C 132 21.74 -20.59 -8.54
CA ALA C 132 21.17 -20.69 -7.20
C ALA C 132 21.96 -19.79 -6.26
N THR C 133 21.24 -18.89 -5.58
CA THR C 133 21.87 -17.86 -4.77
C THR C 133 21.76 -18.09 -3.27
N GLY C 134 20.77 -18.83 -2.82
CA GLY C 134 20.66 -19.08 -1.40
C GLY C 134 19.33 -19.72 -1.05
N MET C 135 19.05 -19.75 0.25
CA MET C 135 17.90 -20.48 0.76
C MET C 135 17.22 -19.68 1.85
N THR C 136 15.90 -19.78 1.90
CA THR C 136 15.13 -19.34 3.05
C THR C 136 14.80 -20.58 3.88
N VAL C 137 14.71 -20.41 5.20
CA VAL C 137 14.54 -21.58 6.07
CA VAL C 137 14.55 -21.60 6.05
C VAL C 137 13.26 -22.33 5.71
N GLY C 138 12.22 -21.62 5.32
CA GLY C 138 10.98 -22.24 4.94
C GLY C 138 9.90 -21.19 4.84
N ASN C 139 8.85 -21.46 4.07
CA ASN C 139 7.87 -20.40 3.82
C ASN C 139 7.07 -20.13 5.09
N GLU C 140 7.28 -18.95 5.67
CA GLU C 140 6.52 -18.50 6.84
C GLU C 140 6.50 -19.55 7.95
N PHE C 141 7.61 -20.28 8.11
CA PHE C 141 7.66 -21.34 9.11
C PHE C 141 7.30 -20.85 10.52
N PRO C 142 7.63 -19.59 10.92
CA PRO C 142 7.16 -19.11 12.22
C PRO C 142 5.67 -19.21 12.50
N GLN C 143 4.81 -19.43 11.49
CA GLN C 143 3.38 -19.54 11.77
C GLN C 143 3.04 -20.81 12.56
N TYR C 144 3.94 -21.79 12.59
CA TYR C 144 3.72 -22.94 13.48
C TYR C 144 3.76 -22.55 14.96
N ALA C 145 4.25 -21.35 15.29
CA ALA C 145 4.20 -20.80 16.64
C ALA C 145 3.07 -19.78 16.85
N ALA C 146 2.22 -19.56 15.84
CA ALA C 146 1.26 -18.46 15.89
C ALA C 146 0.26 -18.63 17.02
N LEU C 147 0.02 -17.54 17.76
CA LEU C 147 -0.76 -17.55 18.99
C LEU C 147 -1.74 -16.39 19.10
N ALA C 148 -1.99 -15.65 18.01
CA ALA C 148 -2.82 -14.46 18.03
C ALA C 148 -4.31 -14.81 18.03
N PRO C 149 -5.16 -13.91 18.55
CA PRO C 149 -6.60 -14.24 18.63
C PRO C 149 -7.23 -14.55 17.28
N GLY C 150 -6.85 -13.82 16.24
CA GLY C 150 -7.34 -14.08 14.90
C GLY C 150 -6.46 -14.98 14.06
N HIS C 151 -5.40 -15.54 14.63
CA HIS C 151 -4.45 -16.36 13.88
C HIS C 151 -3.56 -17.14 14.84
N HIS C 152 -4.07 -18.28 15.32
CA HIS C 152 -3.30 -19.14 16.23
C HIS C 152 -3.31 -20.55 15.66
N HIS C 153 -2.13 -21.15 15.55
CA HIS C 153 -2.03 -22.40 14.81
C HIS C 153 -2.77 -23.51 15.57
N PRO C 154 -3.56 -24.32 14.86
CA PRO C 154 -4.36 -25.36 15.54
C PRO C 154 -3.53 -26.41 16.27
N THR C 155 -2.30 -26.69 15.82
CA THR C 155 -1.39 -27.55 16.57
C THR C 155 -0.08 -26.80 16.82
N ARG C 156 -0.19 -25.65 17.48
CA ARG C 156 0.93 -24.75 17.66
C ARG C 156 2.07 -25.41 18.45
N SER C 157 3.31 -25.09 18.07
CA SER C 157 4.49 -25.45 18.85
C SER C 157 4.83 -24.30 19.79
N GLU C 158 4.87 -24.57 21.11
CA GLU C 158 5.24 -23.56 22.08
C GLU C 158 6.69 -23.15 21.87
N CYS C 159 6.97 -21.87 22.08
CA CYS C 159 8.26 -21.34 21.67
C CYS C 159 8.48 -20.03 22.40
N THR C 160 9.56 -19.94 23.17
CA THR C 160 9.97 -18.67 23.75
C THR C 160 10.75 -17.85 22.73
N VAL C 161 10.98 -16.57 23.07
CA VAL C 161 11.75 -15.72 22.18
C VAL C 161 13.16 -16.26 22.00
N ASP C 162 13.75 -16.79 23.07
CA ASP C 162 15.11 -17.34 22.95
C ASP C 162 15.11 -18.65 22.17
N ASP C 163 14.09 -19.50 22.36
CA ASP C 163 13.93 -20.68 21.52
C ASP C 163 13.90 -20.31 20.05
N ALA C 164 13.15 -19.24 19.71
CA ALA C 164 13.05 -18.81 18.32
C ALA C 164 14.42 -18.47 17.75
N GLN C 165 15.20 -17.67 18.50
CA GLN C 165 16.53 -17.30 18.03
C GLN C 165 17.45 -18.51 17.93
N THR C 166 17.41 -19.40 18.91
CA THR C 166 18.26 -20.60 18.86
C THR C 166 17.95 -21.44 17.61
N TRP C 167 16.66 -21.60 17.31
CA TRP C 167 16.26 -22.36 16.12
C TRP C 167 16.78 -21.71 14.84
N LEU C 168 16.60 -20.40 14.70
CA LEU C 168 17.14 -19.71 13.52
C LEU C 168 18.65 -19.84 13.43
N GLU C 169 19.34 -19.66 14.57
CA GLU C 169 20.80 -19.74 14.53
C GLU C 169 21.25 -21.13 14.12
N THR C 170 20.52 -22.16 14.53
CA THR C 170 20.85 -23.53 14.14
C THR C 170 20.61 -23.76 12.66
N MET C 171 19.43 -23.37 12.15
CA MET C 171 19.13 -23.62 10.74
C MET C 171 20.00 -22.76 9.81
N LEU C 172 20.14 -21.47 10.13
CA LEU C 172 20.98 -20.63 9.28
C LEU C 172 22.45 -21.02 9.39
N GLY C 173 22.90 -21.33 10.60
CA GLY C 173 24.27 -21.81 10.77
C GLY C 173 24.57 -23.02 9.91
N THR C 174 23.62 -23.97 9.85
CA THR C 174 23.82 -25.16 9.03
C THR C 174 24.01 -24.80 7.57
N MET C 175 23.18 -23.89 7.05
CA MET C 175 23.30 -23.49 5.65
C MET C 175 24.68 -22.90 5.37
N ARG C 176 25.15 -22.02 6.25
CA ARG C 176 26.43 -21.37 6.02
C ARG C 176 27.59 -22.35 6.07
N ASP C 177 27.55 -23.29 7.03
CA ASP C 177 28.58 -24.33 7.11
C ASP C 177 28.72 -25.09 5.79
N GLN C 178 27.59 -25.43 5.17
CA GLN C 178 27.61 -26.21 3.93
C GLN C 178 27.79 -25.35 2.69
N TRP C 179 27.46 -24.06 2.76
CA TRP C 179 27.37 -23.22 1.56
C TRP C 179 27.84 -21.81 1.93
N PRO C 180 29.15 -21.64 2.09
CA PRO C 180 29.68 -20.34 2.58
C PRO C 180 29.47 -19.19 1.63
N ASP C 181 29.39 -19.43 0.31
CA ASP C 181 29.14 -18.34 -0.62
C ASP C 181 27.68 -17.94 -0.73
N GLY C 182 26.77 -18.67 -0.06
CA GLY C 182 25.36 -18.40 -0.21
C GLY C 182 24.84 -17.28 0.68
N ARG C 183 23.63 -16.83 0.38
CA ARG C 183 22.91 -15.89 1.22
C ARG C 183 21.66 -16.57 1.77
N PHE C 184 21.29 -16.26 3.00
CA PHE C 184 20.26 -17.03 3.69
C PHE C 184 19.34 -16.09 4.46
N TRP C 185 18.06 -16.48 4.54
CA TRP C 185 17.01 -15.61 5.08
C TRP C 185 16.01 -16.47 5.82
N PHE C 186 15.17 -15.83 6.63
CA PHE C 186 13.89 -16.41 7.01
C PHE C 186 12.77 -15.41 6.74
N GLY C 187 11.57 -15.94 6.46
CA GLY C 187 10.43 -15.13 6.13
C GLY C 187 9.24 -15.49 7.01
N PHE C 188 8.22 -14.64 6.97
CA PHE C 188 7.20 -14.71 8.01
C PHE C 188 6.02 -13.84 7.61
N ASP C 189 4.83 -14.25 8.07
CA ASP C 189 3.68 -13.36 8.00
C ASP C 189 3.85 -12.22 9.01
N ASP C 190 2.94 -11.25 8.96
CA ASP C 190 3.20 -10.03 9.72
C ASP C 190 2.81 -10.12 11.20
N ASP C 191 2.49 -11.31 11.72
CA ASP C 191 2.45 -11.47 13.18
C ASP C 191 3.77 -11.03 13.81
N LEU C 192 4.87 -11.26 13.12
CA LEU C 192 6.18 -10.87 13.63
C LEU C 192 6.25 -9.36 13.88
N TRP C 193 5.61 -8.56 13.03
CA TRP C 193 5.64 -7.11 13.21
C TRP C 193 4.60 -6.63 14.21
N PHE C 194 3.48 -7.33 14.36
CA PHE C 194 2.30 -6.73 14.98
C PHE C 194 1.75 -7.44 16.21
N VAL C 195 2.20 -8.66 16.50
CA VAL C 195 1.60 -9.43 17.60
C VAL C 195 2.59 -9.42 18.76
N ASP C 196 2.17 -8.82 19.90
CA ASP C 196 3.10 -8.56 21.00
C ASP C 196 3.73 -9.85 21.53
N ASP C 197 2.94 -10.91 21.67
CA ASP C 197 3.38 -12.20 22.23
C ASP C 197 4.11 -13.10 21.25
N HIS C 198 4.15 -12.75 19.97
CA HIS C 198 4.70 -13.68 18.98
C HIS C 198 6.19 -13.89 19.24
N PRO C 199 6.67 -15.14 19.35
CA PRO C 199 8.06 -15.38 19.81
C PRO C 199 9.12 -15.01 18.78
N PHE C 200 8.78 -14.93 17.50
CA PHE C 200 9.70 -14.38 16.52
C PHE C 200 9.48 -12.88 16.48
N THR C 201 10.53 -12.12 16.70
CA THR C 201 10.42 -10.69 16.95
C THR C 201 11.02 -9.87 15.82
N PRO C 202 10.71 -8.58 15.77
CA PRO C 202 11.42 -7.70 14.83
C PRO C 202 12.91 -7.71 15.02
N ARG C 203 13.37 -7.86 16.26
CA ARG C 203 14.81 -7.97 16.50
C ARG C 203 15.40 -9.13 15.70
N HIS C 204 14.72 -10.29 15.74
CA HIS C 204 15.16 -11.43 14.95
C HIS C 204 15.18 -11.09 13.47
N ALA C 205 14.11 -10.45 12.98
CA ALA C 205 13.98 -10.18 11.54
C ALA C 205 15.12 -9.30 11.02
N VAL C 206 15.55 -8.31 11.82
CA VAL C 206 16.56 -7.39 11.31
C VAL C 206 17.99 -7.84 11.65
N THR C 207 18.16 -8.97 12.35
CA THR C 207 19.51 -9.43 12.66
C THR C 207 19.86 -10.81 12.08
N GLN C 208 18.88 -11.70 11.87
CA GLN C 208 19.18 -13.04 11.40
C GLN C 208 19.10 -13.10 9.88
N GLY C 209 20.09 -13.74 9.26
CA GLY C 209 20.13 -13.87 7.82
C GLY C 209 20.76 -12.67 7.14
N SER C 210 20.75 -12.70 5.80
CA SER C 210 21.48 -11.73 5.01
C SER C 210 20.70 -10.45 4.76
N ALA C 211 19.39 -10.46 4.96
CA ALA C 211 18.56 -9.29 4.73
C ALA C 211 17.27 -9.45 5.51
N THR C 212 16.66 -8.33 5.86
CA THR C 212 15.32 -8.34 6.43
C THR C 212 14.29 -8.61 5.35
N THR C 213 13.46 -9.63 5.55
CA THR C 213 12.39 -9.92 4.61
C THR C 213 11.06 -9.34 5.09
N VAL C 214 10.17 -9.14 4.13
CA VAL C 214 8.82 -8.65 4.37
C VAL C 214 7.86 -9.45 3.49
N HIS C 215 6.77 -9.94 4.07
CA HIS C 215 5.62 -10.43 3.33
C HIS C 215 4.46 -9.46 3.53
N SER C 216 3.94 -8.90 2.44
CA SER C 216 2.96 -7.82 2.51
C SER C 216 1.61 -8.30 1.97
N TRP C 217 0.63 -8.49 2.86
CA TRP C 217 -0.69 -9.01 2.49
C TRP C 217 -1.76 -8.13 3.11
N VAL C 218 -2.60 -7.52 2.26
CA VAL C 218 -3.60 -6.57 2.75
C VAL C 218 -4.95 -7.19 3.07
N PHE C 219 -5.17 -8.48 2.80
CA PHE C 219 -6.53 -8.98 2.90
C PHE C 219 -6.97 -9.27 4.35
N ALA C 220 -6.03 -9.51 5.26
CA ALA C 220 -6.41 -9.86 6.64
C ALA C 220 -6.90 -8.65 7.43
N GLN C 221 -6.22 -7.51 7.32
CA GLN C 221 -6.54 -6.39 8.20
C GLN C 221 -6.67 -5.04 7.47
N VAL C 222 -5.70 -4.73 6.61
CA VAL C 222 -5.71 -3.44 5.90
C VAL C 222 -6.97 -3.29 5.07
N GLY C 223 -7.30 -4.31 4.28
CA GLY C 223 -8.45 -4.27 3.42
C GLY C 223 -9.76 -4.18 4.18
N PRO C 224 -9.97 -5.05 5.18
CA PRO C 224 -11.21 -4.94 5.98
C PRO C 224 -11.37 -3.60 6.68
N ARG C 225 -10.28 -2.96 7.12
CA ARG C 225 -10.40 -1.67 7.79
C ARG C 225 -10.66 -0.54 6.79
N PHE C 226 -9.85 -0.47 5.73
CA PHE C 226 -9.81 0.69 4.85
C PHE C 226 -10.64 0.54 3.57
N GLY C 227 -10.92 -0.68 3.14
CA GLY C 227 -11.83 -0.94 2.05
C GLY C 227 -11.18 -0.86 0.68
N GLU C 228 -11.89 -1.40 -0.31
CA GLU C 228 -11.43 -1.41 -1.69
C GLU C 228 -11.11 0.02 -2.15
N GLY C 229 -10.01 0.16 -2.91
CA GLY C 229 -9.66 1.42 -3.51
C GLY C 229 -8.93 2.40 -2.64
N HIS C 230 -8.82 2.15 -1.33
CA HIS C 230 -8.17 3.07 -0.41
C HIS C 230 -6.65 3.04 -0.59
N PRO C 231 -5.98 4.19 -0.46
CA PRO C 231 -4.51 4.22 -0.63
C PRO C 231 -3.74 3.34 0.35
N ALA C 232 -4.31 2.99 1.50
CA ALA C 232 -3.59 2.09 2.41
C ALA C 232 -3.25 0.77 1.72
N LEU C 233 -4.08 0.32 0.78
CA LEU C 233 -3.85 -0.97 0.12
C LEU C 233 -2.56 -0.96 -0.68
N THR C 234 -2.23 0.17 -1.32
CA THR C 234 -1.01 0.24 -2.11
C THR C 234 0.19 0.73 -1.30
N TRP C 235 -0.04 1.42 -0.19
CA TRP C 235 1.07 1.89 0.65
C TRP C 235 1.57 0.81 1.61
N PHE C 236 0.81 -0.27 1.80
CA PHE C 236 1.17 -1.20 2.88
C PHE C 236 2.58 -1.76 2.76
N PRO C 237 3.05 -2.25 1.60
CA PRO C 237 4.41 -2.80 1.56
C PRO C 237 5.48 -1.77 1.89
N ARG C 238 5.32 -0.52 1.44
CA ARG C 238 6.30 0.51 1.80
C ARG C 238 6.31 0.76 3.29
N TYR C 239 5.12 0.77 3.91
CA TYR C 239 5.04 0.94 5.36
C TYR C 239 5.81 -0.16 6.08
N LEU C 240 5.59 -1.42 5.67
CA LEU C 240 6.29 -2.53 6.31
C LEU C 240 7.80 -2.39 6.17
N LEU C 241 8.26 -2.01 4.97
CA LEU C 241 9.69 -1.84 4.74
C LEU C 241 10.25 -0.69 5.56
N GLU C 242 9.47 0.38 5.75
CA GLU C 242 9.93 1.47 6.62
C GLU C 242 9.96 1.01 8.09
N LEU C 243 8.99 0.20 8.48
CA LEU C 243 9.00 -0.37 9.82
C LEU C 243 10.21 -1.30 10.00
N ALA C 244 10.55 -2.08 8.97
CA ALA C 244 11.74 -2.91 9.01
C ALA C 244 13.00 -2.07 9.17
N ARG C 245 13.09 -0.97 8.42
CA ARG C 245 14.24 -0.09 8.54
C ARG C 245 14.31 0.55 9.92
N ALA C 246 13.14 0.92 10.48
CA ALA C 246 13.13 1.54 11.80
C ALA C 246 13.72 0.62 12.84
N TRP C 247 13.34 -0.66 12.80
CA TRP C 247 13.77 -1.62 13.81
C TRP C 247 15.28 -1.88 13.75
N SER C 248 15.88 -1.71 12.58
CA SER C 248 17.30 -2.02 12.39
C SER C 248 18.20 -0.88 12.92
N HIS C 249 19.28 -1.27 13.61
CA HIS C 249 20.32 -0.36 14.06
C HIS C 249 21.40 -0.16 13.02
N ASP C 250 21.40 -0.97 11.95
CA ASP C 250 22.44 -0.96 10.94
C ASP C 250 21.91 -0.27 9.70
N PRO C 251 22.48 0.87 9.30
CA PRO C 251 21.99 1.54 8.08
C PRO C 251 22.27 0.76 6.81
N GLU C 252 23.20 -0.19 6.82
CA GLU C 252 23.51 -0.96 5.64
C GLU C 252 22.71 -2.27 5.54
N ARG C 253 21.79 -2.52 6.47
CA ARG C 253 21.00 -3.75 6.47
C ARG C 253 20.07 -3.81 5.26
N PRO C 254 20.29 -4.69 4.30
CA PRO C 254 19.43 -4.74 3.12
C PRO C 254 18.04 -5.29 3.46
N LEU C 255 17.13 -5.11 2.50
CA LEU C 255 15.75 -5.56 2.61
C LEU C 255 15.35 -6.35 1.38
N TRP C 256 14.45 -7.31 1.59
CA TRP C 256 13.88 -8.07 0.49
C TRP C 256 12.37 -8.13 0.69
N LEU C 257 11.63 -7.59 -0.28
CA LEU C 257 10.16 -7.73 -0.27
C LEU C 257 9.89 -9.07 -0.92
N GLN C 258 9.91 -10.12 -0.09
CA GLN C 258 9.87 -11.49 -0.56
C GLN C 258 8.47 -11.93 -1.00
N GLU C 259 7.42 -11.27 -0.51
CA GLU C 259 6.06 -11.56 -0.97
C GLU C 259 5.24 -10.28 -1.03
N VAL C 260 4.59 -10.05 -2.16
CA VAL C 260 3.60 -8.99 -2.30
C VAL C 260 2.61 -9.44 -3.36
N GLY C 261 1.33 -9.12 -3.16
CA GLY C 261 0.32 -9.60 -4.10
C GLY C 261 -0.93 -8.74 -4.04
N ALA C 262 -1.89 -9.09 -4.90
CA ALA C 262 -3.12 -8.30 -5.08
C ALA C 262 -4.33 -9.20 -4.84
N PRO C 263 -4.74 -9.38 -3.58
CA PRO C 263 -5.86 -10.29 -3.30
C PRO C 263 -7.19 -9.72 -3.78
N ARG C 264 -8.00 -10.59 -4.41
CA ARG C 264 -9.25 -10.13 -5.02
C ARG C 264 -10.36 -9.91 -4.00
N THR C 265 -10.09 -10.18 -2.72
CA THR C 265 -10.96 -9.73 -1.65
C THR C 265 -11.10 -8.21 -1.66
N HIS C 266 -10.02 -7.50 -2.02
CA HIS C 266 -10.04 -6.04 -1.98
C HIS C 266 -9.44 -5.38 -3.21
N VAL C 267 -8.91 -6.13 -4.17
CA VAL C 267 -8.41 -5.59 -5.44
C VAL C 267 -9.04 -6.38 -6.59
N PRO C 268 -10.11 -5.88 -7.19
CA PRO C 268 -10.75 -6.58 -8.31
C PRO C 268 -9.78 -6.80 -9.46
N ASP C 269 -10.10 -7.78 -10.32
CA ASP C 269 -9.30 -8.00 -11.53
C ASP C 269 -9.10 -6.71 -12.31
N SER C 270 -10.13 -5.86 -12.36
CA SER C 270 -10.08 -4.63 -13.14
C SER C 270 -9.30 -3.52 -12.45
N SER C 271 -9.01 -3.65 -11.16
CA SER C 271 -8.12 -2.71 -10.46
C SER C 271 -6.68 -3.20 -10.36
N SER C 272 -6.37 -4.40 -10.85
CA SER C 272 -5.08 -5.03 -10.55
C SER C 272 -3.92 -4.33 -11.24
N ALA C 273 -4.09 -3.90 -12.49
CA ALA C 273 -2.98 -3.20 -13.16
C ALA C 273 -2.64 -1.89 -12.45
N ALA C 274 -3.65 -1.13 -12.04
CA ALA C 274 -3.40 0.12 -11.33
C ALA C 274 -2.78 -0.14 -9.97
N PHE C 275 -3.25 -1.18 -9.27
CA PHE C 275 -2.64 -1.60 -8.01
C PHE C 275 -1.16 -1.90 -8.19
N MET C 276 -0.82 -2.65 -9.25
CA MET C 276 0.57 -2.99 -9.51
C MET C 276 1.41 -1.74 -9.73
N THR C 277 0.92 -0.83 -10.57
CA THR C 277 1.68 0.38 -10.90
C THR C 277 1.84 1.29 -9.68
N THR C 278 0.76 1.51 -8.93
CA THR C 278 0.83 2.38 -7.76
C THR C 278 1.73 1.80 -6.68
N THR C 279 1.55 0.51 -6.37
CA THR C 279 2.39 -0.13 -5.35
C THR C 279 3.86 -0.06 -5.73
N MET C 280 4.20 -0.46 -6.96
CA MET C 280 5.61 -0.47 -7.37
C MET C 280 6.20 0.94 -7.38
N ALA C 281 5.40 1.93 -7.81
CA ALA C 281 5.91 3.30 -7.86
C ALA C 281 6.35 3.76 -6.48
N SER C 282 5.59 3.40 -5.46
CA SER C 282 5.90 3.80 -4.09
C SER C 282 6.98 2.92 -3.44
N LEU C 283 7.60 1.98 -4.18
CA LEU C 283 8.69 1.17 -3.67
C LEU C 283 10.05 1.54 -4.27
N THR C 284 10.07 2.20 -5.43
CA THR C 284 11.32 2.40 -6.16
C THR C 284 12.38 3.09 -5.32
N SER C 285 11.99 3.99 -4.41
CA SER C 285 12.95 4.77 -3.65
C SER C 285 13.28 4.17 -2.29
N THR C 286 12.78 2.98 -1.96
CA THR C 286 13.02 2.38 -0.66
C THR C 286 14.52 2.17 -0.44
N PRO C 287 15.12 2.80 0.56
CA PRO C 287 16.55 2.61 0.81
C PRO C 287 16.84 1.18 1.28
N GLY C 288 17.84 0.56 0.67
CA GLY C 288 18.22 -0.79 1.04
C GLY C 288 17.44 -1.91 0.36
N LEU C 289 16.44 -1.60 -0.46
CA LEU C 289 15.57 -2.61 -1.07
C LEU C 289 16.29 -3.28 -2.23
N GLU C 290 16.61 -4.56 -2.08
CA GLU C 290 17.38 -5.29 -3.08
C GLU C 290 16.54 -6.04 -4.08
N ALA C 291 15.30 -6.39 -3.73
CA ALA C 291 14.51 -7.24 -4.61
C ALA C 291 13.04 -7.16 -4.20
N ILE C 292 12.17 -7.38 -5.18
CA ILE C 292 10.75 -7.57 -4.98
C ILE C 292 10.35 -8.85 -5.68
N THR C 293 9.63 -9.70 -4.97
CA THR C 293 9.23 -11.01 -5.49
C THR C 293 7.72 -11.10 -5.39
N TRP C 294 7.06 -11.11 -6.55
CA TRP C 294 5.61 -11.12 -6.59
C TRP C 294 5.06 -12.50 -6.22
N TRP C 295 3.96 -12.51 -5.46
CA TRP C 295 3.20 -13.73 -5.24
C TRP C 295 1.90 -13.62 -6.04
N CYS C 296 1.73 -14.44 -7.08
CA CYS C 296 2.62 -15.55 -7.46
C CYS C 296 2.77 -15.58 -8.98
N SER C 297 3.50 -16.56 -9.51
CA SER C 297 3.73 -16.58 -10.95
C SER C 297 2.45 -16.94 -11.71
N HIS C 298 1.74 -17.97 -11.25
CA HIS C 298 0.65 -18.55 -12.02
C HIS C 298 -0.57 -18.85 -11.14
N ASP C 299 -1.74 -18.42 -11.61
CA ASP C 299 -3.02 -18.79 -10.98
C ASP C 299 -3.06 -20.27 -10.65
N VAL C 300 -3.66 -20.60 -9.49
CA VAL C 300 -3.87 -22.00 -9.09
C VAL C 300 -5.02 -22.58 -9.89
N SER C 301 -4.83 -23.80 -10.39
CA SER C 301 -5.88 -24.52 -11.09
C SER C 301 -7.13 -24.67 -10.24
N ARG C 302 -8.28 -24.31 -10.81
CA ARG C 302 -9.55 -24.50 -10.11
C ARG C 302 -9.95 -25.96 -10.02
N ASP C 303 -9.23 -26.87 -10.71
CA ASP C 303 -9.40 -28.30 -10.45
C ASP C 303 -8.94 -28.69 -9.05
N LEU C 304 -8.11 -27.86 -8.41
CA LEU C 304 -7.68 -28.11 -7.04
C LEU C 304 -8.66 -27.43 -6.10
N LEU C 305 -9.08 -28.17 -5.07
CA LEU C 305 -10.21 -27.79 -4.23
C LEU C 305 -9.74 -27.26 -2.87
N ASP C 306 -10.69 -26.64 -2.16
CA ASP C 306 -10.60 -26.28 -0.73
C ASP C 306 -9.61 -25.17 -0.40
N PHE C 307 -9.01 -24.50 -1.39
CA PHE C 307 -8.23 -23.30 -1.08
C PHE C 307 -9.17 -22.19 -0.60
N PRO C 308 -8.72 -21.30 0.29
CA PRO C 308 -9.35 -19.99 0.41
C PRO C 308 -9.42 -19.35 -0.96
N GLU C 309 -10.61 -18.84 -1.32
CA GLU C 309 -10.84 -18.50 -2.71
C GLU C 309 -9.83 -17.48 -3.22
N LEU C 310 -9.34 -16.58 -2.36
CA LEU C 310 -8.42 -15.56 -2.83
C LEU C 310 -7.12 -16.15 -3.38
N GLU C 311 -6.78 -17.39 -2.98
CA GLU C 311 -5.50 -17.94 -3.41
C GLU C 311 -5.48 -18.23 -4.91
N TYR C 312 -6.64 -18.47 -5.52
CA TYR C 312 -6.65 -18.94 -6.90
C TYR C 312 -6.17 -17.87 -7.87
N SER C 313 -6.50 -16.60 -7.62
CA SER C 313 -6.34 -15.54 -8.62
C SER C 313 -5.11 -14.65 -8.39
N LEU C 314 -4.13 -15.11 -7.62
CA LEU C 314 -2.98 -14.26 -7.31
C LEU C 314 -1.88 -14.29 -8.37
N GLY C 315 -2.03 -15.04 -9.46
CA GLY C 315 -0.94 -15.15 -10.42
C GLY C 315 -0.76 -13.90 -11.28
N LEU C 316 0.45 -13.75 -11.82
CA LEU C 316 0.71 -12.82 -12.93
C LEU C 316 0.19 -13.38 -14.24
N PHE C 317 0.14 -14.71 -14.35
CA PHE C 317 -0.41 -15.43 -15.49
C PHE C 317 -1.68 -16.15 -15.05
N THR C 318 -2.59 -16.32 -15.99
CA THR C 318 -3.67 -17.27 -15.81
C THR C 318 -3.10 -18.67 -15.78
N ASN C 319 -3.92 -19.62 -15.33
CA ASN C 319 -3.43 -20.99 -15.22
C ASN C 319 -3.01 -21.55 -16.59
N ASP C 320 -3.66 -21.08 -17.66
CA ASP C 320 -3.32 -21.47 -19.02
C ASP C 320 -2.13 -20.70 -19.60
N GLY C 321 -1.43 -19.90 -18.79
CA GLY C 321 -0.20 -19.25 -19.22
C GLY C 321 -0.36 -17.89 -19.89
N LYS C 322 -1.55 -17.32 -19.90
CA LYS C 322 -1.52 -16.03 -20.59
C LYS C 322 -1.43 -14.88 -19.59
N PRO C 323 -0.65 -13.85 -19.96
CA PRO C 323 -0.41 -12.74 -19.01
C PRO C 323 -1.68 -11.97 -18.68
N LYS C 324 -1.82 -11.62 -17.40
CA LYS C 324 -2.92 -10.78 -16.94
C LYS C 324 -2.55 -9.31 -17.08
N PRO C 325 -3.51 -8.40 -16.97
CA PRO C 325 -3.18 -6.97 -17.09
C PRO C 325 -2.08 -6.48 -16.16
N GLU C 326 -1.99 -7.00 -14.93
CA GLU C 326 -0.94 -6.52 -14.03
C GLU C 326 0.44 -7.04 -14.40
N ALA C 327 0.54 -8.14 -15.15
CA ALA C 327 1.84 -8.59 -15.63
C ALA C 327 2.43 -7.61 -16.62
N LEU C 328 1.62 -7.14 -17.57
CA LEU C 328 2.10 -6.12 -18.49
C LEU C 328 2.43 -4.82 -17.74
N ALA C 329 1.61 -4.46 -16.76
CA ALA C 329 1.90 -3.27 -15.97
C ALA C 329 3.25 -3.39 -15.25
N LEU C 330 3.56 -4.58 -14.71
CA LEU C 330 4.86 -4.78 -14.08
C LEU C 330 5.99 -4.70 -15.10
N SER C 331 5.78 -5.28 -16.28
CA SER C 331 6.79 -5.20 -17.34
C SER C 331 7.19 -3.77 -17.63
N ASP C 332 6.21 -2.88 -17.76
CA ASP C 332 6.50 -1.47 -18.03
C ASP C 332 7.23 -0.80 -16.87
N MET C 333 6.95 -1.21 -15.62
CA MET C 333 7.61 -0.63 -14.46
C MET C 333 9.08 -1.06 -14.33
N LEU C 334 9.53 -2.08 -15.06
CA LEU C 334 10.83 -2.68 -14.78
C LEU C 334 12.00 -1.72 -14.95
N PRO C 335 12.07 -0.90 -16.01
CA PRO C 335 13.16 0.09 -16.08
C PRO C 335 13.26 0.97 -14.83
N ASP C 336 12.13 1.51 -14.36
CA ASP C 336 12.16 2.33 -13.14
C ASP C 336 12.55 1.52 -11.91
N LEU C 337 12.23 0.23 -11.88
CA LEU C 337 12.61 -0.58 -10.72
C LEU C 337 14.07 -0.98 -10.77
N HIS C 338 14.57 -1.38 -11.95
CA HIS C 338 15.98 -1.69 -12.08
C HIS C 338 16.86 -0.53 -11.66
N ASN C 339 16.41 0.71 -11.91
CA ASN C 339 17.23 1.87 -11.64
C ASN C 339 17.12 2.39 -10.22
N ALA C 340 15.95 2.25 -9.59
CA ALA C 340 15.80 2.48 -8.16
C ALA C 340 16.41 3.81 -7.73
N GLN C 341 15.88 4.88 -8.31
CA GLN C 341 16.32 6.24 -8.02
C GLN C 341 16.27 6.47 -6.52
N PRO C 342 17.42 6.69 -5.86
CA PRO C 342 17.40 6.96 -4.42
C PRO C 342 16.66 8.24 -4.12
N GLN C 343 16.08 8.31 -2.93
CA GLN C 343 15.45 9.53 -2.45
C GLN C 343 15.69 9.64 -0.96
N HIS C 344 16.32 10.73 -0.54
CA HIS C 344 16.71 10.96 0.85
C HIS C 344 15.54 11.59 1.60
N GLN C 345 15.15 10.99 2.71
CA GLN C 345 13.97 11.41 3.44
C GLN C 345 14.35 12.40 4.53
N LEU C 346 13.88 13.64 4.41
CA LEU C 346 14.18 14.71 5.35
C LEU C 346 13.00 15.02 6.25
N ASP C 347 12.21 14.01 6.60
CA ASP C 347 11.00 14.21 7.36
C ASP C 347 11.27 14.11 8.86
N GLU C 348 10.23 14.35 9.65
CA GLU C 348 10.18 14.01 11.07
C GLU C 348 9.65 12.59 11.17
N PRO C 349 10.52 11.59 11.37
CA PRO C 349 10.04 10.20 11.40
C PRO C 349 8.95 10.01 12.43
N LEU C 350 7.94 9.22 12.07
CA LEU C 350 6.88 8.92 13.03
C LEU C 350 7.40 7.91 14.04
N GLU C 351 7.04 8.09 15.31
CA GLU C 351 7.70 7.40 16.40
C GLU C 351 6.78 6.38 17.05
N PHE C 352 7.37 5.29 17.51
CA PHE C 352 6.62 4.26 18.23
C PHE C 352 7.51 3.65 19.30
N SER C 353 6.88 3.18 20.37
CA SER C 353 7.57 2.55 21.49
C SER C 353 7.30 1.05 21.45
N ALA C 354 8.37 0.26 21.57
CA ALA C 354 8.29 -1.20 21.63
C ALA C 354 9.61 -1.73 22.15
N ASN C 355 9.58 -2.97 22.64
CA ASN C 355 10.72 -3.54 23.36
C ASN C 355 11.63 -4.32 22.42
N TRP C 356 12.93 -3.99 22.44
CA TRP C 356 13.87 -4.61 21.52
C TRP C 356 14.08 -6.08 21.84
N ASP C 357 14.11 -6.43 23.13
CA ASP C 357 14.50 -7.79 23.48
C ASP C 357 13.31 -8.76 23.39
N THR C 358 12.11 -8.31 23.77
CA THR C 358 10.93 -9.15 23.78
C THR C 358 9.94 -8.86 22.67
N GLY C 359 10.06 -7.72 21.98
CA GLY C 359 9.05 -7.32 21.01
C GLY C 359 7.75 -6.86 21.61
N ALA C 360 7.68 -6.67 22.93
CA ALA C 360 6.43 -6.21 23.53
C ALA C 360 6.11 -4.80 23.04
N GLY C 361 4.83 -4.49 22.93
CA GLY C 361 4.38 -3.20 22.45
C GLY C 361 4.35 -3.03 20.95
N ARG C 362 4.91 -3.97 20.19
CA ARG C 362 4.96 -3.87 18.73
C ARG C 362 3.56 -3.77 18.12
N SER C 363 2.51 -4.17 18.83
CA SER C 363 1.17 -4.02 18.28
C SER C 363 0.77 -2.56 18.05
N VAL C 364 1.58 -1.60 18.52
CA VAL C 364 1.32 -0.20 18.21
C VAL C 364 1.42 0.09 16.72
N CYS C 365 2.13 -0.74 15.97
CA CYS C 365 2.28 -0.55 14.53
C CYS C 365 1.21 -1.26 13.71
N SER C 366 0.26 -1.94 14.35
CA SER C 366 -0.73 -2.73 13.66
C SER C 366 -1.52 -1.87 12.65
N PRO C 367 -1.91 -2.46 11.52
CA PRO C 367 -2.80 -1.74 10.59
C PRO C 367 -4.13 -1.33 11.20
N MET C 368 -4.48 -1.88 12.37
CA MET C 368 -5.68 -1.47 13.10
C MET C 368 -5.45 -0.23 13.95
N GLY C 369 -4.21 0.24 14.08
CA GLY C 369 -3.87 1.30 15.00
C GLY C 369 -3.82 2.68 14.35
N ASP C 370 -3.60 3.68 15.20
CA ASP C 370 -3.55 5.07 14.73
C ASP C 370 -2.26 5.36 13.97
N LEU C 371 -1.16 4.70 14.33
CA LEU C 371 0.12 5.01 13.70
C LEU C 371 0.10 4.68 12.21
N PHE C 372 -0.46 3.53 11.85
CA PHE C 372 -0.56 3.20 10.43
C PHE C 372 -1.52 4.15 9.72
N ALA C 373 -2.64 4.49 10.36
CA ALA C 373 -3.58 5.43 9.75
C ALA C 373 -2.91 6.79 9.52
N GLN C 374 -2.13 7.27 10.51
CA GLN C 374 -1.43 8.54 10.36
C GLN C 374 -0.35 8.46 9.28
N TRP C 375 0.38 7.34 9.24
CA TRP C 375 1.43 7.15 8.23
C TRP C 375 0.84 7.24 6.83
N VAL C 376 -0.27 6.54 6.60
CA VAL C 376 -0.91 6.56 5.27
C VAL C 376 -1.37 7.97 4.93
N ASP C 377 -2.02 8.65 5.89
CA ASP C 377 -2.52 10.00 5.62
C ASP C 377 -1.38 10.94 5.25
N GLN C 378 -0.24 10.82 5.93
CA GLN C 378 0.90 11.67 5.62
C GLN C 378 1.53 11.30 4.28
N ALA C 379 1.59 9.99 3.95
CA ALA C 379 2.18 9.61 2.67
C ALA C 379 1.32 10.11 1.51
N GLU C 380 -0.01 10.12 1.69
CA GLU C 380 -0.92 10.60 0.66
C GLU C 380 -0.85 12.11 0.51
N GLN C 381 -0.83 12.82 1.64
CA GLN C 381 -0.84 14.29 1.60
C GLN C 381 0.46 14.84 1.01
N THR C 382 1.59 14.19 1.29
CA THR C 382 2.88 14.66 0.82
C THR C 382 3.34 13.99 -0.46
N GLY C 383 2.83 12.80 -0.77
CA GLY C 383 3.37 12.00 -1.84
C GLY C 383 4.69 11.32 -1.52
N ARG C 384 5.22 11.49 -0.32
CA ARG C 384 6.48 10.89 0.09
C ARG C 384 6.24 9.89 1.23
N ALA C 385 6.91 8.75 1.16
CA ALA C 385 6.79 7.77 2.24
C ALA C 385 7.42 8.31 3.53
N PRO C 386 6.67 8.42 4.62
CA PRO C 386 7.29 8.80 5.89
C PRO C 386 8.23 7.74 6.42
N ARG C 387 9.24 8.20 7.14
CA ARG C 387 10.08 7.28 7.88
C ARG C 387 9.42 6.98 9.23
N LEU C 388 9.82 5.85 9.81
CA LEU C 388 9.43 5.49 11.16
C LEU C 388 10.68 5.47 12.04
N ALA C 389 10.48 5.68 13.33
CA ALA C 389 11.57 5.69 14.30
C ALA C 389 11.17 4.91 15.53
N LEU C 390 12.05 4.02 15.98
CA LEU C 390 11.80 3.22 17.18
C LEU C 390 12.21 3.97 18.44
N ARG C 391 11.31 4.06 19.41
CA ARG C 391 11.64 4.50 20.76
C ARG C 391 11.66 3.28 21.68
N PRO C 392 12.82 2.77 22.10
CA PRO C 392 12.84 1.55 22.90
C PRO C 392 12.27 1.75 24.30
N THR C 393 11.46 0.67 24.81
CA THR C 393 11.01 0.61 26.21
C THR C 393 12.03 -0.14 27.05
N PRO C 394 12.16 0.20 28.35
CA PRO C 394 13.25 -0.34 29.20
C PRO C 394 13.23 -1.86 29.40
N MET D 1 -8.08 -73.15 5.65
CA MET D 1 -8.18 -71.70 5.55
C MET D 1 -7.02 -71.16 4.76
N LYS D 2 -7.10 -69.89 4.36
CA LYS D 2 -6.01 -69.25 3.64
C LYS D 2 -5.04 -68.61 4.64
N ILE D 3 -3.76 -68.52 4.25
CA ILE D 3 -2.70 -68.03 5.10
C ILE D 3 -1.88 -67.03 4.29
N GLY D 4 -1.72 -65.82 4.82
CA GLY D 4 -1.00 -64.82 4.06
C GLY D 4 -0.27 -63.81 4.94
N ALA D 5 0.14 -62.69 4.35
CA ALA D 5 0.92 -61.70 5.10
C ALA D 5 0.48 -60.29 4.75
N ASN D 6 0.52 -59.43 5.75
CA ASN D 6 0.45 -57.99 5.52
C ASN D 6 1.77 -57.52 4.93
N TYR D 7 1.73 -56.94 3.73
CA TYR D 7 2.94 -56.66 2.98
C TYR D 7 3.57 -55.33 3.43
N THR D 8 4.72 -55.41 4.07
CA THR D 8 5.50 -54.23 4.42
C THR D 8 6.76 -54.26 3.55
N PRO D 9 6.85 -53.45 2.49
CA PRO D 9 8.01 -53.55 1.57
C PRO D 9 9.35 -53.49 2.29
N SER D 10 10.26 -54.41 1.96
CA SER D 10 11.55 -54.42 2.66
C SER D 10 12.38 -53.20 2.28
N GLN D 11 12.39 -52.83 1.00
CA GLN D 11 13.12 -51.65 0.52
C GLN D 11 12.22 -50.42 0.63
N GLY D 12 12.42 -49.64 1.68
CA GLY D 12 11.74 -48.36 1.84
C GLY D 12 10.48 -48.37 2.70
N TRP D 13 10.02 -49.54 3.15
CA TRP D 13 8.75 -49.66 3.89
C TRP D 13 7.66 -49.06 3.00
N PHE D 14 6.66 -48.39 3.55
CA PHE D 14 5.64 -47.83 2.67
C PHE D 14 6.12 -46.59 1.94
N HIS D 15 7.26 -46.02 2.31
CA HIS D 15 7.81 -44.91 1.52
C HIS D 15 8.31 -45.38 0.16
N SER D 16 8.39 -46.70 -0.06
CA SER D 16 8.73 -47.21 -1.37
C SER D 16 7.74 -46.77 -2.46
N TRP D 17 6.48 -46.48 -2.09
CA TRP D 17 5.52 -46.00 -3.09
C TRP D 17 6.03 -44.76 -3.82
N LEU D 18 6.87 -43.94 -3.17
CA LEU D 18 7.42 -42.75 -3.81
C LEU D 18 8.49 -43.07 -4.85
N ASP D 19 9.19 -44.20 -4.69
CA ASP D 19 10.28 -44.62 -5.57
C ASP D 19 10.08 -46.09 -5.94
N LEU D 20 8.90 -46.42 -6.48
CA LEU D 20 8.49 -47.80 -6.63
C LEU D 20 9.44 -48.58 -7.54
N ASP D 21 10.09 -49.59 -6.98
CA ASP D 21 11.02 -50.48 -7.66
C ASP D 21 10.34 -51.85 -7.74
N ILE D 22 9.69 -52.12 -8.88
CA ILE D 22 8.88 -53.33 -9.01
C ILE D 22 9.75 -54.59 -8.97
N ASP D 23 11.03 -54.47 -9.36
CA ASP D 23 11.94 -55.60 -9.19
C ASP D 23 12.16 -55.94 -7.72
N ALA D 24 12.29 -54.92 -6.86
CA ALA D 24 12.36 -55.15 -5.43
C ALA D 24 11.05 -55.74 -4.91
N THR D 25 9.92 -55.24 -5.40
CA THR D 25 8.63 -55.83 -5.04
C THR D 25 8.59 -57.32 -5.35
N ARG D 26 9.07 -57.69 -6.55
CA ARG D 26 9.02 -59.10 -6.94
C ARG D 26 9.81 -59.98 -6.00
N ARG D 27 10.98 -59.51 -5.55
CA ARG D 27 11.79 -60.30 -4.64
C ARG D 27 11.06 -60.54 -3.32
N ASP D 28 10.34 -59.53 -2.83
CA ASP D 28 9.54 -59.71 -1.61
C ASP D 28 8.45 -60.77 -1.80
N PHE D 29 7.71 -60.68 -2.92
CA PHE D 29 6.61 -61.61 -3.15
C PHE D 29 7.14 -63.01 -3.44
N GLU D 30 8.30 -63.12 -4.07
CA GLU D 30 8.87 -64.45 -4.30
C GLU D 30 9.16 -65.16 -2.98
N GLY D 31 9.70 -64.43 -2.01
CA GLY D 31 9.92 -65.03 -0.70
C GLY D 31 8.63 -65.45 -0.04
N ILE D 32 7.62 -64.58 -0.08
CA ILE D 32 6.33 -64.89 0.52
C ILE D 32 5.71 -66.13 -0.12
N ALA D 33 5.71 -66.20 -1.46
CA ALA D 33 5.10 -67.36 -2.10
C ALA D 33 5.95 -68.62 -1.89
N GLN D 34 7.28 -68.47 -1.84
CA GLN D 34 8.14 -69.63 -1.58
C GLN D 34 7.88 -70.22 -0.22
N LEU D 35 7.49 -69.39 0.74
CA LEU D 35 7.12 -69.87 2.07
C LEU D 35 5.82 -70.69 2.05
N GLY D 36 5.03 -70.57 0.98
CA GLY D 36 3.76 -71.27 0.91
C GLY D 36 2.56 -70.42 1.26
N LEU D 37 2.77 -69.13 1.53
CA LEU D 37 1.66 -68.21 1.76
C LEU D 37 0.92 -67.94 0.45
N ASP D 38 -0.38 -67.71 0.55
CA ASP D 38 -1.23 -67.61 -0.63
C ASP D 38 -1.81 -66.20 -0.89
N HIS D 39 -1.62 -65.25 0.02
CA HIS D 39 -2.20 -63.92 -0.20
C HIS D 39 -1.41 -62.83 0.52
N VAL D 40 -1.59 -61.59 0.05
CA VAL D 40 -1.04 -60.42 0.71
C VAL D 40 -2.15 -59.38 0.87
N ARG D 41 -1.96 -58.49 1.83
CA ARG D 41 -2.78 -57.30 2.06
C ARG D 41 -1.90 -56.08 1.81
N LEU D 42 -2.38 -55.14 0.99
CA LEU D 42 -1.59 -54.03 0.47
C LEU D 42 -2.10 -52.70 1.01
N PHE D 43 -1.17 -51.75 1.21
CA PHE D 43 -1.47 -50.46 1.86
C PHE D 43 -0.96 -49.27 1.06
N PRO D 44 -1.74 -48.79 0.09
CA PRO D 44 -1.37 -47.54 -0.59
C PRO D 44 -1.61 -46.35 0.33
N LEU D 45 -0.92 -45.25 0.04
CA LEU D 45 -0.88 -44.11 0.96
C LEU D 45 -1.82 -43.00 0.50
N TRP D 46 -2.67 -42.54 1.41
CA TRP D 46 -3.68 -41.53 1.08
C TRP D 46 -3.08 -40.24 0.54
N PRO D 47 -2.03 -39.66 1.12
CA PRO D 47 -1.49 -38.40 0.56
C PRO D 47 -0.91 -38.57 -0.84
N LEU D 48 -0.47 -39.77 -1.21
CA LEU D 48 0.03 -39.97 -2.56
C LEU D 48 -1.10 -40.19 -3.54
N LEU D 49 -2.14 -40.91 -3.11
CA LEU D 49 -3.31 -41.15 -3.95
C LEU D 49 -4.11 -39.88 -4.20
N GLN D 50 -4.25 -39.03 -3.18
CA GLN D 50 -5.18 -37.90 -3.23
C GLN D 50 -4.56 -36.72 -2.48
N PRO D 51 -3.52 -36.10 -3.07
CA PRO D 51 -2.81 -35.02 -2.35
C PRO D 51 -3.65 -33.77 -2.20
N ASN D 52 -4.68 -33.64 -3.03
CA ASN D 52 -5.70 -32.59 -2.96
C ASN D 52 -7.01 -33.31 -3.23
N ARG D 53 -8.10 -32.86 -2.60
CA ARG D 53 -9.37 -33.58 -2.75
C ARG D 53 -9.74 -33.73 -4.23
N GLY D 54 -9.44 -32.71 -5.03
CA GLY D 54 -9.72 -32.69 -6.45
C GLY D 54 -8.76 -33.46 -7.32
N LEU D 55 -7.68 -33.99 -6.75
CA LEU D 55 -6.61 -34.62 -7.51
C LEU D 55 -6.39 -36.06 -7.00
N VAL D 56 -7.07 -37.02 -7.62
CA VAL D 56 -6.75 -38.44 -7.47
C VAL D 56 -5.76 -38.77 -8.58
N ARG D 57 -4.52 -39.09 -8.20
CA ARG D 57 -3.44 -39.17 -9.17
C ARG D 57 -3.49 -40.48 -9.93
N PRO D 58 -3.65 -40.45 -11.27
CA PRO D 58 -3.69 -41.72 -12.02
C PRO D 58 -2.37 -42.49 -11.97
N ARG D 59 -1.25 -41.80 -11.83
CA ARG D 59 0.02 -42.54 -11.72
C ARG D 59 0.13 -43.25 -10.37
N ALA D 60 -0.46 -42.69 -9.31
CA ALA D 60 -0.51 -43.41 -8.04
C ALA D 60 -1.39 -44.66 -8.16
N LEU D 61 -2.51 -44.56 -8.88
CA LEU D 61 -3.35 -45.74 -9.08
C LEU D 61 -2.64 -46.76 -9.94
N ASP D 62 -1.95 -46.31 -10.99
CA ASP D 62 -1.14 -47.21 -11.79
C ASP D 62 -0.17 -48.00 -10.92
N ASP D 63 0.53 -47.30 -10.02
CA ASP D 63 1.53 -47.94 -9.15
C ASP D 63 0.90 -49.03 -8.28
N VAL D 64 -0.31 -48.79 -7.75
CA VAL D 64 -1.00 -49.82 -6.98
C VAL D 64 -1.24 -51.04 -7.85
N VAL D 65 -1.74 -50.83 -9.07
CA VAL D 65 -2.03 -51.94 -9.96
C VAL D 65 -0.76 -52.71 -10.29
N SER D 66 0.35 -52.00 -10.52
CA SER D 66 1.62 -52.67 -10.78
C SER D 66 2.00 -53.63 -9.67
N VAL D 67 1.77 -53.24 -8.40
CA VAL D 67 2.08 -54.14 -7.29
C VAL D 67 1.11 -55.31 -7.27
N VAL D 68 -0.18 -55.06 -7.52
CA VAL D 68 -1.16 -56.13 -7.62
C VAL D 68 -0.73 -57.16 -8.67
N ARG D 69 -0.27 -56.66 -9.83
CA ARG D 69 0.12 -57.56 -10.90
C ARG D 69 1.40 -58.32 -10.55
N ALA D 70 2.34 -57.66 -9.86
CA ALA D 70 3.53 -58.36 -9.39
C ALA D 70 3.17 -59.51 -8.46
N ALA D 71 2.15 -59.31 -7.61
CA ALA D 71 1.74 -60.40 -6.73
C ALA D 71 1.16 -61.55 -7.54
N GLY D 72 0.41 -61.24 -8.60
CA GLY D 72 -0.18 -62.27 -9.43
C GLY D 72 0.82 -63.19 -10.10
N GLU D 73 2.00 -62.66 -10.44
CA GLU D 73 3.07 -63.50 -11.00
C GLU D 73 3.46 -64.64 -10.07
N PHE D 74 3.13 -64.55 -8.79
CA PHE D 74 3.48 -65.56 -7.80
C PHE D 74 2.24 -66.23 -7.22
N ASP D 75 1.11 -66.13 -7.94
CA ASP D 75 -0.15 -66.73 -7.54
C ASP D 75 -0.64 -66.23 -6.18
N LEU D 76 -0.34 -64.96 -5.86
CA LEU D 76 -0.77 -64.37 -4.61
C LEU D 76 -2.09 -63.62 -4.81
N GLU D 77 -3.11 -64.00 -4.06
CA GLU D 77 -4.35 -63.24 -3.97
C GLU D 77 -4.08 -61.92 -3.25
N VAL D 78 -4.84 -60.88 -3.59
CA VAL D 78 -4.59 -59.54 -3.06
C VAL D 78 -5.87 -58.95 -2.52
N THR D 79 -5.77 -58.27 -1.37
CA THR D 79 -6.74 -57.24 -1.01
C THR D 79 -5.99 -55.94 -0.78
N VAL D 80 -6.72 -54.82 -0.87
CA VAL D 80 -6.15 -53.48 -0.77
C VAL D 80 -6.91 -52.71 0.29
N ASP D 81 -6.20 -52.16 1.27
CA ASP D 81 -6.81 -51.18 2.17
C ASP D 81 -6.85 -49.81 1.48
N ALA D 82 -8.02 -49.17 1.48
CA ALA D 82 -8.23 -47.99 0.65
C ALA D 82 -7.63 -46.72 1.27
N LEU D 83 -7.88 -46.50 2.56
CA LEU D 83 -7.57 -45.23 3.22
C LEU D 83 -6.54 -45.46 4.30
N ASN D 84 -5.27 -45.26 3.96
CA ASN D 84 -4.16 -45.32 4.91
C ASN D 84 -3.47 -43.95 4.83
N GLY D 85 -3.74 -43.06 5.78
CA GLY D 85 -4.40 -43.42 7.02
C GLY D 85 -3.36 -43.87 8.04
N HIS D 86 -3.70 -44.84 8.87
CA HIS D 86 -2.87 -45.17 10.01
C HIS D 86 -2.04 -46.42 9.74
N LEU D 87 -0.71 -46.34 9.95
CA LEU D 87 0.16 -47.49 9.75
C LEU D 87 1.27 -47.45 10.80
N SER D 88 1.26 -48.42 11.72
CA SER D 88 2.39 -48.68 12.63
C SER D 88 2.84 -47.40 13.35
N SER D 89 1.87 -46.70 13.93
CA SER D 89 1.96 -45.50 14.77
C SER D 89 1.96 -44.22 13.95
N TYR D 90 2.09 -44.30 12.62
CA TYR D 90 2.14 -43.11 11.77
C TYR D 90 0.79 -42.82 11.13
N ASP D 91 0.44 -41.53 11.03
CA ASP D 91 -0.77 -41.16 10.29
C ASP D 91 -0.33 -40.51 8.98
N PHE D 92 -0.81 -41.06 7.87
CA PHE D 92 -0.55 -40.56 6.52
C PHE D 92 -1.82 -39.83 6.09
N LEU D 93 -1.86 -38.51 6.30
CA LEU D 93 -3.03 -37.70 6.10
C LEU D 93 -2.72 -36.60 5.09
N PRO D 94 -3.53 -36.44 4.05
CA PRO D 94 -3.30 -35.37 3.08
C PRO D 94 -3.44 -34.00 3.73
N PRO D 95 -2.81 -32.97 3.17
CA PRO D 95 -2.89 -31.65 3.80
C PRO D 95 -4.31 -31.12 3.93
N TRP D 96 -5.23 -31.55 3.08
CA TRP D 96 -6.58 -30.99 3.08
C TRP D 96 -7.47 -31.58 4.18
N VAL D 97 -6.94 -32.41 5.09
CA VAL D 97 -7.72 -32.83 6.24
C VAL D 97 -7.05 -32.50 7.58
N ILE D 98 -5.95 -31.75 7.58
CA ILE D 98 -5.20 -31.47 8.81
C ILE D 98 -5.05 -29.97 9.07
N THR D 99 -4.65 -29.65 10.30
CA THR D 99 -4.41 -28.29 10.81
C THR D 99 -5.47 -27.29 10.37
N TRP D 100 -5.10 -26.31 9.53
CA TRP D 100 -6.07 -25.30 9.12
C TRP D 100 -7.24 -25.88 8.34
N HIS D 101 -7.07 -27.08 7.75
CA HIS D 101 -8.12 -27.75 7.02
C HIS D 101 -8.74 -28.91 7.81
N THR D 102 -8.60 -28.88 9.13
CA THR D 102 -9.18 -29.94 9.95
C THR D 102 -10.69 -29.97 9.78
N SER D 103 -11.16 -31.17 9.43
N SER D 103 -11.28 -31.17 9.68
CA SER D 103 -12.55 -31.50 9.28
CA SER D 103 -12.74 -31.21 9.71
C SER D 103 -12.72 -32.89 9.87
C SER D 103 -13.25 -32.34 10.61
N ASN D 104 -13.96 -33.29 10.01
CA ASN D 104 -14.26 -34.55 10.66
C ASN D 104 -14.06 -35.66 9.62
N LEU D 105 -13.21 -36.65 9.95
CA LEU D 105 -12.94 -37.70 8.97
C LEU D 105 -14.10 -38.68 8.81
N PHE D 106 -15.14 -38.61 9.65
CA PHE D 106 -16.28 -39.49 9.52
C PHE D 106 -17.56 -38.79 9.11
N THR D 107 -17.71 -37.50 9.38
CA THR D 107 -18.98 -36.83 9.14
C THR D 107 -18.91 -35.60 8.24
N ASP D 108 -17.72 -35.04 7.99
CA ASP D 108 -17.67 -33.86 7.12
C ASP D 108 -18.12 -34.22 5.71
N PRO D 109 -19.14 -33.54 5.16
CA PRO D 109 -19.64 -33.94 3.84
C PRO D 109 -18.61 -33.83 2.73
N LEU D 110 -17.69 -32.88 2.79
CA LEU D 110 -16.70 -32.78 1.71
C LEU D 110 -15.61 -33.84 1.86
N VAL D 111 -15.20 -34.16 3.09
CA VAL D 111 -14.24 -35.25 3.30
C VAL D 111 -14.83 -36.56 2.80
N LYS D 112 -16.08 -36.84 3.18
CA LYS D 112 -16.72 -38.08 2.73
C LYS D 112 -16.84 -38.13 1.22
N ALA D 113 -17.15 -36.99 0.58
CA ALA D 113 -17.19 -36.98 -0.87
C ALA D 113 -15.82 -37.30 -1.45
N GLY D 114 -14.76 -36.80 -0.82
CA GLY D 114 -13.42 -37.11 -1.28
C GLY D 114 -13.07 -38.57 -1.08
N GLN D 115 -13.38 -39.11 0.10
CA GLN D 115 -13.13 -40.53 0.37
C GLN D 115 -13.87 -41.43 -0.63
N THR D 116 -15.15 -41.16 -0.86
CA THR D 116 -15.88 -41.99 -1.82
C THR D 116 -15.30 -41.87 -3.23
N ASP D 117 -14.83 -40.67 -3.60
CA ASP D 117 -14.21 -40.50 -4.91
C ASP D 117 -12.98 -41.41 -5.05
N LEU D 118 -12.08 -41.35 -4.07
CA LEU D 118 -10.88 -42.18 -4.11
C LEU D 118 -11.23 -43.66 -4.12
N ILE D 119 -12.14 -44.08 -3.23
CA ILE D 119 -12.52 -45.49 -3.12
C ILE D 119 -13.14 -45.97 -4.42
N SER D 120 -13.96 -45.14 -5.05
N SER D 120 -13.96 -45.14 -5.05
CA SER D 120 -14.58 -45.53 -6.30
CA SER D 120 -14.58 -45.53 -6.31
C SER D 120 -13.55 -45.69 -7.42
C SER D 120 -13.54 -45.69 -7.41
N GLN D 121 -12.57 -44.78 -7.48
CA GLN D 121 -11.54 -44.88 -8.51
C GLN D 121 -10.66 -46.09 -8.28
N LEU D 122 -10.36 -46.41 -7.01
CA LEU D 122 -9.58 -47.59 -6.68
C LEU D 122 -10.33 -48.85 -7.06
N ALA D 123 -11.60 -48.95 -6.66
CA ALA D 123 -12.38 -50.15 -6.95
C ALA D 123 -12.53 -50.35 -8.45
N THR D 124 -12.60 -49.26 -9.21
CA THR D 124 -12.70 -49.35 -10.66
C THR D 124 -11.44 -49.97 -11.27
N ARG D 125 -10.26 -49.64 -10.72
CA ARG D 125 -9.03 -50.25 -11.21
C ARG D 125 -8.94 -51.72 -10.80
N LEU D 126 -9.21 -52.01 -9.53
CA LEU D 126 -8.94 -53.35 -8.99
C LEU D 126 -9.92 -54.40 -9.49
N ARG D 127 -11.15 -54.02 -9.82
CA ARG D 127 -12.09 -55.02 -10.31
C ARG D 127 -11.61 -55.69 -11.59
N GLU D 128 -10.67 -55.08 -12.30
CA GLU D 128 -10.12 -55.65 -13.52
C GLU D 128 -8.95 -56.60 -13.29
N GLU D 129 -8.44 -56.70 -12.04
CA GLU D 129 -7.30 -57.59 -11.83
C GLU D 129 -7.77 -58.93 -11.29
N PRO D 130 -7.34 -60.04 -11.92
CA PRO D 130 -7.95 -61.35 -11.57
C PRO D 130 -7.61 -61.84 -10.17
N ASN D 131 -6.46 -61.44 -9.60
CA ASN D 131 -6.07 -61.89 -8.27
C ASN D 131 -6.51 -60.95 -7.16
N ALA D 132 -7.14 -59.81 -7.50
CA ALA D 132 -7.68 -58.90 -6.50
C ALA D 132 -9.07 -59.37 -6.07
N THR D 133 -9.26 -59.58 -4.77
CA THR D 133 -10.48 -60.14 -4.22
C THR D 133 -11.38 -59.10 -3.55
N GLY D 134 -10.82 -57.98 -3.09
CA GLY D 134 -11.64 -56.97 -2.47
C GLY D 134 -10.79 -55.94 -1.77
N MET D 135 -11.46 -55.12 -0.95
CA MET D 135 -10.84 -53.98 -0.30
C MET D 135 -11.32 -53.87 1.14
N THR D 136 -10.43 -53.43 2.02
CA THR D 136 -10.80 -52.97 3.35
C THR D 136 -10.82 -51.44 3.31
N VAL D 137 -11.72 -50.82 4.08
CA VAL D 137 -11.88 -49.37 3.96
CA VAL D 137 -11.88 -49.37 3.99
C VAL D 137 -10.57 -48.65 4.25
N GLY D 138 -9.82 -49.15 5.22
CA GLY D 138 -8.53 -48.54 5.55
C GLY D 138 -8.00 -49.22 6.79
N ASN D 139 -6.68 -49.22 6.96
CA ASN D 139 -6.10 -49.94 8.08
C ASN D 139 -6.48 -49.25 9.39
N GLU D 140 -7.31 -49.91 10.19
CA GLU D 140 -7.67 -49.42 11.53
C GLU D 140 -8.15 -47.96 11.49
N PHE D 141 -8.90 -47.61 10.46
CA PHE D 141 -9.39 -46.23 10.36
C PHE D 141 -10.24 -45.79 11.56
N PRO D 142 -11.02 -46.66 12.25
CA PRO D 142 -11.70 -46.18 13.47
C PRO D 142 -10.80 -45.57 14.54
N GLN D 143 -9.48 -45.79 14.50
CA GLN D 143 -8.63 -45.18 15.52
C GLN D 143 -8.64 -43.65 15.44
N TYR D 144 -9.04 -43.07 14.30
CA TYR D 144 -9.22 -41.62 14.26
C TYR D 144 -10.37 -41.14 15.17
N ALA D 145 -11.20 -42.05 15.66
CA ALA D 145 -12.24 -41.74 16.65
C ALA D 145 -11.86 -42.17 18.06
N ALA D 146 -10.64 -42.66 18.28
CA ALA D 146 -10.30 -43.30 19.55
C ALA D 146 -10.37 -42.31 20.71
N LEU D 147 -10.99 -42.75 21.82
CA LEU D 147 -11.23 -41.87 22.97
C LEU D 147 -10.88 -42.52 24.31
N ALA D 148 -10.18 -43.65 24.31
CA ALA D 148 -9.93 -44.38 25.55
C ALA D 148 -8.89 -43.65 26.40
N PRO D 149 -8.97 -43.79 27.74
CA PRO D 149 -7.96 -43.16 28.61
C PRO D 149 -6.52 -43.42 28.19
N GLY D 150 -6.20 -44.66 27.87
CA GLY D 150 -4.87 -45.02 27.39
C GLY D 150 -4.71 -45.05 25.89
N HIS D 151 -5.74 -44.67 25.13
CA HIS D 151 -5.65 -44.66 23.67
C HIS D 151 -6.68 -43.71 23.10
N HIS D 152 -6.34 -42.42 23.05
CA HIS D 152 -7.25 -41.39 22.53
C HIS D 152 -6.48 -40.60 21.47
N HIS D 153 -7.08 -40.47 20.29
CA HIS D 153 -6.34 -39.89 19.17
C HIS D 153 -6.12 -38.40 19.44
N PRO D 154 -4.90 -37.89 19.25
CA PRO D 154 -4.63 -36.49 19.64
C PRO D 154 -5.33 -35.46 18.76
N THR D 155 -5.80 -35.83 17.56
CA THR D 155 -6.68 -34.96 16.76
C THR D 155 -7.95 -35.73 16.41
N ARG D 156 -8.59 -36.25 17.45
CA ARG D 156 -9.75 -37.13 17.32
C ARG D 156 -10.89 -36.49 16.52
N SER D 157 -11.55 -37.29 15.69
CA SER D 157 -12.81 -36.91 15.05
C SER D 157 -13.98 -37.39 15.90
N GLU D 158 -14.84 -36.45 16.30
CA GLU D 158 -16.04 -36.80 17.06
C GLU D 158 -16.97 -37.65 16.22
N CYS D 159 -17.56 -38.68 16.82
CA CYS D 159 -18.29 -39.64 16.02
C CYS D 159 -19.27 -40.37 16.93
N THR D 160 -20.55 -40.34 16.58
CA THR D 160 -21.53 -41.16 17.28
C THR D 160 -21.60 -42.55 16.67
N VAL D 161 -22.32 -43.44 17.35
CA VAL D 161 -22.50 -44.80 16.86
C VAL D 161 -23.20 -44.81 15.50
N ASP D 162 -24.19 -43.94 15.33
CA ASP D 162 -24.88 -43.91 14.03
C ASP D 162 -24.05 -43.24 12.96
N ASP D 163 -23.29 -42.20 13.32
CA ASP D 163 -22.27 -41.64 12.43
C ASP D 163 -21.33 -42.73 11.92
N ALA D 164 -20.85 -43.57 12.83
CA ALA D 164 -19.93 -44.64 12.45
C ALA D 164 -20.59 -45.59 11.45
N GLN D 165 -21.85 -45.98 11.71
CA GLN D 165 -22.51 -46.90 10.80
C GLN D 165 -22.79 -46.23 9.45
N THR D 166 -23.20 -44.96 9.48
CA THR D 166 -23.43 -44.24 8.23
C THR D 166 -22.18 -44.17 7.38
N TRP D 167 -21.03 -43.90 8.01
CA TRP D 167 -19.77 -43.81 7.27
C TRP D 167 -19.39 -45.16 6.65
N LEU D 168 -19.47 -46.23 7.44
CA LEU D 168 -19.20 -47.56 6.92
C LEU D 168 -20.12 -47.89 5.74
N GLU D 169 -21.42 -47.61 5.90
CA GLU D 169 -22.36 -47.92 4.83
C GLU D 169 -22.07 -47.10 3.59
N THR D 170 -21.63 -45.85 3.77
CA THR D 170 -21.26 -45.05 2.60
C THR D 170 -20.04 -45.63 1.91
N MET D 171 -19.00 -45.98 2.67
CA MET D 171 -17.76 -46.42 2.06
C MET D 171 -17.90 -47.83 1.46
N LEU D 172 -18.53 -48.75 2.20
CA LEU D 172 -18.73 -50.09 1.67
C LEU D 172 -19.71 -50.08 0.50
N GLY D 173 -20.73 -49.22 0.55
CA GLY D 173 -21.66 -49.14 -0.55
C GLY D 173 -21.01 -48.67 -1.84
N THR D 174 -20.10 -47.71 -1.73
CA THR D 174 -19.37 -47.24 -2.91
C THR D 174 -18.57 -48.38 -3.53
N MET D 175 -17.92 -49.19 -2.69
CA MET D 175 -17.18 -50.34 -3.19
C MET D 175 -18.09 -51.28 -3.94
N ARG D 176 -19.20 -51.68 -3.30
CA ARG D 176 -20.15 -52.62 -3.93
C ARG D 176 -20.68 -52.06 -5.25
N ASP D 177 -20.92 -50.75 -5.31
CA ASP D 177 -21.48 -50.14 -6.52
C ASP D 177 -20.56 -50.33 -7.72
N GLN D 178 -19.27 -50.10 -7.52
CA GLN D 178 -18.28 -50.15 -8.59
C GLN D 178 -17.73 -51.54 -8.83
N TRP D 179 -17.94 -52.45 -7.89
CA TRP D 179 -17.25 -53.74 -7.90
C TRP D 179 -18.18 -54.76 -7.26
N PRO D 180 -19.27 -55.12 -7.95
CA PRO D 180 -20.26 -56.01 -7.33
C PRO D 180 -19.72 -57.39 -6.99
N ASP D 181 -18.78 -57.93 -7.77
CA ASP D 181 -18.16 -59.22 -7.48
C ASP D 181 -17.27 -59.21 -6.25
N GLY D 182 -16.91 -58.05 -5.73
CA GLY D 182 -15.90 -58.00 -4.68
C GLY D 182 -16.45 -58.35 -3.30
N ARG D 183 -15.52 -58.57 -2.38
CA ARG D 183 -15.86 -58.68 -0.97
C ARG D 183 -15.15 -57.55 -0.24
N PHE D 184 -15.80 -57.00 0.79
CA PHE D 184 -15.32 -55.78 1.42
C PHE D 184 -15.43 -55.88 2.94
N TRP D 185 -14.49 -55.24 3.63
CA TRP D 185 -14.37 -55.36 5.07
C TRP D 185 -14.00 -54.01 5.66
N PHE D 186 -14.15 -53.89 6.99
CA PHE D 186 -13.39 -52.90 7.73
C PHE D 186 -12.65 -53.58 8.87
N GLY D 187 -11.51 -52.99 9.26
CA GLY D 187 -10.66 -53.56 10.29
C GLY D 187 -10.37 -52.51 11.34
N PHE D 188 -9.86 -52.96 12.48
CA PHE D 188 -9.85 -52.08 13.65
C PHE D 188 -9.00 -52.67 14.75
N ASP D 189 -8.40 -51.79 15.56
CA ASP D 189 -7.77 -52.24 16.80
C ASP D 189 -8.85 -52.66 17.80
N ASP D 190 -8.43 -53.24 18.93
CA ASP D 190 -9.44 -53.90 19.76
C ASP D 190 -10.22 -52.94 20.68
N ASP D 191 -10.07 -51.61 20.53
CA ASP D 191 -10.99 -50.69 21.20
C ASP D 191 -12.44 -51.04 20.87
N LEU D 192 -12.70 -51.47 19.64
CA LEU D 192 -14.05 -51.82 19.24
C LEU D 192 -14.61 -52.95 20.11
N TRP D 193 -13.75 -53.89 20.51
CA TRP D 193 -14.22 -54.99 21.36
C TRP D 193 -14.34 -54.58 22.83
N PHE D 194 -13.51 -53.63 23.29
CA PHE D 194 -13.26 -53.48 24.72
C PHE D 194 -13.56 -52.11 25.33
N VAL D 195 -13.78 -51.08 24.53
CA VAL D 195 -13.94 -49.72 25.08
C VAL D 195 -15.42 -49.35 24.95
N ASP D 196 -16.09 -49.17 26.11
CA ASP D 196 -17.54 -49.01 26.14
C ASP D 196 -18.02 -47.85 25.28
N ASP D 197 -17.27 -46.74 25.30
CA ASP D 197 -17.64 -45.50 24.61
C ASP D 197 -17.21 -45.45 23.14
N HIS D 198 -16.36 -46.37 22.69
CA HIS D 198 -15.90 -46.32 21.31
C HIS D 198 -17.07 -46.37 20.34
N PRO D 199 -17.16 -45.46 19.37
CA PRO D 199 -18.36 -45.38 18.51
C PRO D 199 -18.46 -46.47 17.46
N PHE D 200 -17.38 -47.17 17.15
CA PHE D 200 -17.46 -48.35 16.33
C PHE D 200 -17.65 -49.54 17.28
N THR D 201 -18.70 -50.33 17.05
CA THR D 201 -19.19 -51.29 18.02
C THR D 201 -19.06 -52.72 17.51
N PRO D 202 -19.15 -53.71 18.41
CA PRO D 202 -19.19 -55.09 17.93
C PRO D 202 -20.34 -55.36 16.98
N ARG D 203 -21.48 -54.69 17.17
CA ARG D 203 -22.56 -54.84 16.21
C ARG D 203 -22.11 -54.46 14.81
N HIS D 204 -21.39 -53.33 14.68
CA HIS D 204 -20.87 -52.94 13.38
C HIS D 204 -19.93 -54.00 12.82
N ALA D 205 -19.03 -54.52 13.65
CA ALA D 205 -18.04 -55.50 13.20
C ALA D 205 -18.69 -56.76 12.64
N VAL D 206 -19.78 -57.23 13.25
CA VAL D 206 -20.38 -58.50 12.83
C VAL D 206 -21.49 -58.33 11.81
N THR D 207 -21.85 -57.10 11.43
CA THR D 207 -22.90 -56.87 10.44
C THR D 207 -22.41 -56.19 9.17
N GLN D 208 -21.34 -55.41 9.23
CA GLN D 208 -20.87 -54.64 8.09
C GLN D 208 -19.76 -55.38 7.37
N GLY D 209 -19.82 -55.37 6.02
CA GLY D 209 -18.81 -56.04 5.23
C GLY D 209 -19.06 -57.54 5.15
N SER D 210 -18.14 -58.23 4.45
CA SER D 210 -18.33 -59.64 4.12
C SER D 210 -17.94 -60.60 5.23
N ALA D 211 -17.11 -60.19 6.18
CA ALA D 211 -16.68 -61.06 7.26
C ALA D 211 -16.28 -60.19 8.44
N THR D 212 -16.40 -60.76 9.64
CA THR D 212 -15.90 -60.09 10.82
C THR D 212 -14.39 -60.18 10.83
N THR D 213 -13.72 -59.04 10.95
CA THR D 213 -12.27 -59.04 11.05
C THR D 213 -11.82 -58.90 12.50
N VAL D 214 -10.60 -59.37 12.75
CA VAL D 214 -9.98 -59.28 14.06
C VAL D 214 -8.53 -58.87 13.85
N HIS D 215 -8.07 -57.89 14.61
CA HIS D 215 -6.64 -57.63 14.79
C HIS D 215 -6.25 -58.02 16.21
N SER D 216 -5.22 -58.88 16.34
CA SER D 216 -4.86 -59.48 17.62
C SER D 216 -3.45 -59.03 18.00
N TRP D 217 -3.34 -58.17 19.02
CA TRP D 217 -2.06 -57.62 19.46
C TRP D 217 -1.94 -57.72 20.96
N VAL D 218 -0.89 -58.43 21.43
CA VAL D 218 -0.78 -58.71 22.86
C VAL D 218 0.07 -57.68 23.61
N PHE D 219 0.67 -56.71 22.92
CA PHE D 219 1.65 -55.88 23.64
C PHE D 219 1.01 -54.80 24.50
N ALA D 220 -0.19 -54.32 24.17
CA ALA D 220 -0.78 -53.22 24.93
C ALA D 220 -1.32 -53.66 26.30
N GLN D 221 -1.96 -54.83 26.37
CA GLN D 221 -2.61 -55.21 27.62
C GLN D 221 -2.34 -56.65 28.05
N VAL D 222 -2.45 -57.61 27.12
CA VAL D 222 -2.33 -59.02 27.51
C VAL D 222 -0.94 -59.32 28.05
N GLY D 223 0.10 -58.89 27.34
CA GLY D 223 1.45 -59.08 27.78
C GLY D 223 1.76 -58.38 29.10
N PRO D 224 1.46 -57.07 29.21
CA PRO D 224 1.68 -56.39 30.51
C PRO D 224 0.98 -57.06 31.69
N ARG D 225 -0.22 -57.62 31.52
CA ARG D 225 -0.88 -58.25 32.65
C ARG D 225 -0.33 -59.65 32.94
N PHE D 226 -0.13 -60.47 31.90
CA PHE D 226 0.14 -61.88 32.11
C PHE D 226 1.62 -62.25 31.97
N GLY D 227 2.38 -61.51 31.19
CA GLY D 227 3.82 -61.66 31.16
C GLY D 227 4.30 -62.62 30.09
N GLU D 228 5.58 -62.47 29.75
CA GLU D 228 6.25 -63.35 28.79
C GLU D 228 6.05 -64.83 29.17
N GLY D 229 5.75 -65.66 28.17
CA GLY D 229 5.60 -67.09 28.39
C GLY D 229 4.23 -67.56 28.84
N HIS D 230 3.31 -66.65 29.18
CA HIS D 230 2.01 -67.06 29.68
C HIS D 230 1.11 -67.49 28.52
N PRO D 231 0.29 -68.53 28.72
CA PRO D 231 -0.59 -69.01 27.64
C PRO D 231 -1.58 -67.96 27.12
N ALA D 232 -1.92 -66.96 27.93
CA ALA D 232 -2.81 -65.91 27.41
C ALA D 232 -2.24 -65.26 26.15
N LEU D 233 -0.91 -65.23 26.01
CA LEU D 233 -0.31 -64.60 24.84
C LEU D 233 -0.61 -65.37 23.56
N THR D 234 -0.69 -66.70 23.63
CA THR D 234 -1.00 -67.47 22.41
C THR D 234 -2.49 -67.75 22.26
N TRP D 235 -3.29 -67.63 23.34
CA TRP D 235 -4.73 -67.84 23.26
C TRP D 235 -5.50 -66.59 22.83
N PHE D 236 -4.87 -65.42 22.87
CA PHE D 236 -5.60 -64.17 22.64
C PHE D 236 -6.35 -64.13 21.32
N PRO D 237 -5.76 -64.47 20.16
CA PRO D 237 -6.53 -64.38 18.90
C PRO D 237 -7.74 -65.29 18.89
N ARG D 238 -7.61 -66.53 19.39
CA ARG D 238 -8.76 -67.43 19.45
C ARG D 238 -9.85 -66.85 20.35
N TYR D 239 -9.46 -66.21 21.46
CA TYR D 239 -10.42 -65.53 22.31
C TYR D 239 -11.17 -64.43 21.55
N LEU D 240 -10.44 -63.58 20.84
CA LEU D 240 -11.08 -62.52 20.07
C LEU D 240 -12.04 -63.10 19.05
N LEU D 241 -11.64 -64.17 18.36
CA LEU D 241 -12.50 -64.79 17.36
C LEU D 241 -13.73 -65.44 18.00
N GLU D 242 -13.56 -66.03 19.20
CA GLU D 242 -14.74 -66.54 19.89
C GLU D 242 -15.66 -65.40 20.33
N LEU D 243 -15.07 -64.27 20.70
CA LEU D 243 -15.85 -63.08 21.02
C LEU D 243 -16.61 -62.57 19.81
N ALA D 244 -15.96 -62.53 18.64
CA ALA D 244 -16.62 -62.12 17.41
C ALA D 244 -17.77 -63.07 17.06
N ARG D 245 -17.60 -64.35 17.35
CA ARG D 245 -18.69 -65.30 17.11
C ARG D 245 -19.82 -65.09 18.11
N ALA D 246 -19.48 -64.78 19.37
CA ALA D 246 -20.51 -64.55 20.37
C ALA D 246 -21.41 -63.38 19.99
N TRP D 247 -20.82 -62.34 19.38
CA TRP D 247 -21.60 -61.14 19.05
C TRP D 247 -22.51 -61.35 17.86
N SER D 248 -22.16 -62.28 16.97
CA SER D 248 -22.93 -62.45 15.73
C SER D 248 -24.17 -63.31 15.97
N HIS D 249 -25.32 -62.86 15.43
CA HIS D 249 -26.57 -63.64 15.42
C HIS D 249 -26.57 -64.71 14.35
N ASP D 250 -25.64 -64.65 13.41
CA ASP D 250 -25.67 -65.47 12.22
C ASP D 250 -24.62 -66.57 12.34
N PRO D 251 -25.00 -67.85 12.41
CA PRO D 251 -23.99 -68.91 12.51
C PRO D 251 -23.11 -69.07 11.27
N GLU D 252 -23.49 -68.48 10.13
CA GLU D 252 -22.68 -68.57 8.92
C GLU D 252 -21.82 -67.32 8.67
N ARG D 253 -21.69 -66.43 9.65
CA ARG D 253 -20.92 -65.20 9.46
C ARG D 253 -19.43 -65.55 9.45
N PRO D 254 -18.71 -65.35 8.35
CA PRO D 254 -17.29 -65.74 8.31
C PRO D 254 -16.44 -64.79 9.14
N LEU D 255 -15.23 -65.25 9.45
CA LEU D 255 -14.24 -64.50 10.21
C LEU D 255 -12.94 -64.43 9.43
N TRP D 256 -12.23 -63.29 9.56
CA TRP D 256 -10.91 -63.12 8.99
C TRP D 256 -10.00 -62.57 10.09
N LEU D 257 -9.00 -63.36 10.49
CA LEU D 257 -7.94 -62.87 11.39
C LEU D 257 -6.98 -62.07 10.54
N GLN D 258 -7.28 -60.77 10.42
CA GLN D 258 -6.60 -59.90 9.47
C GLN D 258 -5.24 -59.42 9.94
N GLU D 259 -4.99 -59.39 11.26
CA GLU D 259 -3.67 -59.09 11.79
C GLU D 259 -3.39 -59.95 13.01
N VAL D 260 -2.21 -60.55 13.05
CA VAL D 260 -1.72 -61.21 14.24
C VAL D 260 -0.20 -61.21 14.13
N GLY D 261 0.46 -61.07 15.27
CA GLY D 261 1.92 -60.99 15.21
C GLY D 261 2.50 -61.29 16.57
N ALA D 262 3.83 -61.23 16.63
CA ALA D 262 4.58 -61.64 17.83
C ALA D 262 5.47 -60.48 18.27
N PRO D 263 4.96 -59.55 19.09
CA PRO D 263 5.77 -58.38 19.46
C PRO D 263 6.89 -58.74 20.43
N ARG D 264 8.08 -58.22 20.15
CA ARG D 264 9.25 -58.58 20.95
C ARG D 264 9.25 -57.94 22.34
N THR D 265 8.24 -57.11 22.65
CA THR D 265 8.03 -56.69 24.02
C THR D 265 7.76 -57.88 24.93
N HIS D 266 7.08 -58.92 24.41
CA HIS D 266 6.70 -60.06 25.24
C HIS D 266 6.97 -61.42 24.61
N VAL D 267 7.47 -61.46 23.37
CA VAL D 267 7.84 -62.69 22.70
C VAL D 267 9.24 -62.50 22.14
N PRO D 268 10.29 -62.89 22.86
CA PRO D 268 11.64 -62.70 22.34
C PRO D 268 11.85 -63.49 21.06
N ASP D 269 12.84 -63.05 20.27
CA ASP D 269 13.19 -63.72 19.02
C ASP D 269 13.26 -65.23 19.20
N SER D 270 13.90 -65.69 20.29
CA SER D 270 14.10 -67.12 20.51
C SER D 270 12.83 -67.84 20.92
N SER D 271 11.75 -67.11 21.23
CA SER D 271 10.45 -67.72 21.51
C SER D 271 9.50 -67.68 20.32
N SER D 272 9.89 -67.04 19.21
CA SER D 272 8.90 -66.71 18.17
C SER D 272 8.41 -67.95 17.42
N ALA D 273 9.31 -68.90 17.13
CA ALA D 273 8.87 -70.12 16.48
C ALA D 273 7.82 -70.83 17.30
N ALA D 274 8.05 -70.95 18.63
CA ALA D 274 7.10 -71.64 19.48
C ALA D 274 5.78 -70.88 19.57
N PHE D 275 5.86 -69.56 19.68
CA PHE D 275 4.66 -68.72 19.69
C PHE D 275 3.84 -68.94 18.42
N MET D 276 4.51 -68.97 17.26
CA MET D 276 3.83 -69.20 15.99
C MET D 276 3.12 -70.55 15.98
N THR D 277 3.81 -71.59 16.44
CA THR D 277 3.25 -72.94 16.39
C THR D 277 2.07 -73.07 17.35
N THR D 278 2.22 -72.58 18.58
CA THR D 278 1.15 -72.68 19.56
C THR D 278 -0.06 -71.83 19.17
N THR D 279 0.18 -70.59 18.72
CA THR D 279 -0.93 -69.75 18.26
C THR D 279 -1.68 -70.39 17.10
N MET D 280 -0.95 -70.84 16.07
CA MET D 280 -1.61 -71.39 14.90
C MET D 280 -2.38 -72.66 15.24
N ALA D 281 -1.81 -73.49 16.10
CA ALA D 281 -2.50 -74.74 16.46
C ALA D 281 -3.82 -74.44 17.16
N SER D 282 -3.87 -73.40 17.98
CA SER D 282 -5.10 -73.04 18.68
C SER D 282 -6.12 -72.33 17.78
N LEU D 283 -5.82 -72.14 16.49
CA LEU D 283 -6.74 -71.49 15.58
C LEU D 283 -7.32 -72.42 14.52
N THR D 284 -6.73 -73.62 14.34
CA THR D 284 -7.13 -74.48 13.22
C THR D 284 -8.62 -74.83 13.30
N SER D 285 -9.15 -75.01 14.50
CA SER D 285 -10.52 -75.50 14.68
C SER D 285 -11.57 -74.38 14.79
N THR D 286 -11.18 -73.13 14.57
CA THR D 286 -12.09 -71.99 14.72
C THR D 286 -13.23 -72.07 13.71
N PRO D 287 -14.48 -72.19 14.15
CA PRO D 287 -15.60 -72.25 13.19
C PRO D 287 -15.72 -70.93 12.42
N GLY D 288 -15.81 -71.03 11.09
CA GLY D 288 -15.99 -69.87 10.25
C GLY D 288 -14.74 -69.12 9.88
N LEU D 289 -13.57 -69.54 10.38
CA LEU D 289 -12.33 -68.80 10.14
C LEU D 289 -11.81 -69.09 8.73
N GLU D 290 -11.86 -68.08 7.87
CA GLU D 290 -11.52 -68.24 6.46
C GLU D 290 -10.07 -67.93 6.13
N ALA D 291 -9.38 -67.14 6.95
CA ALA D 291 -8.04 -66.71 6.59
C ALA D 291 -7.34 -66.18 7.82
N ILE D 292 -6.02 -66.33 7.84
CA ILE D 292 -5.15 -65.71 8.83
C ILE D 292 -4.08 -64.93 8.07
N THR D 293 -3.85 -63.68 8.48
CA THR D 293 -2.90 -62.81 7.78
C THR D 293 -1.89 -62.27 8.79
N TRP D 294 -0.64 -62.67 8.63
CA TRP D 294 0.38 -62.34 9.63
C TRP D 294 0.83 -60.91 9.42
N TRP D 295 1.04 -60.20 10.54
CA TRP D 295 1.73 -58.90 10.49
C TRP D 295 3.14 -59.11 11.03
N CYS D 296 4.16 -58.97 10.17
CA CYS D 296 4.07 -58.54 8.78
C CYS D 296 5.05 -59.38 7.95
N SER D 297 5.14 -59.09 6.65
CA SER D 297 5.99 -59.91 5.78
C SER D 297 7.47 -59.68 6.08
N HIS D 298 7.88 -58.42 6.21
CA HIS D 298 9.30 -58.07 6.27
C HIS D 298 9.61 -57.07 7.38
N ASP D 299 10.71 -57.33 8.10
CA ASP D 299 11.21 -56.38 9.09
C ASP D 299 11.35 -54.98 8.51
N VAL D 300 11.06 -53.97 9.33
CA VAL D 300 11.23 -52.59 8.89
C VAL D 300 12.72 -52.23 8.98
N SER D 301 13.24 -51.59 7.93
CA SER D 301 14.63 -51.16 7.95
C SER D 301 14.93 -50.27 9.14
N ARG D 302 16.03 -50.58 9.84
CA ARG D 302 16.49 -49.75 10.96
C ARG D 302 17.03 -48.42 10.51
N ASP D 303 17.25 -48.23 9.20
CA ASP D 303 17.56 -46.89 8.70
C ASP D 303 16.38 -45.94 8.85
N LEU D 304 15.18 -46.47 9.04
CA LEU D 304 14.01 -45.64 9.26
C LEU D 304 13.86 -45.41 10.75
N LEU D 305 13.56 -44.17 11.13
CA LEU D 305 13.67 -43.74 12.51
C LEU D 305 12.30 -43.54 13.14
N ASP D 306 12.28 -43.44 14.47
CA ASP D 306 11.16 -42.99 15.30
C ASP D 306 9.97 -43.96 15.36
N PHE D 307 10.08 -45.18 14.83
CA PHE D 307 9.06 -46.19 15.11
C PHE D 307 9.12 -46.58 16.60
N PRO D 308 7.98 -46.87 17.23
CA PRO D 308 7.99 -47.70 18.44
C PRO D 308 8.82 -48.94 18.16
N GLU D 309 9.76 -49.23 19.06
CA GLU D 309 10.80 -50.21 18.74
C GLU D 309 10.22 -51.56 18.35
N LEU D 310 9.05 -51.92 18.89
CA LEU D 310 8.53 -53.26 18.59
C LEU D 310 8.13 -53.40 17.12
N GLU D 311 7.96 -52.28 16.39
CA GLU D 311 7.51 -52.37 15.01
C GLU D 311 8.58 -52.96 14.11
N TYR D 312 9.86 -52.80 14.46
CA TYR D 312 10.92 -53.15 13.53
C TYR D 312 10.98 -54.66 13.28
N SER D 313 10.74 -55.48 14.31
CA SER D 313 11.06 -56.91 14.28
C SER D 313 9.83 -57.82 14.08
N LEU D 314 8.73 -57.29 13.54
CA LEU D 314 7.51 -58.06 13.34
C LEU D 314 7.49 -58.89 12.07
N GLY D 315 8.53 -58.84 11.24
CA GLY D 315 8.45 -59.53 9.97
C GLY D 315 8.60 -61.05 10.09
N LEU D 316 8.09 -61.76 9.08
CA LEU D 316 8.45 -63.15 8.87
C LEU D 316 9.86 -63.28 8.32
N PHE D 317 10.28 -62.31 7.52
CA PHE D 317 11.61 -62.22 6.93
C PHE D 317 12.38 -61.08 7.58
N THR D 318 13.70 -61.25 7.67
CA THR D 318 14.54 -60.11 7.98
C THR D 318 14.44 -59.08 6.86
N ASN D 319 15.00 -57.90 7.09
CA ASN D 319 14.91 -56.87 6.07
C ASN D 319 15.69 -57.24 4.82
N ASP D 320 16.71 -58.10 4.93
CA ASP D 320 17.46 -58.61 3.78
C ASP D 320 16.80 -59.81 3.11
N GLY D 321 15.64 -60.28 3.58
CA GLY D 321 14.88 -61.30 2.90
C GLY D 321 15.11 -62.73 3.36
N LYS D 322 15.83 -62.94 4.45
CA LYS D 322 16.03 -64.30 4.96
C LYS D 322 14.89 -64.68 5.90
N PRO D 323 14.35 -65.89 5.79
CA PRO D 323 13.22 -66.29 6.64
C PRO D 323 13.66 -66.50 8.08
N LYS D 324 12.88 -65.94 9.00
CA LYS D 324 13.15 -66.09 10.43
C LYS D 324 12.58 -67.41 10.94
N PRO D 325 12.97 -67.84 12.15
CA PRO D 325 12.50 -69.15 12.65
C PRO D 325 10.98 -69.31 12.65
N GLU D 326 10.23 -68.25 12.98
CA GLU D 326 8.78 -68.40 12.98
C GLU D 326 8.21 -68.53 11.58
N ALA D 327 8.91 -68.03 10.56
CA ALA D 327 8.47 -68.24 9.18
C ALA D 327 8.57 -69.72 8.82
N LEU D 328 9.67 -70.36 9.17
CA LEU D 328 9.80 -71.79 8.91
C LEU D 328 8.76 -72.58 9.67
N ALA D 329 8.52 -72.20 10.93
CA ALA D 329 7.51 -72.88 11.73
C ALA D 329 6.13 -72.73 11.10
N LEU D 330 5.83 -71.56 10.53
CA LEU D 330 4.56 -71.35 9.83
C LEU D 330 4.47 -72.22 8.59
N SER D 331 5.55 -72.29 7.80
N SER D 331 5.55 -72.30 7.82
CA SER D 331 5.55 -73.14 6.61
CA SER D 331 5.54 -73.12 6.62
C SER D 331 5.24 -74.57 6.97
C SER D 331 5.25 -74.59 6.96
N ASP D 332 5.82 -75.07 8.07
CA ASP D 332 5.61 -76.44 8.51
C ASP D 332 4.16 -76.70 8.90
N MET D 333 3.41 -75.67 9.26
CA MET D 333 2.03 -75.84 9.69
C MET D 333 1.03 -75.70 8.57
N LEU D 334 1.45 -75.33 7.36
CA LEU D 334 0.49 -74.98 6.32
C LEU D 334 -0.43 -76.13 5.93
N PRO D 335 0.02 -77.38 5.79
CA PRO D 335 -0.97 -78.45 5.52
C PRO D 335 -2.05 -78.54 6.58
N ASP D 336 -1.69 -78.42 7.86
CA ASP D 336 -2.71 -78.46 8.92
C ASP D 336 -3.63 -77.25 8.88
N LEU D 337 -3.10 -76.08 8.50
CA LEU D 337 -3.96 -74.89 8.44
C LEU D 337 -4.89 -74.95 7.24
N HIS D 338 -4.38 -75.38 6.06
CA HIS D 338 -5.24 -75.50 4.90
C HIS D 338 -6.36 -76.49 5.14
N ASN D 339 -6.06 -77.59 5.83
CA ASN D 339 -7.10 -78.59 6.09
C ASN D 339 -8.12 -78.10 7.12
N ALA D 340 -7.67 -77.42 8.17
CA ALA D 340 -8.52 -76.86 9.22
C ALA D 340 -9.62 -77.83 9.64
N GLN D 341 -9.25 -78.85 10.40
CA GLN D 341 -10.21 -79.85 10.84
C GLN D 341 -11.21 -79.22 11.81
N PRO D 342 -12.51 -79.30 11.55
CA PRO D 342 -13.49 -78.74 12.47
C PRO D 342 -13.44 -79.40 13.85
N GLN D 343 -14.02 -78.70 14.82
CA GLN D 343 -14.30 -79.30 16.12
C GLN D 343 -15.61 -78.73 16.64
N HIS D 344 -16.60 -79.60 16.80
CA HIS D 344 -17.88 -79.26 17.39
C HIS D 344 -17.67 -78.93 18.86
N GLN D 345 -18.03 -77.72 19.27
CA GLN D 345 -17.86 -77.31 20.65
C GLN D 345 -19.14 -77.62 21.41
N LEU D 346 -19.03 -78.46 22.45
CA LEU D 346 -20.19 -78.91 23.23
C LEU D 346 -20.10 -78.43 24.68
N ASP D 347 -19.60 -77.22 24.88
CA ASP D 347 -19.36 -76.68 26.22
C ASP D 347 -20.54 -75.82 26.67
N GLU D 348 -20.46 -75.33 27.91
CA GLU D 348 -21.35 -74.27 28.37
C GLU D 348 -20.63 -72.94 28.10
N PRO D 349 -21.09 -72.15 27.14
CA PRO D 349 -20.39 -70.90 26.83
C PRO D 349 -20.32 -69.96 28.01
N LEU D 350 -19.15 -69.34 28.19
CA LEU D 350 -18.99 -68.31 29.21
C LEU D 350 -19.77 -67.06 28.81
N GLU D 351 -20.53 -66.52 29.75
CA GLU D 351 -21.52 -65.48 29.46
C GLU D 351 -21.00 -64.10 29.81
N PHE D 352 -21.47 -63.12 29.03
CA PHE D 352 -21.22 -61.72 29.35
C PHE D 352 -22.40 -60.90 28.86
N SER D 353 -22.62 -59.77 29.53
CA SER D 353 -23.71 -58.85 29.21
C SER D 353 -23.15 -57.58 28.60
N ALA D 354 -23.78 -57.12 27.54
CA ALA D 354 -23.39 -55.89 26.87
C ALA D 354 -24.53 -55.48 25.97
N ASN D 355 -24.51 -54.23 25.52
CA ASN D 355 -25.61 -53.68 24.75
C ASN D 355 -25.36 -53.81 23.26
N TRP D 356 -26.36 -54.35 22.55
CA TRP D 356 -26.25 -54.54 21.12
C TRP D 356 -26.28 -53.21 20.38
N ASP D 357 -27.11 -52.26 20.83
CA ASP D 357 -27.25 -51.01 20.09
C ASP D 357 -26.04 -50.10 20.30
N THR D 358 -25.59 -49.95 21.53
CA THR D 358 -24.58 -48.96 21.85
C THR D 358 -23.20 -49.55 22.15
N GLY D 359 -23.08 -50.86 22.34
CA GLY D 359 -21.81 -51.43 22.78
C GLY D 359 -21.48 -51.20 24.23
N ALA D 360 -22.40 -50.64 24.99
CA ALA D 360 -22.15 -50.38 26.41
C ALA D 360 -21.95 -51.71 27.15
N GLY D 361 -21.05 -51.69 28.14
CA GLY D 361 -20.73 -52.88 28.90
C GLY D 361 -19.71 -53.79 28.26
N ARG D 362 -19.29 -53.52 27.01
CA ARG D 362 -18.36 -54.41 26.33
C ARG D 362 -17.02 -54.52 27.04
N SER D 363 -16.69 -53.57 27.92
CA SER D 363 -15.44 -53.64 28.65
C SER D 363 -15.36 -54.83 29.60
N VAL D 364 -16.48 -55.53 29.83
CA VAL D 364 -16.40 -56.75 30.65
C VAL D 364 -15.51 -57.80 29.99
N CYS D 365 -15.33 -57.73 28.67
CA CYS D 365 -14.52 -58.67 27.89
C CYS D 365 -13.04 -58.28 27.80
N SER D 366 -12.65 -57.15 28.37
CA SER D 366 -11.28 -56.65 28.34
C SER D 366 -10.27 -57.68 28.83
N PRO D 367 -9.07 -57.69 28.24
CA PRO D 367 -7.99 -58.56 28.76
C PRO D 367 -7.61 -58.27 30.19
N MET D 368 -7.99 -57.12 30.73
CA MET D 368 -7.76 -56.78 32.13
C MET D 368 -8.81 -57.36 33.07
N GLY D 369 -9.88 -57.97 32.55
CA GLY D 369 -11.00 -58.39 33.35
C GLY D 369 -10.97 -59.87 33.72
N ASP D 370 -11.95 -60.25 34.54
CA ASP D 370 -12.05 -61.64 35.04
C ASP D 370 -12.46 -62.61 33.94
N LEU D 371 -13.33 -62.18 33.03
CA LEU D 371 -13.83 -63.09 32.00
C LEU D 371 -12.70 -63.63 31.14
N PHE D 372 -11.78 -62.75 30.69
CA PHE D 372 -10.67 -63.22 29.87
C PHE D 372 -9.75 -64.16 30.67
N ALA D 373 -9.45 -63.82 31.92
CA ALA D 373 -8.59 -64.69 32.71
C ALA D 373 -9.27 -66.04 32.95
N GLN D 374 -10.58 -66.03 33.20
CA GLN D 374 -11.35 -67.26 33.34
C GLN D 374 -11.35 -68.07 32.04
N TRP D 375 -11.45 -67.38 30.92
CA TRP D 375 -11.45 -68.05 29.62
C TRP D 375 -10.13 -68.75 29.37
N VAL D 376 -9.02 -68.06 29.68
CA VAL D 376 -7.71 -68.65 29.44
C VAL D 376 -7.49 -69.85 30.35
N ASP D 377 -7.89 -69.74 31.61
CA ASP D 377 -7.73 -70.86 32.55
C ASP D 377 -8.47 -72.10 32.06
N GLN D 378 -9.69 -71.91 31.56
CA GLN D 378 -10.48 -73.04 31.09
C GLN D 378 -9.91 -73.61 29.80
N ALA D 379 -9.46 -72.73 28.90
CA ALA D 379 -8.82 -73.19 27.68
C ALA D 379 -7.58 -74.02 28.01
N GLU D 380 -6.82 -73.60 29.02
CA GLU D 380 -5.60 -74.33 29.40
C GLU D 380 -5.94 -75.65 30.07
N GLN D 381 -6.91 -75.63 30.99
CA GLN D 381 -7.23 -76.82 31.77
C GLN D 381 -7.85 -77.91 30.90
N THR D 382 -8.69 -77.53 29.94
CA THR D 382 -9.34 -78.50 29.07
C THR D 382 -8.59 -78.74 27.76
N GLY D 383 -7.77 -77.78 27.34
CA GLY D 383 -7.17 -77.85 26.03
C GLY D 383 -8.10 -77.48 24.90
N ARG D 384 -9.35 -77.13 25.18
CA ARG D 384 -10.35 -76.76 24.18
C ARG D 384 -10.72 -75.29 24.35
N ALA D 385 -10.81 -74.57 23.25
CA ALA D 385 -11.21 -73.16 23.32
C ALA D 385 -12.65 -73.01 23.82
N PRO D 386 -12.89 -72.31 24.92
CA PRO D 386 -14.29 -72.07 25.34
C PRO D 386 -15.01 -71.16 24.37
N ARG D 387 -16.30 -71.41 24.21
CA ARG D 387 -17.15 -70.47 23.52
C ARG D 387 -17.57 -69.35 24.47
N LEU D 388 -18.01 -68.24 23.88
CA LEU D 388 -18.55 -67.12 24.62
C LEU D 388 -20.00 -66.94 24.19
N ALA D 389 -20.78 -66.29 25.05
CA ALA D 389 -22.19 -66.06 24.78
C ALA D 389 -22.59 -64.68 25.26
N LEU D 390 -23.22 -63.92 24.38
CA LEU D 390 -23.71 -62.59 24.72
C LEU D 390 -25.12 -62.68 25.29
N ARG D 391 -25.33 -62.03 26.44
N ARG D 391 -25.32 -62.04 26.44
CA ARG D 391 -26.67 -61.83 26.98
CA ARG D 391 -26.65 -61.81 27.01
C ARG D 391 -27.03 -60.35 26.82
C ARG D 391 -26.99 -60.34 26.80
N PRO D 392 -27.85 -60.01 25.84
CA PRO D 392 -28.09 -58.58 25.52
C PRO D 392 -28.78 -57.87 26.67
N THR D 393 -28.25 -56.61 27.04
CA THR D 393 -28.88 -55.75 28.02
C THR D 393 -29.95 -54.87 27.37
N PRO D 394 -30.96 -54.41 28.14
CA PRO D 394 -32.04 -53.62 27.52
C PRO D 394 -31.59 -52.21 27.13
S1 MPO E . -31.26 25.62 -11.24
O1 MPO E . -31.78 25.80 -9.84
O2 MPO E . -32.36 25.23 -12.22
O4 MPO E . -29.35 31.61 -7.24
N1 MPO E . -30.50 29.76 -9.21
C1 MPO E . -30.40 27.09 -11.85
O3 MPO E . -30.29 24.48 -11.04
C2 MPO E . -30.87 28.31 -11.07
C3 MPO E . -30.04 28.52 -9.79
C4 MPO E . -29.62 30.81 -9.58
C5 MPO E . -29.62 31.97 -8.59
C6 MPO E . -29.62 30.23 -6.95
C7 MPO E . -30.73 29.62 -7.81
S1 MPO F . -12.95 38.69 -19.00
O1 MPO F . -13.68 39.82 -18.28
O2 MPO F . -12.59 39.06 -20.43
O4 MPO F . -7.50 39.14 -22.47
N1 MPO F . -8.11 38.18 -19.98
C1 MPO F . -11.40 38.24 -18.18
O3 MPO F . -13.93 37.55 -18.86
C2 MPO F . -10.28 38.77 -19.07
C3 MPO F . -9.03 37.90 -18.90
C4 MPO F . -7.95 39.59 -20.13
C5 MPO F . -8.01 40.12 -21.57
C6 MPO F . -8.40 38.03 -22.49
C7 MPO F . -8.48 37.36 -21.11
S1 MPO G . -19.34 60.44 -22.78
O1 MPO G . -20.81 60.16 -22.99
O2 MPO G . -18.98 61.84 -23.21
O4 MPO G . -17.74 54.62 -17.83
N1 MPO G . -18.73 57.02 -19.03
C1 MPO G . -18.85 60.17 -21.06
O3 MPO G . -18.70 59.40 -23.67
C2 MPO G . -18.67 58.67 -20.84
C3 MPO G . -18.50 58.42 -19.35
C4 MPO G . -18.59 56.86 -17.63
C5 MPO G . -18.78 55.40 -17.24
C6 MPO G . -17.48 54.84 -19.21
C7 MPO G . -17.87 56.19 -19.82
S1 MPO H . 25.44 48.07 8.25
O1 MPO H . 24.89 48.87 7.10
O2 MPO H . 25.06 48.75 9.55
O4 MPO H . 20.06 44.58 11.91
N1 MPO H . 22.52 45.75 10.91
C1 MPO H . 24.89 46.35 8.07
O3 MPO H . 26.95 48.11 8.37
C2 MPO H . 24.40 45.81 9.41
C3 MPO H . 23.07 46.46 9.77
C4 MPO H . 22.06 44.47 10.49
C5 MPO H . 21.18 43.81 11.53
C6 MPO H . 20.14 45.98 11.56
C7 MPO H . 21.55 46.55 11.57
S1 MPO I . 16.24 29.91 -2.15
O1 MPO I . 17.08 29.97 -3.42
O2 MPO I . 16.45 31.16 -1.30
O4 MPO I . 14.20 25.92 -7.21
N1 MPO I . 13.49 28.00 -5.72
C1 MPO I . 14.46 29.75 -2.52
O3 MPO I . 16.66 28.81 -1.21
C2 MPO I . 14.24 28.55 -3.43
C3 MPO I . 13.54 29.02 -4.71
C4 MPO I . 13.33 26.73 -5.07
C5 MPO I . 13.73 25.52 -5.92
C6 MPO I . 15.23 26.88 -7.08
C7 MPO I . 14.62 28.19 -6.57
S1 MPO J . 17.37 10.76 11.89
O1 MPO J . 18.22 11.46 12.92
O2 MPO J . 18.20 10.94 10.63
O4 MPO J . 14.86 17.56 10.00
N1 MPO J . 15.41 15.34 11.35
C1 MPO J . 15.78 11.60 11.70
O3 MPO J . 17.17 9.30 12.23
C2 MPO J . 16.05 12.95 11.07
C3 MPO J . 15.54 14.04 12.01
C4 MPO J . 14.18 15.94 11.72
C5 MPO J . 13.98 17.32 11.10
C6 MPO J . 14.99 16.40 9.16
C7 MPO J . 15.68 15.28 9.93
S1 MPO K . 20.10 -9.66 -0.47
O1 MPO K . 20.97 -10.24 -1.57
O2 MPO K . 20.33 -8.18 -0.29
O4 MPO K . 16.33 -13.80 -5.43
N1 MPO K . 17.94 -11.93 -3.94
C1 MPO K . 18.33 -9.94 -0.80
O3 MPO K . 20.58 -10.43 0.73
C2 MPO K . 18.14 -10.17 -2.29
C3 MPO K . 18.40 -11.64 -2.61
C4 MPO K . 16.52 -11.93 -3.91
C5 MPO K . 15.92 -12.46 -5.20
C6 MPO K . 17.75 -13.98 -5.41
C7 MPO K . 18.52 -13.17 -4.37
S1 MPO L . -1.15 -17.24 4.37
O1 MPO L . -1.68 -16.60 3.11
O2 MPO L . -1.45 -16.41 5.62
O4 MPO L . -6.38 -18.78 8.37
N1 MPO L . -4.10 -20.06 7.38
C1 MPO L . -1.84 -18.91 4.56
O3 MPO L . 0.34 -17.30 4.09
C2 MPO L . -3.10 -18.89 5.43
C3 MPO L . -2.90 -19.86 6.59
C4 MPO L . -5.29 -20.04 6.58
C5 MPO L . -6.33 -18.99 6.97
C6 MPO L . -5.13 -18.27 8.81
C7 MPO L . -4.02 -19.31 8.59
S1 MPO M . -16.46 -9.80 -11.64
O1 MPO M . -15.59 -8.61 -11.99
O2 MPO M . -17.84 -9.66 -12.22
O4 MPO M . -10.72 -14.41 -9.40
N1 MPO M . -12.33 -12.80 -11.23
C1 MPO M . -15.69 -11.35 -12.19
O3 MPO M . -16.48 -9.72 -10.13
C2 MPO M . -14.49 -11.61 -11.28
C3 MPO M . -13.63 -12.72 -11.89
C4 MPO M . -11.73 -14.04 -11.58
C5 MPO M . -10.46 -14.30 -10.80
C6 MPO M . -11.84 -13.66 -8.90
C7 MPO M . -12.40 -12.56 -9.81
S1 MPO N . -14.06 -63.82 3.44
O1 MPO N . -13.70 -64.08 2.00
O2 MPO N . -15.05 -62.70 3.29
O4 MPO N . -7.20 -62.38 1.06
N1 MPO N . -9.64 -63.54 2.19
C1 MPO N . -12.63 -63.30 4.44
O3 MPO N . -14.68 -65.03 4.11
C2 MPO N . -11.36 -63.88 3.80
C3 MPO N . -10.89 -62.99 2.65
C4 MPO N . -8.60 -63.00 3.00
C5 MPO N . -7.25 -63.04 2.31
C6 MPO N . -8.46 -62.33 0.37
C7 MPO N . -9.48 -63.39 0.78
S1 MPO O . -0.86 -49.92 16.19
O1 MPO O . -1.51 -49.97 17.56
O2 MPO O . -1.78 -50.39 15.08
O4 MPO O . 0.22 -45.35 20.98
N1 MPO O . -0.46 -45.25 18.29
C1 MPO O . -0.31 -48.21 15.90
O3 MPO O . 0.34 -50.84 16.09
C2 MPO O . -0.13 -47.47 17.23
C3 MPO O . -0.70 -46.06 17.10
C4 MPO O . 0.91 -45.27 18.66
C5 MPO O . 1.22 -45.78 20.06
C6 MPO O . -1.03 -45.93 20.64
C7 MPO O . -1.49 -45.49 19.26
S1 MPO P . 18.92 -60.44 22.66
O1 MPO P . 18.32 -61.81 22.49
O2 MPO P . 17.84 -59.76 23.48
O4 MPO P . 14.53 -57.02 17.38
N1 MPO P . 16.53 -58.83 18.44
C1 MPO P . 19.12 -59.63 21.06
O3 MPO P . 20.23 -60.49 23.41
C2 MPO P . 17.72 -59.39 20.51
C3 MPO P . 17.83 -58.90 19.08
C4 MPO P . 16.67 -58.16 17.19
C5 MPO P . 15.31 -57.91 16.57
C6 MPO P . 14.65 -57.18 18.80
C7 MPO P . 15.49 -58.35 19.31
#